data_5GIK
# 
_entry.id   5GIK 
# 
_audit_conform.dict_name       mmcif_pdbx.dic 
_audit_conform.dict_version    5.387 
_audit_conform.dict_location   http://mmcif.pdb.org/dictionaries/ascii/mmcif_pdbx.dic 
# 
loop_
_database_2.database_id 
_database_2.database_code 
_database_2.pdbx_database_accession 
_database_2.pdbx_DOI 
PDB   5GIK         pdb_00005gik 10.2210/pdb5gik/pdb 
WWPDB D_1300000836 ?            ?                   
# 
loop_
_pdbx_audit_revision_history.ordinal 
_pdbx_audit_revision_history.data_content_type 
_pdbx_audit_revision_history.major_revision 
_pdbx_audit_revision_history.minor_revision 
_pdbx_audit_revision_history.revision_date 
1 'Structure model' 1 0 2017-06-28 
2 'Structure model' 1 1 2024-03-20 
# 
_pdbx_audit_revision_details.ordinal             1 
_pdbx_audit_revision_details.revision_ordinal    1 
_pdbx_audit_revision_details.data_content_type   'Structure model' 
_pdbx_audit_revision_details.provider            repository 
_pdbx_audit_revision_details.type                'Initial release' 
_pdbx_audit_revision_details.description         ? 
_pdbx_audit_revision_details.details             ? 
# 
loop_
_pdbx_audit_revision_group.ordinal 
_pdbx_audit_revision_group.revision_ordinal 
_pdbx_audit_revision_group.data_content_type 
_pdbx_audit_revision_group.group 
1 2 'Structure model' 'Data collection'     
2 2 'Structure model' 'Database references' 
# 
loop_
_pdbx_audit_revision_category.ordinal 
_pdbx_audit_revision_category.revision_ordinal 
_pdbx_audit_revision_category.data_content_type 
_pdbx_audit_revision_category.category 
1 2 'Structure model' chem_comp_atom 
2 2 'Structure model' chem_comp_bond 
3 2 'Structure model' database_2     
# 
loop_
_pdbx_audit_revision_item.ordinal 
_pdbx_audit_revision_item.revision_ordinal 
_pdbx_audit_revision_item.data_content_type 
_pdbx_audit_revision_item.item 
1 2 'Structure model' '_database_2.pdbx_DOI'                
2 2 'Structure model' '_database_2.pdbx_database_accession' 
# 
_pdbx_database_status.status_code                     REL 
_pdbx_database_status.status_code_sf                  REL 
_pdbx_database_status.status_code_mr                  ? 
_pdbx_database_status.entry_id                        5GIK 
_pdbx_database_status.recvd_initial_deposition_date   2016-06-24 
_pdbx_database_status.SG_entry                        N 
_pdbx_database_status.deposit_site                    PDBJ 
_pdbx_database_status.process_site                    PDBJ 
_pdbx_database_status.status_code_cs                  ? 
_pdbx_database_status.methods_development_category    ? 
_pdbx_database_status.pdb_format_compatible           Y 
_pdbx_database_status.status_code_nmr_data            ? 
# 
loop_
_audit_author.name 
_audit_author.pdbx_ordinal 
_audit_author.identifier_ORCID 
'Chuankhayan, P.'  1  ? 
'Saoin, S.'        2  ? 
'Wisitponchai, T.' 3  ? 
'Intachai, K.'     4  ? 
'Chupradit, K.'    5  ? 
'Moonmuang, S.'    6  ? 
'Kitidee, K.'      7  ? 
'Nangola, S.'      8  ? 
'Sanghiran, L.V.'  9  ? 
'Hong, S.S.'       10 ? 
'Boulanger, P.'    11 ? 
'Tayapiwatana, C.' 12 ? 
'Chen, C.J.'       13 ? 
# 
_citation.abstract                  ? 
_citation.abstract_id_CAS           ? 
_citation.book_id_ISBN              ? 
_citation.book_publisher            ? 
_citation.book_publisher_city       ? 
_citation.book_title                ? 
_citation.coordinate_linkage        ? 
_citation.country                   ? 
_citation.database_id_Medline       ? 
_citation.details                   ? 
_citation.id                        primary 
_citation.journal_abbrev            'To Be Published' 
_citation.journal_id_ASTM           ? 
_citation.journal_id_CSD            0353 
_citation.journal_id_ISSN           ? 
_citation.journal_full              ? 
_citation.journal_issue             ? 
_citation.journal_volume            ? 
_citation.language                  ? 
_citation.page_first                ? 
_citation.page_last                 ? 
_citation.title                     
'Modulation of the affinity of a HIV-1 capsid-directed ankyrintowards its viral target through critical amino acid editing' 
_citation.year                      ? 
_citation.database_id_CSD           ? 
_citation.pdbx_database_id_DOI      ? 
_citation.pdbx_database_id_PubMed   ? 
_citation.unpublished_flag          ? 
# 
loop_
_citation_author.citation_id 
_citation_author.name 
_citation_author.ordinal 
_citation_author.identifier_ORCID 
primary 'Chuankhayan, P.'  1  ? 
primary 'Saoin, S.'        2  ? 
primary 'Wisitponchai, T.' 3  ? 
primary 'Intachai, K.'     4  ? 
primary 'Chupradit, K.'    5  ? 
primary 'Moonmuang, S.'    6  ? 
primary 'Kitidee, K.'      7  ? 
primary 'Nangola, S.'      8  ? 
primary 'Sanghiran, L.V.'  9  ? 
primary 'Hong, S.S.'       10 ? 
primary 'Boulanger, P.'    11 ? 
primary 'Tayapiwatana, C.' 12 ? 
primary 'Chen, C.J.'       13 ? 
# 
loop_
_entity.id 
_entity.type 
_entity.src_method 
_entity.pdbx_description 
_entity.formula_weight 
_entity.pdbx_number_of_molecules 
_entity.pdbx_ec 
_entity.pdbx_mutation 
_entity.pdbx_fragment 
_entity.details 
1 polymer     man 'Artificial ankyrin repeat protein_Ank(GAG)1D4 mutant -S45Y' 16855.986 1   ? ? ? ? 
2 non-polymer syn GLYCEROL                                                     92.094    1   ? ? ? ? 
3 water       nat water                                                        18.015    128 ? ? ? ? 
# 
_entity_poly.entity_id                      1 
_entity_poly.type                           'polypeptide(L)' 
_entity_poly.nstd_linkage                   no 
_entity_poly.nstd_monomer                   no 
_entity_poly.pdbx_seq_one_letter_code       
;DLGKKLLEAARAGQDDEVRLLLEHGADVNARDYIGSTPLHLAAYYGHLEIVRLLLEHGADVNARDSTGTTPLHYAARLGH
LEIVRLLLEHGADVNARDAMGWTPLHLAAKKGHLEIVRLLLKHGADVNANDHFGKTAFDISIDNGNEDLAEILQ
;
_entity_poly.pdbx_seq_one_letter_code_can   
;DLGKKLLEAARAGQDDEVRLLLEHGADVNARDYIGSTPLHLAAYYGHLEIVRLLLEHGADVNARDSTGTTPLHYAARLGH
LEIVRLLLEHGADVNARDAMGWTPLHLAAKKGHLEIVRLLLKHGADVNANDHFGKTAFDISIDNGNEDLAEILQ
;
_entity_poly.pdbx_strand_id                 A 
_entity_poly.pdbx_target_identifier         ? 
# 
loop_
_pdbx_entity_nonpoly.entity_id 
_pdbx_entity_nonpoly.name 
_pdbx_entity_nonpoly.comp_id 
2 GLYCEROL GOL 
3 water    HOH 
# 
loop_
_entity_poly_seq.entity_id 
_entity_poly_seq.num 
_entity_poly_seq.mon_id 
_entity_poly_seq.hetero 
1 1   ASP n 
1 2   LEU n 
1 3   GLY n 
1 4   LYS n 
1 5   LYS n 
1 6   LEU n 
1 7   LEU n 
1 8   GLU n 
1 9   ALA n 
1 10  ALA n 
1 11  ARG n 
1 12  ALA n 
1 13  GLY n 
1 14  GLN n 
1 15  ASP n 
1 16  ASP n 
1 17  GLU n 
1 18  VAL n 
1 19  ARG n 
1 20  LEU n 
1 21  LEU n 
1 22  LEU n 
1 23  GLU n 
1 24  HIS n 
1 25  GLY n 
1 26  ALA n 
1 27  ASP n 
1 28  VAL n 
1 29  ASN n 
1 30  ALA n 
1 31  ARG n 
1 32  ASP n 
1 33  TYR n 
1 34  ILE n 
1 35  GLY n 
1 36  SER n 
1 37  THR n 
1 38  PRO n 
1 39  LEU n 
1 40  HIS n 
1 41  LEU n 
1 42  ALA n 
1 43  ALA n 
1 44  TYR n 
1 45  TYR n 
1 46  GLY n 
1 47  HIS n 
1 48  LEU n 
1 49  GLU n 
1 50  ILE n 
1 51  VAL n 
1 52  ARG n 
1 53  LEU n 
1 54  LEU n 
1 55  LEU n 
1 56  GLU n 
1 57  HIS n 
1 58  GLY n 
1 59  ALA n 
1 60  ASP n 
1 61  VAL n 
1 62  ASN n 
1 63  ALA n 
1 64  ARG n 
1 65  ASP n 
1 66  SER n 
1 67  THR n 
1 68  GLY n 
1 69  THR n 
1 70  THR n 
1 71  PRO n 
1 72  LEU n 
1 73  HIS n 
1 74  TYR n 
1 75  ALA n 
1 76  ALA n 
1 77  ARG n 
1 78  LEU n 
1 79  GLY n 
1 80  HIS n 
1 81  LEU n 
1 82  GLU n 
1 83  ILE n 
1 84  VAL n 
1 85  ARG n 
1 86  LEU n 
1 87  LEU n 
1 88  LEU n 
1 89  GLU n 
1 90  HIS n 
1 91  GLY n 
1 92  ALA n 
1 93  ASP n 
1 94  VAL n 
1 95  ASN n 
1 96  ALA n 
1 97  ARG n 
1 98  ASP n 
1 99  ALA n 
1 100 MET n 
1 101 GLY n 
1 102 TRP n 
1 103 THR n 
1 104 PRO n 
1 105 LEU n 
1 106 HIS n 
1 107 LEU n 
1 108 ALA n 
1 109 ALA n 
1 110 LYS n 
1 111 LYS n 
1 112 GLY n 
1 113 HIS n 
1 114 LEU n 
1 115 GLU n 
1 116 ILE n 
1 117 VAL n 
1 118 ARG n 
1 119 LEU n 
1 120 LEU n 
1 121 LEU n 
1 122 LYS n 
1 123 HIS n 
1 124 GLY n 
1 125 ALA n 
1 126 ASP n 
1 127 VAL n 
1 128 ASN n 
1 129 ALA n 
1 130 ASN n 
1 131 ASP n 
1 132 HIS n 
1 133 PHE n 
1 134 GLY n 
1 135 LYS n 
1 136 THR n 
1 137 ALA n 
1 138 PHE n 
1 139 ASP n 
1 140 ILE n 
1 141 SER n 
1 142 ILE n 
1 143 ASP n 
1 144 ASN n 
1 145 GLY n 
1 146 ASN n 
1 147 GLU n 
1 148 ASP n 
1 149 LEU n 
1 150 ALA n 
1 151 GLU n 
1 152 ILE n 
1 153 LEU n 
1 154 GLN n 
# 
_entity_src_gen.entity_id                          1 
_entity_src_gen.pdbx_src_id                        1 
_entity_src_gen.pdbx_alt_source_flag               sample 
_entity_src_gen.pdbx_seq_type                      'Biological sequence' 
_entity_src_gen.pdbx_beg_seq_num                   1 
_entity_src_gen.pdbx_end_seq_num                   154 
_entity_src_gen.gene_src_common_name               ? 
_entity_src_gen.gene_src_genus                     ? 
_entity_src_gen.pdbx_gene_src_gene                 ? 
_entity_src_gen.gene_src_species                   ? 
_entity_src_gen.gene_src_strain                    ? 
_entity_src_gen.gene_src_tissue                    ? 
_entity_src_gen.gene_src_tissue_fraction           ? 
_entity_src_gen.gene_src_details                   ? 
_entity_src_gen.pdbx_gene_src_fragment             ? 
_entity_src_gen.pdbx_gene_src_scientific_name      'Homo sapiens' 
_entity_src_gen.pdbx_gene_src_ncbi_taxonomy_id     9606 
_entity_src_gen.pdbx_gene_src_variant              ? 
_entity_src_gen.pdbx_gene_src_cell_line            ? 
_entity_src_gen.pdbx_gene_src_atcc                 ? 
_entity_src_gen.pdbx_gene_src_organ                ? 
_entity_src_gen.pdbx_gene_src_organelle            ? 
_entity_src_gen.pdbx_gene_src_cell                 ? 
_entity_src_gen.pdbx_gene_src_cellular_location    ? 
_entity_src_gen.host_org_common_name               ? 
_entity_src_gen.pdbx_host_org_scientific_name      'Escherichia coli' 
_entity_src_gen.pdbx_host_org_ncbi_taxonomy_id     562 
_entity_src_gen.host_org_genus                     ? 
_entity_src_gen.pdbx_host_org_gene                 ? 
_entity_src_gen.pdbx_host_org_organ                ? 
_entity_src_gen.host_org_species                   ? 
_entity_src_gen.pdbx_host_org_tissue               ? 
_entity_src_gen.pdbx_host_org_tissue_fraction      ? 
_entity_src_gen.pdbx_host_org_strain               ? 
_entity_src_gen.pdbx_host_org_variant              ? 
_entity_src_gen.pdbx_host_org_cell_line            ? 
_entity_src_gen.pdbx_host_org_atcc                 ? 
_entity_src_gen.pdbx_host_org_culture_collection   ? 
_entity_src_gen.pdbx_host_org_cell                 ? 
_entity_src_gen.pdbx_host_org_organelle            ? 
_entity_src_gen.pdbx_host_org_cellular_location    ? 
_entity_src_gen.pdbx_host_org_vector_type          ? 
_entity_src_gen.pdbx_host_org_vector               ? 
_entity_src_gen.host_org_details                   ? 
_entity_src_gen.expression_system_id               ? 
_entity_src_gen.plasmid_name                       ? 
_entity_src_gen.plasmid_details                    ? 
_entity_src_gen.pdbx_description                   ? 
# 
loop_
_chem_comp.id 
_chem_comp.type 
_chem_comp.mon_nstd_flag 
_chem_comp.name 
_chem_comp.pdbx_synonyms 
_chem_comp.formula 
_chem_comp.formula_weight 
ALA 'L-peptide linking' y ALANINE         ?                               'C3 H7 N O2'     89.093  
ARG 'L-peptide linking' y ARGININE        ?                               'C6 H15 N4 O2 1' 175.209 
ASN 'L-peptide linking' y ASPARAGINE      ?                               'C4 H8 N2 O3'    132.118 
ASP 'L-peptide linking' y 'ASPARTIC ACID' ?                               'C4 H7 N O4'     133.103 
GLN 'L-peptide linking' y GLUTAMINE       ?                               'C5 H10 N2 O3'   146.144 
GLU 'L-peptide linking' y 'GLUTAMIC ACID' ?                               'C5 H9 N O4'     147.129 
GLY 'peptide linking'   y GLYCINE         ?                               'C2 H5 N O2'     75.067  
GOL non-polymer         . GLYCEROL        'GLYCERIN; PROPANE-1,2,3-TRIOL' 'C3 H8 O3'       92.094  
HIS 'L-peptide linking' y HISTIDINE       ?                               'C6 H10 N3 O2 1' 156.162 
HOH non-polymer         . WATER           ?                               'H2 O'           18.015  
ILE 'L-peptide linking' y ISOLEUCINE      ?                               'C6 H13 N O2'    131.173 
LEU 'L-peptide linking' y LEUCINE         ?                               'C6 H13 N O2'    131.173 
LYS 'L-peptide linking' y LYSINE          ?                               'C6 H15 N2 O2 1' 147.195 
MET 'L-peptide linking' y METHIONINE      ?                               'C5 H11 N O2 S'  149.211 
PHE 'L-peptide linking' y PHENYLALANINE   ?                               'C9 H11 N O2'    165.189 
PRO 'L-peptide linking' y PROLINE         ?                               'C5 H9 N O2'     115.130 
SER 'L-peptide linking' y SERINE          ?                               'C3 H7 N O3'     105.093 
THR 'L-peptide linking' y THREONINE       ?                               'C4 H9 N O3'     119.119 
TRP 'L-peptide linking' y TRYPTOPHAN      ?                               'C11 H12 N2 O2'  204.225 
TYR 'L-peptide linking' y TYROSINE        ?                               'C9 H11 N O3'    181.189 
VAL 'L-peptide linking' y VALINE          ?                               'C5 H11 N O2'    117.146 
# 
loop_
_pdbx_poly_seq_scheme.asym_id 
_pdbx_poly_seq_scheme.entity_id 
_pdbx_poly_seq_scheme.seq_id 
_pdbx_poly_seq_scheme.mon_id 
_pdbx_poly_seq_scheme.ndb_seq_num 
_pdbx_poly_seq_scheme.pdb_seq_num 
_pdbx_poly_seq_scheme.auth_seq_num 
_pdbx_poly_seq_scheme.pdb_mon_id 
_pdbx_poly_seq_scheme.auth_mon_id 
_pdbx_poly_seq_scheme.pdb_strand_id 
_pdbx_poly_seq_scheme.pdb_ins_code 
_pdbx_poly_seq_scheme.hetero 
A 1 1   ASP 1   13  13  ASP ASP A . n 
A 1 2   LEU 2   14  14  LEU LEU A . n 
A 1 3   GLY 3   15  15  GLY GLY A . n 
A 1 4   LYS 4   16  16  LYS LYS A . n 
A 1 5   LYS 5   17  17  LYS LYS A . n 
A 1 6   LEU 6   18  18  LEU LEU A . n 
A 1 7   LEU 7   19  19  LEU LEU A . n 
A 1 8   GLU 8   20  20  GLU GLU A . n 
A 1 9   ALA 9   21  21  ALA ALA A . n 
A 1 10  ALA 10  22  22  ALA ALA A . n 
A 1 11  ARG 11  23  23  ARG ARG A . n 
A 1 12  ALA 12  24  24  ALA ALA A . n 
A 1 13  GLY 13  25  25  GLY GLY A . n 
A 1 14  GLN 14  26  26  GLN GLN A . n 
A 1 15  ASP 15  27  27  ASP ASP A . n 
A 1 16  ASP 16  28  28  ASP ASP A . n 
A 1 17  GLU 17  29  29  GLU GLU A . n 
A 1 18  VAL 18  30  30  VAL VAL A . n 
A 1 19  ARG 19  31  31  ARG ARG A . n 
A 1 20  LEU 20  32  32  LEU LEU A . n 
A 1 21  LEU 21  33  33  LEU LEU A . n 
A 1 22  LEU 22  34  34  LEU LEU A . n 
A 1 23  GLU 23  35  35  GLU GLU A . n 
A 1 24  HIS 24  36  36  HIS HIS A . n 
A 1 25  GLY 25  37  37  GLY GLY A . n 
A 1 26  ALA 26  38  38  ALA ALA A . n 
A 1 27  ASP 27  39  39  ASP ASP A . n 
A 1 28  VAL 28  40  40  VAL VAL A . n 
A 1 29  ASN 29  41  41  ASN ASN A . n 
A 1 30  ALA 30  42  42  ALA ALA A . n 
A 1 31  ARG 31  43  43  ARG ARG A . n 
A 1 32  ASP 32  44  44  ASP ASP A . n 
A 1 33  TYR 33  45  45  TYR TYR A . n 
A 1 34  ILE 34  46  46  ILE ILE A . n 
A 1 35  GLY 35  47  47  GLY GLY A . n 
A 1 36  SER 36  48  48  SER SER A . n 
A 1 37  THR 37  49  49  THR THR A . n 
A 1 38  PRO 38  50  50  PRO PRO A . n 
A 1 39  LEU 39  51  51  LEU LEU A . n 
A 1 40  HIS 40  52  52  HIS HIS A . n 
A 1 41  LEU 41  53  53  LEU LEU A . n 
A 1 42  ALA 42  54  54  ALA ALA A . n 
A 1 43  ALA 43  55  55  ALA ALA A . n 
A 1 44  TYR 44  56  56  TYR TYR A . n 
A 1 45  TYR 45  57  57  TYR TYR A . n 
A 1 46  GLY 46  58  58  GLY GLY A . n 
A 1 47  HIS 47  59  59  HIS HIS A . n 
A 1 48  LEU 48  60  60  LEU LEU A . n 
A 1 49  GLU 49  61  61  GLU GLU A . n 
A 1 50  ILE 50  62  62  ILE ILE A . n 
A 1 51  VAL 51  63  63  VAL VAL A . n 
A 1 52  ARG 52  64  64  ARG ARG A . n 
A 1 53  LEU 53  65  65  LEU LEU A . n 
A 1 54  LEU 54  66  66  LEU LEU A . n 
A 1 55  LEU 55  67  67  LEU LEU A . n 
A 1 56  GLU 56  68  68  GLU GLU A . n 
A 1 57  HIS 57  69  69  HIS HIS A . n 
A 1 58  GLY 58  70  70  GLY GLY A . n 
A 1 59  ALA 59  71  71  ALA ALA A . n 
A 1 60  ASP 60  72  72  ASP ASP A . n 
A 1 61  VAL 61  73  73  VAL VAL A . n 
A 1 62  ASN 62  74  74  ASN ASN A . n 
A 1 63  ALA 63  75  75  ALA ALA A . n 
A 1 64  ARG 64  76  76  ARG ARG A . n 
A 1 65  ASP 65  77  77  ASP ASP A . n 
A 1 66  SER 66  78  78  SER SER A . n 
A 1 67  THR 67  79  79  THR THR A . n 
A 1 68  GLY 68  80  80  GLY GLY A . n 
A 1 69  THR 69  81  81  THR THR A . n 
A 1 70  THR 70  82  82  THR THR A . n 
A 1 71  PRO 71  83  83  PRO PRO A . n 
A 1 72  LEU 72  84  84  LEU LEU A . n 
A 1 73  HIS 73  85  85  HIS HIS A . n 
A 1 74  TYR 74  86  86  TYR TYR A . n 
A 1 75  ALA 75  87  87  ALA ALA A . n 
A 1 76  ALA 76  88  88  ALA ALA A . n 
A 1 77  ARG 77  89  89  ARG ARG A . n 
A 1 78  LEU 78  90  90  LEU LEU A . n 
A 1 79  GLY 79  91  91  GLY GLY A . n 
A 1 80  HIS 80  92  92  HIS HIS A . n 
A 1 81  LEU 81  93  93  LEU LEU A . n 
A 1 82  GLU 82  94  94  GLU GLU A . n 
A 1 83  ILE 83  95  95  ILE ILE A . n 
A 1 84  VAL 84  96  96  VAL VAL A . n 
A 1 85  ARG 85  97  97  ARG ARG A . n 
A 1 86  LEU 86  98  98  LEU LEU A . n 
A 1 87  LEU 87  99  99  LEU LEU A . n 
A 1 88  LEU 88  100 100 LEU LEU A . n 
A 1 89  GLU 89  101 101 GLU GLU A . n 
A 1 90  HIS 90  102 102 HIS HIS A . n 
A 1 91  GLY 91  103 103 GLY GLY A . n 
A 1 92  ALA 92  104 104 ALA ALA A . n 
A 1 93  ASP 93  105 105 ASP ASP A . n 
A 1 94  VAL 94  106 106 VAL VAL A . n 
A 1 95  ASN 95  107 107 ASN ASN A . n 
A 1 96  ALA 96  108 108 ALA ALA A . n 
A 1 97  ARG 97  109 109 ARG ARG A . n 
A 1 98  ASP 98  110 110 ASP ASP A . n 
A 1 99  ALA 99  111 111 ALA ALA A . n 
A 1 100 MET 100 112 112 MET MET A . n 
A 1 101 GLY 101 113 113 GLY GLY A . n 
A 1 102 TRP 102 114 114 TRP TRP A . n 
A 1 103 THR 103 115 115 THR THR A . n 
A 1 104 PRO 104 116 116 PRO PRO A . n 
A 1 105 LEU 105 117 117 LEU LEU A . n 
A 1 106 HIS 106 118 118 HIS HIS A . n 
A 1 107 LEU 107 119 119 LEU LEU A . n 
A 1 108 ALA 108 120 120 ALA ALA A . n 
A 1 109 ALA 109 121 121 ALA ALA A . n 
A 1 110 LYS 110 122 122 LYS LYS A . n 
A 1 111 LYS 111 123 123 LYS LYS A . n 
A 1 112 GLY 112 124 124 GLY GLY A . n 
A 1 113 HIS 113 125 125 HIS HIS A . n 
A 1 114 LEU 114 126 126 LEU LEU A . n 
A 1 115 GLU 115 127 127 GLU GLU A . n 
A 1 116 ILE 116 128 128 ILE ILE A . n 
A 1 117 VAL 117 129 129 VAL VAL A . n 
A 1 118 ARG 118 130 130 ARG ARG A . n 
A 1 119 LEU 119 131 131 LEU LEU A . n 
A 1 120 LEU 120 132 132 LEU LEU A . n 
A 1 121 LEU 121 133 133 LEU LEU A . n 
A 1 122 LYS 122 134 134 LYS LYS A . n 
A 1 123 HIS 123 135 135 HIS HIS A . n 
A 1 124 GLY 124 136 136 GLY GLY A . n 
A 1 125 ALA 125 137 137 ALA ALA A . n 
A 1 126 ASP 126 138 138 ASP ASP A . n 
A 1 127 VAL 127 139 139 VAL VAL A . n 
A 1 128 ASN 128 140 140 ASN ASN A . n 
A 1 129 ALA 129 141 141 ALA ALA A . n 
A 1 130 ASN 130 142 142 ASN ASN A . n 
A 1 131 ASP 131 143 143 ASP ASP A . n 
A 1 132 HIS 132 144 144 HIS HIS A . n 
A 1 133 PHE 133 145 145 PHE PHE A . n 
A 1 134 GLY 134 146 146 GLY GLY A . n 
A 1 135 LYS 135 147 147 LYS LYS A . n 
A 1 136 THR 136 148 148 THR THR A . n 
A 1 137 ALA 137 149 149 ALA ALA A . n 
A 1 138 PHE 138 150 150 PHE PHE A . n 
A 1 139 ASP 139 151 151 ASP ASP A . n 
A 1 140 ILE 140 152 152 ILE ILE A . n 
A 1 141 SER 141 153 153 SER SER A . n 
A 1 142 ILE 142 154 154 ILE ILE A . n 
A 1 143 ASP 143 155 155 ASP ASP A . n 
A 1 144 ASN 144 156 156 ASN ASN A . n 
A 1 145 GLY 145 157 157 GLY GLY A . n 
A 1 146 ASN 146 158 158 ASN ASN A . n 
A 1 147 GLU 147 159 159 GLU GLU A . n 
A 1 148 ASP 148 160 160 ASP ASP A . n 
A 1 149 LEU 149 161 161 LEU LEU A . n 
A 1 150 ALA 150 162 162 ALA ALA A . n 
A 1 151 GLU 151 163 163 GLU GLU A . n 
A 1 152 ILE 152 164 164 ILE ILE A . n 
A 1 153 LEU 153 165 165 LEU LEU A . n 
A 1 154 GLN 154 166 166 GLN GLN A . n 
# 
loop_
_pdbx_nonpoly_scheme.asym_id 
_pdbx_nonpoly_scheme.entity_id 
_pdbx_nonpoly_scheme.mon_id 
_pdbx_nonpoly_scheme.ndb_seq_num 
_pdbx_nonpoly_scheme.pdb_seq_num 
_pdbx_nonpoly_scheme.auth_seq_num 
_pdbx_nonpoly_scheme.pdb_mon_id 
_pdbx_nonpoly_scheme.auth_mon_id 
_pdbx_nonpoly_scheme.pdb_strand_id 
_pdbx_nonpoly_scheme.pdb_ins_code 
B 2 GOL 1   201 1   GOL GOL A . 
C 3 HOH 1   301 42  HOH HOH A . 
C 3 HOH 2   302 40  HOH HOH A . 
C 3 HOH 3   303 12  HOH HOH A . 
C 3 HOH 4   304 8   HOH HOH A . 
C 3 HOH 5   305 46  HOH HOH A . 
C 3 HOH 6   306 15  HOH HOH A . 
C 3 HOH 7   307 47  HOH HOH A . 
C 3 HOH 8   308 13  HOH HOH A . 
C 3 HOH 9   309 89  HOH HOH A . 
C 3 HOH 10  310 25  HOH HOH A . 
C 3 HOH 11  311 19  HOH HOH A . 
C 3 HOH 12  312 103 HOH HOH A . 
C 3 HOH 13  313 70  HOH HOH A . 
C 3 HOH 14  314 57  HOH HOH A . 
C 3 HOH 15  315 23  HOH HOH A . 
C 3 HOH 16  316 48  HOH HOH A . 
C 3 HOH 17  317 64  HOH HOH A . 
C 3 HOH 18  318 56  HOH HOH A . 
C 3 HOH 19  319 21  HOH HOH A . 
C 3 HOH 20  320 107 HOH HOH A . 
C 3 HOH 21  321 61  HOH HOH A . 
C 3 HOH 22  322 1   HOH HOH A . 
C 3 HOH 23  323 31  HOH HOH A . 
C 3 HOH 24  324 145 HOH HOH A . 
C 3 HOH 25  325 3   HOH HOH A . 
C 3 HOH 26  326 63  HOH HOH A . 
C 3 HOH 27  327 100 HOH HOH A . 
C 3 HOH 28  328 16  HOH HOH A . 
C 3 HOH 29  329 5   HOH HOH A . 
C 3 HOH 30  330 139 HOH HOH A . 
C 3 HOH 31  331 84  HOH HOH A . 
C 3 HOH 32  332 38  HOH HOH A . 
C 3 HOH 33  333 37  HOH HOH A . 
C 3 HOH 34  334 33  HOH HOH A . 
C 3 HOH 35  335 71  HOH HOH A . 
C 3 HOH 36  336 59  HOH HOH A . 
C 3 HOH 37  337 6   HOH HOH A . 
C 3 HOH 38  338 9   HOH HOH A . 
C 3 HOH 39  339 27  HOH HOH A . 
C 3 HOH 40  340 65  HOH HOH A . 
C 3 HOH 41  341 74  HOH HOH A . 
C 3 HOH 42  342 11  HOH HOH A . 
C 3 HOH 43  343 77  HOH HOH A . 
C 3 HOH 44  344 95  HOH HOH A . 
C 3 HOH 45  345 36  HOH HOH A . 
C 3 HOH 46  346 66  HOH HOH A . 
C 3 HOH 47  347 44  HOH HOH A . 
C 3 HOH 48  348 2   HOH HOH A . 
C 3 HOH 49  349 78  HOH HOH A . 
C 3 HOH 50  350 55  HOH HOH A . 
C 3 HOH 51  351 35  HOH HOH A . 
C 3 HOH 52  352 75  HOH HOH A . 
C 3 HOH 53  353 94  HOH HOH A . 
C 3 HOH 54  354 67  HOH HOH A . 
C 3 HOH 55  355 58  HOH HOH A . 
C 3 HOH 56  356 18  HOH HOH A . 
C 3 HOH 57  357 10  HOH HOH A . 
C 3 HOH 58  358 53  HOH HOH A . 
C 3 HOH 59  359 17  HOH HOH A . 
C 3 HOH 60  360 49  HOH HOH A . 
C 3 HOH 61  361 50  HOH HOH A . 
C 3 HOH 62  362 4   HOH HOH A . 
C 3 HOH 63  363 85  HOH HOH A . 
C 3 HOH 64  364 72  HOH HOH A . 
C 3 HOH 65  365 26  HOH HOH A . 
C 3 HOH 66  366 82  HOH HOH A . 
C 3 HOH 67  367 86  HOH HOH A . 
C 3 HOH 68  368 20  HOH HOH A . 
C 3 HOH 69  369 14  HOH HOH A . 
C 3 HOH 70  370 105 HOH HOH A . 
C 3 HOH 71  371 54  HOH HOH A . 
C 3 HOH 72  372 142 HOH HOH A . 
C 3 HOH 73  373 52  HOH HOH A . 
C 3 HOH 74  374 129 HOH HOH A . 
C 3 HOH 75  375 118 HOH HOH A . 
C 3 HOH 76  376 68  HOH HOH A . 
C 3 HOH 77  377 62  HOH HOH A . 
C 3 HOH 78  378 41  HOH HOH A . 
C 3 HOH 79  379 28  HOH HOH A . 
C 3 HOH 80  380 30  HOH HOH A . 
C 3 HOH 81  381 111 HOH HOH A . 
C 3 HOH 82  382 76  HOH HOH A . 
C 3 HOH 83  383 34  HOH HOH A . 
C 3 HOH 84  384 106 HOH HOH A . 
C 3 HOH 85  385 29  HOH HOH A . 
C 3 HOH 86  386 79  HOH HOH A . 
C 3 HOH 87  387 7   HOH HOH A . 
C 3 HOH 88  388 60  HOH HOH A . 
C 3 HOH 89  389 32  HOH HOH A . 
C 3 HOH 90  390 174 HOH HOH A . 
C 3 HOH 91  391 45  HOH HOH A . 
C 3 HOH 92  392 92  HOH HOH A . 
C 3 HOH 93  393 114 HOH HOH A . 
C 3 HOH 94  394 73  HOH HOH A . 
C 3 HOH 95  395 43  HOH HOH A . 
C 3 HOH 96  396 22  HOH HOH A . 
C 3 HOH 97  397 117 HOH HOH A . 
C 3 HOH 98  398 133 HOH HOH A . 
C 3 HOH 99  399 122 HOH HOH A . 
C 3 HOH 100 400 88  HOH HOH A . 
C 3 HOH 101 401 120 HOH HOH A . 
C 3 HOH 102 402 119 HOH HOH A . 
C 3 HOH 103 403 87  HOH HOH A . 
C 3 HOH 104 404 115 HOH HOH A . 
C 3 HOH 105 405 113 HOH HOH A . 
C 3 HOH 106 406 69  HOH HOH A . 
C 3 HOH 107 407 172 HOH HOH A . 
C 3 HOH 108 408 167 HOH HOH A . 
C 3 HOH 109 409 168 HOH HOH A . 
C 3 HOH 110 410 99  HOH HOH A . 
C 3 HOH 111 411 96  HOH HOH A . 
C 3 HOH 112 412 51  HOH HOH A . 
C 3 HOH 113 413 166 HOH HOH A . 
C 3 HOH 114 414 135 HOH HOH A . 
C 3 HOH 115 415 164 HOH HOH A . 
C 3 HOH 116 416 124 HOH HOH A . 
C 3 HOH 117 417 83  HOH HOH A . 
C 3 HOH 118 418 169 HOH HOH A . 
C 3 HOH 119 419 162 HOH HOH A . 
C 3 HOH 120 420 147 HOH HOH A . 
C 3 HOH 121 421 131 HOH HOH A . 
C 3 HOH 122 422 136 HOH HOH A . 
C 3 HOH 123 423 134 HOH HOH A . 
C 3 HOH 124 424 165 HOH HOH A . 
C 3 HOH 125 425 173 HOH HOH A . 
C 3 HOH 126 426 109 HOH HOH A . 
C 3 HOH 127 427 91  HOH HOH A . 
C 3 HOH 128 428 143 HOH HOH A . 
# 
loop_
_software.citation_id 
_software.classification 
_software.compiler_name 
_software.compiler_version 
_software.contact_author 
_software.contact_author_email 
_software.date 
_software.description 
_software.dependencies 
_software.hardware 
_software.language 
_software.location 
_software.mods 
_software.name 
_software.os 
_software.os_version 
_software.type 
_software.version 
_software.pdbx_ordinal 
? refinement       ? ? ? ? ? ? ? ? ? ? ? REFMAC   ? ? ? 5.8.0103 1 
? 'data reduction' ? ? ? ? ? ? ? ? ? ? ? HKL-2000 ? ? ? .        2 
? 'data scaling'   ? ? ? ? ? ? ? ? ? ? ? HKL-2000 ? ? ? .        3 
? phasing          ? ? ? ? ? ? ? ? ? ? ? REFMAC   ? ? ? .        4 
# 
_cell.angle_alpha                  90.00 
_cell.angle_alpha_esd              ? 
_cell.angle_beta                   98.58 
_cell.angle_beta_esd               ? 
_cell.angle_gamma                  90.00 
_cell.angle_gamma_esd              ? 
_cell.entry_id                     5GIK 
_cell.details                      ? 
_cell.formula_units_Z              ? 
_cell.length_a                     107.828 
_cell.length_a_esd                 ? 
_cell.length_b                     29.313 
_cell.length_b_esd                 ? 
_cell.length_c                     51.291 
_cell.length_c_esd                 ? 
_cell.volume                       ? 
_cell.volume_esd                   ? 
_cell.Z_PDB                        4 
_cell.reciprocal_angle_alpha       ? 
_cell.reciprocal_angle_beta        ? 
_cell.reciprocal_angle_gamma       ? 
_cell.reciprocal_angle_alpha_esd   ? 
_cell.reciprocal_angle_beta_esd    ? 
_cell.reciprocal_angle_gamma_esd   ? 
_cell.reciprocal_length_a          ? 
_cell.reciprocal_length_b          ? 
_cell.reciprocal_length_c          ? 
_cell.reciprocal_length_a_esd      ? 
_cell.reciprocal_length_b_esd      ? 
_cell.reciprocal_length_c_esd      ? 
_cell.pdbx_unique_axis             ? 
# 
_symmetry.entry_id                         5GIK 
_symmetry.cell_setting                     ? 
_symmetry.Int_Tables_number                5 
_symmetry.space_group_name_Hall            ? 
_symmetry.space_group_name_H-M             'C 1 2 1' 
_symmetry.pdbx_full_space_group_name_H-M   ? 
# 
_exptl.absorpt_coefficient_mu     ? 
_exptl.absorpt_correction_T_max   ? 
_exptl.absorpt_correction_T_min   ? 
_exptl.absorpt_correction_type    ? 
_exptl.absorpt_process_details    ? 
_exptl.entry_id                   5GIK 
_exptl.crystals_number            1 
_exptl.details                    ? 
_exptl.method                     'X-RAY DIFFRACTION' 
_exptl.method_details             ? 
# 
_exptl_crystal.colour                      ? 
_exptl_crystal.density_diffrn              ? 
_exptl_crystal.density_Matthews            2.38 
_exptl_crystal.density_method              ? 
_exptl_crystal.density_percent_sol         48.27 
_exptl_crystal.description                 ? 
_exptl_crystal.F_000                       ? 
_exptl_crystal.id                          1 
_exptl_crystal.preparation                 ? 
_exptl_crystal.size_max                    ? 
_exptl_crystal.size_mid                    ? 
_exptl_crystal.size_min                    ? 
_exptl_crystal.size_rad                    ? 
_exptl_crystal.colour_lustre               ? 
_exptl_crystal.colour_modifier             ? 
_exptl_crystal.colour_primary              ? 
_exptl_crystal.density_meas                ? 
_exptl_crystal.density_meas_esd            ? 
_exptl_crystal.density_meas_gt             ? 
_exptl_crystal.density_meas_lt             ? 
_exptl_crystal.density_meas_temp           ? 
_exptl_crystal.density_meas_temp_esd       ? 
_exptl_crystal.density_meas_temp_gt        ? 
_exptl_crystal.density_meas_temp_lt        ? 
_exptl_crystal.pdbx_crystal_image_url      ? 
_exptl_crystal.pdbx_crystal_image_format   ? 
_exptl_crystal.pdbx_mosaicity              ? 
_exptl_crystal.pdbx_mosaicity_esd          ? 
# 
_exptl_crystal_grow.apparatus       ? 
_exptl_crystal_grow.atmosphere      ? 
_exptl_crystal_grow.crystal_id      1 
_exptl_crystal_grow.details         ? 
_exptl_crystal_grow.method          'VAPOR DIFFUSION, HANGING DROP' 
_exptl_crystal_grow.method_ref      ? 
_exptl_crystal_grow.pH              ? 
_exptl_crystal_grow.pressure        ? 
_exptl_crystal_grow.pressure_esd    ? 
_exptl_crystal_grow.seeding         ? 
_exptl_crystal_grow.seeding_ref     ? 
_exptl_crystal_grow.temp            291 
_exptl_crystal_grow.temp_details    ? 
_exptl_crystal_grow.temp_esd        ? 
_exptl_crystal_grow.time            ? 
_exptl_crystal_grow.pdbx_details    'PEG 1000, reagent alcohol, sodium-phosphate dibasic/citric acid' 
_exptl_crystal_grow.pdbx_pH_range   ? 
# 
_diffrn.ambient_environment    ? 
_diffrn.ambient_temp           100 
_diffrn.ambient_temp_details   ? 
_diffrn.ambient_temp_esd       ? 
_diffrn.crystal_id             1 
_diffrn.crystal_support        ? 
_diffrn.crystal_treatment      ? 
_diffrn.details                ? 
_diffrn.id                     1 
_diffrn.ambient_pressure       ? 
_diffrn.ambient_pressure_esd   ? 
_diffrn.ambient_pressure_gt    ? 
_diffrn.ambient_pressure_lt    ? 
_diffrn.ambient_temp_gt        ? 
_diffrn.ambient_temp_lt        ? 
# 
_diffrn_detector.details                      ? 
_diffrn_detector.detector                     CCD 
_diffrn_detector.diffrn_id                    1 
_diffrn_detector.type                         'ADSC QUANTUM 315r' 
_diffrn_detector.area_resol_mean              ? 
_diffrn_detector.dtime                        ? 
_diffrn_detector.pdbx_frames_total            ? 
_diffrn_detector.pdbx_collection_time_total   ? 
_diffrn_detector.pdbx_collection_date         2016-03-15 
# 
_diffrn_radiation.collimation                      ? 
_diffrn_radiation.diffrn_id                        1 
_diffrn_radiation.filter_edge                      ? 
_diffrn_radiation.inhomogeneity                    ? 
_diffrn_radiation.monochromator                    ? 
_diffrn_radiation.polarisn_norm                    ? 
_diffrn_radiation.polarisn_ratio                   ? 
_diffrn_radiation.probe                            ? 
_diffrn_radiation.type                             ? 
_diffrn_radiation.xray_symbol                      ? 
_diffrn_radiation.wavelength_id                    1 
_diffrn_radiation.pdbx_monochromatic_or_laue_m_l   M 
_diffrn_radiation.pdbx_wavelength_list             ? 
_diffrn_radiation.pdbx_wavelength                  ? 
_diffrn_radiation.pdbx_diffrn_protocol             'SINGLE WAVELENGTH' 
_diffrn_radiation.pdbx_analyzer                    ? 
_diffrn_radiation.pdbx_scattering_type             x-ray 
# 
_diffrn_radiation_wavelength.id           1 
_diffrn_radiation_wavelength.wavelength   0.988 
_diffrn_radiation_wavelength.wt           1.0 
# 
_diffrn_source.current                     ? 
_diffrn_source.details                     ? 
_diffrn_source.diffrn_id                   1 
_diffrn_source.power                       ? 
_diffrn_source.size                        ? 
_diffrn_source.source                      SYNCHROTRON 
_diffrn_source.target                      ? 
_diffrn_source.type                        'NSRRC BEAMLINE BL15A1' 
_diffrn_source.voltage                     ? 
_diffrn_source.take-off_angle              ? 
_diffrn_source.pdbx_wavelength_list        0.988 
_diffrn_source.pdbx_wavelength             ? 
_diffrn_source.pdbx_synchrotron_beamline   BL15A1 
_diffrn_source.pdbx_synchrotron_site       NSRRC 
# 
_reflns.B_iso_Wilson_estimate            ? 
_reflns.entry_id                         5GIK 
_reflns.data_reduction_details           ? 
_reflns.data_reduction_method            ? 
_reflns.d_resolution_high                1.49 
_reflns.d_resolution_low                 53.31 
_reflns.details                          ? 
_reflns.limit_h_max                      ? 
_reflns.limit_h_min                      ? 
_reflns.limit_k_max                      ? 
_reflns.limit_k_min                      ? 
_reflns.limit_l_max                      ? 
_reflns.limit_l_min                      ? 
_reflns.number_all                       ? 
_reflns.number_obs                       19525 
_reflns.observed_criterion               ? 
_reflns.observed_criterion_F_max         ? 
_reflns.observed_criterion_F_min         ? 
_reflns.observed_criterion_I_max         ? 
_reflns.observed_criterion_I_min         ? 
_reflns.observed_criterion_sigma_F       ? 
_reflns.observed_criterion_sigma_I       ? 
_reflns.percent_possible_obs             75 
_reflns.R_free_details                   ? 
_reflns.Rmerge_F_all                     ? 
_reflns.Rmerge_F_obs                     ? 
_reflns.Friedel_coverage                 ? 
_reflns.number_gt                        ? 
_reflns.threshold_expression             ? 
_reflns.pdbx_redundancy                  3.9 
_reflns.pdbx_Rmerge_I_obs                ? 
_reflns.pdbx_Rmerge_I_all                ? 
_reflns.pdbx_Rsym_value                  ? 
_reflns.pdbx_netI_over_av_sigmaI         ? 
_reflns.pdbx_netI_over_sigmaI            28.5 
_reflns.pdbx_res_netI_over_av_sigmaI_2   ? 
_reflns.pdbx_res_netI_over_sigmaI_2      ? 
_reflns.pdbx_chi_squared                 ? 
_reflns.pdbx_scaling_rejects             ? 
_reflns.pdbx_d_res_high_opt              ? 
_reflns.pdbx_d_res_low_opt               ? 
_reflns.pdbx_d_res_opt_method            ? 
_reflns.phase_calculation_details        ? 
_reflns.pdbx_Rrim_I_all                  ? 
_reflns.pdbx_Rpim_I_all                  ? 
_reflns.pdbx_d_opt                       ? 
_reflns.pdbx_number_measured_all         ? 
_reflns.pdbx_diffrn_id                   1 
_reflns.pdbx_ordinal                     1 
_reflns.pdbx_CC_half                     ? 
_reflns.pdbx_R_split                     ? 
# 
_reflns_shell.d_res_high                  . 
_reflns_shell.d_res_low                   ? 
_reflns_shell.meanI_over_sigI_all         ? 
_reflns_shell.meanI_over_sigI_obs         ? 
_reflns_shell.number_measured_all         ? 
_reflns_shell.number_measured_obs         ? 
_reflns_shell.number_possible             ? 
_reflns_shell.number_unique_all           ? 
_reflns_shell.number_unique_obs           ? 
_reflns_shell.percent_possible_all        ? 
_reflns_shell.percent_possible_obs        ? 
_reflns_shell.Rmerge_F_all                ? 
_reflns_shell.Rmerge_F_obs                ? 
_reflns_shell.Rmerge_I_all                ? 
_reflns_shell.Rmerge_I_obs                ? 
_reflns_shell.meanI_over_sigI_gt          ? 
_reflns_shell.meanI_over_uI_all           ? 
_reflns_shell.meanI_over_uI_gt            ? 
_reflns_shell.number_measured_gt          ? 
_reflns_shell.number_unique_gt            ? 
_reflns_shell.percent_possible_gt         ? 
_reflns_shell.Rmerge_F_gt                 ? 
_reflns_shell.Rmerge_I_gt                 ? 
_reflns_shell.pdbx_redundancy             ? 
_reflns_shell.pdbx_Rsym_value             ? 
_reflns_shell.pdbx_chi_squared            ? 
_reflns_shell.pdbx_netI_over_sigmaI_all   ? 
_reflns_shell.pdbx_netI_over_sigmaI_obs   ? 
_reflns_shell.pdbx_Rrim_I_all             ? 
_reflns_shell.pdbx_Rpim_I_all             ? 
_reflns_shell.pdbx_rejects                ? 
_reflns_shell.pdbx_ordinal                1 
_reflns_shell.pdbx_diffrn_id              1 
_reflns_shell.pdbx_CC_half                ? 
_reflns_shell.pdbx_R_split                ? 
# 
_refine.aniso_B[1][1]                            -0.57 
_refine.aniso_B[1][2]                            0.00 
_refine.aniso_B[1][3]                            0.08 
_refine.aniso_B[2][2]                            0.13 
_refine.aniso_B[2][3]                            0.00 
_refine.aniso_B[3][3]                            0.40 
_refine.B_iso_max                                ? 
_refine.B_iso_mean                               23.625 
_refine.B_iso_min                                ? 
_refine.correlation_coeff_Fo_to_Fc               0.952 
_refine.correlation_coeff_Fo_to_Fc_free          0.944 
_refine.details                                  'HYDROGENS HAVE BEEN ADDED IN THE RIDING POSITIONS' 
_refine.diff_density_max                         ? 
_refine.diff_density_max_esd                     ? 
_refine.diff_density_min                         ? 
_refine.diff_density_min_esd                     ? 
_refine.diff_density_rms                         ? 
_refine.diff_density_rms_esd                     ? 
_refine.entry_id                                 5GIK 
_refine.pdbx_refine_id                           'X-RAY DIFFRACTION' 
_refine.ls_abs_structure_details                 ? 
_refine.ls_abs_structure_Flack                   ? 
_refine.ls_abs_structure_Flack_esd               ? 
_refine.ls_abs_structure_Rogers                  ? 
_refine.ls_abs_structure_Rogers_esd              ? 
_refine.ls_d_res_high                            1.49 
_refine.ls_d_res_low                             53.31 
_refine.ls_extinction_coef                       ? 
_refine.ls_extinction_coef_esd                   ? 
_refine.ls_extinction_expression                 ? 
_refine.ls_extinction_method                     ? 
_refine.ls_goodness_of_fit_all                   ? 
_refine.ls_goodness_of_fit_all_esd               ? 
_refine.ls_goodness_of_fit_obs                   ? 
_refine.ls_goodness_of_fit_obs_esd               ? 
_refine.ls_hydrogen_treatment                    ? 
_refine.ls_matrix_type                           ? 
_refine.ls_number_constraints                    ? 
_refine.ls_number_parameters                     ? 
_refine.ls_number_reflns_all                     ? 
_refine.ls_number_reflns_obs                     18504 
_refine.ls_number_reflns_R_free                  1025 
_refine.ls_number_reflns_R_work                  ? 
_refine.ls_number_restraints                     ? 
_refine.ls_percent_reflns_obs                    74.67 
_refine.ls_percent_reflns_R_free                 5.2 
_refine.ls_R_factor_all                          ? 
_refine.ls_R_factor_obs                          0.18785 
_refine.ls_R_factor_R_free                       0.20963 
_refine.ls_R_factor_R_free_error                 ? 
_refine.ls_R_factor_R_free_error_details         ? 
_refine.ls_R_factor_R_work                       0.18667 
_refine.ls_R_Fsqd_factor_obs                     ? 
_refine.ls_R_I_factor_obs                        ? 
_refine.ls_redundancy_reflns_all                 ? 
_refine.ls_redundancy_reflns_obs                 ? 
_refine.ls_restrained_S_all                      ? 
_refine.ls_restrained_S_obs                      ? 
_refine.ls_shift_over_esd_max                    ? 
_refine.ls_shift_over_esd_mean                   ? 
_refine.ls_structure_factor_coef                 ? 
_refine.ls_weighting_details                     ? 
_refine.ls_weighting_scheme                      ? 
_refine.ls_wR_factor_all                         ? 
_refine.ls_wR_factor_obs                         ? 
_refine.ls_wR_factor_R_free                      ? 
_refine.ls_wR_factor_R_work                      ? 
_refine.occupancy_max                            ? 
_refine.occupancy_min                            ? 
_refine.solvent_model_details                    ? 
_refine.solvent_model_param_bsol                 ? 
_refine.solvent_model_param_ksol                 ? 
_refine.ls_R_factor_gt                           ? 
_refine.ls_goodness_of_fit_gt                    ? 
_refine.ls_goodness_of_fit_ref                   ? 
_refine.ls_shift_over_su_max                     ? 
_refine.ls_shift_over_su_max_lt                  ? 
_refine.ls_shift_over_su_mean                    ? 
_refine.ls_shift_over_su_mean_lt                 ? 
_refine.pdbx_ls_sigma_I                          ? 
_refine.pdbx_ls_sigma_F                          ? 
_refine.pdbx_ls_sigma_Fsqd                       ? 
_refine.pdbx_data_cutoff_high_absF               ? 
_refine.pdbx_data_cutoff_high_rms_absF           ? 
_refine.pdbx_data_cutoff_low_absF                ? 
_refine.pdbx_isotropic_thermal_model             ? 
_refine.pdbx_ls_cross_valid_method               THROUGHOUT 
_refine.pdbx_method_to_determine_struct          'MOLECULAR REPLACEMENT' 
_refine.pdbx_starting_model                      ? 
_refine.pdbx_stereochemistry_target_values       ? 
_refine.pdbx_R_Free_selection_details            RANDOM 
_refine.pdbx_stereochem_target_val_spec_case     ? 
_refine.pdbx_overall_ESU_R                       0.099 
_refine.pdbx_overall_ESU_R_Free                  0.094 
_refine.pdbx_solvent_vdw_probe_radii             1.20 
_refine.pdbx_solvent_ion_probe_radii             0.80 
_refine.pdbx_solvent_shrinkage_radii             0.80 
_refine.pdbx_real_space_R                        ? 
_refine.pdbx_density_correlation                 ? 
_refine.pdbx_pd_number_of_powder_patterns        ? 
_refine.pdbx_pd_number_of_points                 ? 
_refine.pdbx_pd_meas_number_of_points            ? 
_refine.pdbx_pd_proc_ls_prof_R_factor            ? 
_refine.pdbx_pd_proc_ls_prof_wR_factor           ? 
_refine.pdbx_pd_Marquardt_correlation_coeff      ? 
_refine.pdbx_pd_Fsqrd_R_factor                   ? 
_refine.pdbx_pd_ls_matrix_band_width             ? 
_refine.pdbx_overall_phase_error                 ? 
_refine.pdbx_overall_SU_R_free_Cruickshank_DPI   ? 
_refine.pdbx_overall_SU_R_free_Blow_DPI          ? 
_refine.pdbx_overall_SU_R_Blow_DPI               ? 
_refine.pdbx_TLS_residual_ADP_flag               ? 
_refine.pdbx_diffrn_id                           1 
_refine.overall_SU_B                             1.524 
_refine.overall_SU_ML                            0.057 
_refine.overall_SU_R_Cruickshank_DPI             ? 
_refine.overall_SU_R_free                        ? 
_refine.overall_FOM_free_R_set                   ? 
_refine.overall_FOM_work_R_set                   ? 
_refine.pdbx_average_fsc_overall                 ? 
_refine.pdbx_average_fsc_work                    ? 
_refine.pdbx_average_fsc_free                    ? 
# 
_refine_hist.pdbx_refine_id                   'X-RAY DIFFRACTION' 
_refine_hist.cycle_id                         LAST 
_refine_hist.pdbx_number_atoms_protein        1189 
_refine_hist.pdbx_number_atoms_nucleic_acid   0 
_refine_hist.pdbx_number_atoms_ligand         6 
_refine_hist.number_atoms_solvent             128 
_refine_hist.number_atoms_total               1323 
_refine_hist.d_res_high                       1.49 
_refine_hist.d_res_low                        53.31 
# 
loop_
_refine_ls_restr.pdbx_refine_id 
_refine_ls_restr.criterion 
_refine_ls_restr.dev_ideal 
_refine_ls_restr.dev_ideal_target 
_refine_ls_restr.number 
_refine_ls_restr.rejects 
_refine_ls_restr.type 
_refine_ls_restr.weight 
_refine_ls_restr.pdbx_restraint_function 
'X-RAY DIFFRACTION' ? 0.022  0.019  1213 ? r_bond_refined_d             ? ? 
'X-RAY DIFFRACTION' ? 0.003  0.020  1180 ? r_bond_other_d               ? ? 
'X-RAY DIFFRACTION' ? 2.113  1.963  1643 ? r_angle_refined_deg          ? ? 
'X-RAY DIFFRACTION' ? 1.155  3.002  2700 ? r_angle_other_deg            ? ? 
'X-RAY DIFFRACTION' ? 5.983  5.000  153  ? r_dihedral_angle_1_deg       ? ? 
'X-RAY DIFFRACTION' ? 29.128 24.237 59   ? r_dihedral_angle_2_deg       ? ? 
'X-RAY DIFFRACTION' ? 14.385 15.000 201  ? r_dihedral_angle_3_deg       ? ? 
'X-RAY DIFFRACTION' ? 16.546 15.000 8    ? r_dihedral_angle_4_deg       ? ? 
'X-RAY DIFFRACTION' ? 0.137  0.200  188  ? r_chiral_restr               ? ? 
'X-RAY DIFFRACTION' ? 0.011  0.020  1390 ? r_gen_planes_refined         ? ? 
'X-RAY DIFFRACTION' ? 0.002  0.020  276  ? r_gen_planes_other           ? ? 
'X-RAY DIFFRACTION' ? ?      ?      ?    ? r_nbd_refined                ? ? 
'X-RAY DIFFRACTION' ? ?      ?      ?    ? r_nbd_other                  ? ? 
'X-RAY DIFFRACTION' ? ?      ?      ?    ? r_nbtor_refined              ? ? 
'X-RAY DIFFRACTION' ? ?      ?      ?    ? r_nbtor_other                ? ? 
'X-RAY DIFFRACTION' ? ?      ?      ?    ? r_xyhbond_nbd_refined        ? ? 
'X-RAY DIFFRACTION' ? ?      ?      ?    ? r_xyhbond_nbd_other          ? ? 
'X-RAY DIFFRACTION' ? ?      ?      ?    ? r_metal_ion_refined          ? ? 
'X-RAY DIFFRACTION' ? ?      ?      ?    ? r_metal_ion_other            ? ? 
'X-RAY DIFFRACTION' ? ?      ?      ?    ? r_symmetry_vdw_refined       ? ? 
'X-RAY DIFFRACTION' ? ?      ?      ?    ? r_symmetry_vdw_other         ? ? 
'X-RAY DIFFRACTION' ? ?      ?      ?    ? r_symmetry_hbond_refined     ? ? 
'X-RAY DIFFRACTION' ? ?      ?      ?    ? r_symmetry_hbond_other       ? ? 
'X-RAY DIFFRACTION' ? ?      ?      ?    ? r_symmetry_metal_ion_refined ? ? 
'X-RAY DIFFRACTION' ? ?      ?      ?    ? r_symmetry_metal_ion_other   ? ? 
'X-RAY DIFFRACTION' ? 2.363  1.962  615  ? r_mcbond_it                  ? ? 
'X-RAY DIFFRACTION' ? 2.362  1.957  614  ? r_mcbond_other               ? ? 
'X-RAY DIFFRACTION' ? 3.352  2.928  767  ? r_mcangle_it                 ? ? 
'X-RAY DIFFRACTION' ? 3.350  2.934  768  ? r_mcangle_other              ? ? 
'X-RAY DIFFRACTION' ? 4.006  2.517  596  ? r_scbond_it                  ? ? 
'X-RAY DIFFRACTION' ? 4.003  2.518  597  ? r_scbond_other               ? ? 
'X-RAY DIFFRACTION' ? ?      ?      ?    ? r_scangle_it                 ? ? 
'X-RAY DIFFRACTION' ? 6.067  3.578  877  ? r_scangle_other              ? ? 
'X-RAY DIFFRACTION' ? 7.953  17.416 1423 ? r_long_range_B_refined       ? ? 
'X-RAY DIFFRACTION' ? 7.653  16.851 1380 ? r_long_range_B_other         ? ? 
'X-RAY DIFFRACTION' ? ?      ?      ?    ? r_rigid_bond_restr           ? ? 
'X-RAY DIFFRACTION' ? ?      ?      ?    ? r_sphericity_free            ? ? 
'X-RAY DIFFRACTION' ? ?      ?      ?    ? r_sphericity_bonded          ? ? 
# 
_refine_ls_shell.pdbx_refine_id                   'X-RAY DIFFRACTION' 
_refine_ls_shell.d_res_high                       1.494 
_refine_ls_shell.d_res_low                        1.533 
_refine_ls_shell.number_reflns_all                ? 
_refine_ls_shell.number_reflns_obs                ? 
_refine_ls_shell.number_reflns_R_free             22 
_refine_ls_shell.number_reflns_R_work             428 
_refine_ls_shell.percent_reflns_obs               23.65 
_refine_ls_shell.percent_reflns_R_free            ? 
_refine_ls_shell.R_factor_all                     ? 
_refine_ls_shell.R_factor_obs                     ? 
_refine_ls_shell.R_factor_R_free                  0.186 
_refine_ls_shell.R_factor_R_free_error            ? 
_refine_ls_shell.R_factor_R_work                  0.188 
_refine_ls_shell.redundancy_reflns_all            ? 
_refine_ls_shell.redundancy_reflns_obs            ? 
_refine_ls_shell.wR_factor_all                    ? 
_refine_ls_shell.wR_factor_obs                    ? 
_refine_ls_shell.wR_factor_R_free                 ? 
_refine_ls_shell.wR_factor_R_work                 ? 
_refine_ls_shell.pdbx_total_number_of_bins_used   20 
_refine_ls_shell.pdbx_phase_error                 ? 
_refine_ls_shell.pdbx_fsc_work                    ? 
_refine_ls_shell.pdbx_fsc_free                    ? 
# 
_struct.entry_id                     5GIK 
_struct.title                        
'Modulation of the affinity of a HIV-1 capsid-directed ankyrin towards its viral target through critical amino acid editing' 
_struct.pdbx_model_details           ? 
_struct.pdbx_formula_weight          ? 
_struct.pdbx_formula_weight_method   ? 
_struct.pdbx_model_type_details      ? 
_struct.pdbx_CASP_flag               N 
# 
_struct_keywords.entry_id        5GIK 
_struct_keywords.text            'DARPins, Designed ankyrin repeat, PROTEIN BINDING' 
_struct_keywords.pdbx_keywords   'PROTEIN BINDING' 
# 
loop_
_struct_asym.id 
_struct_asym.pdbx_blank_PDB_chainid_flag 
_struct_asym.pdbx_modified 
_struct_asym.entity_id 
_struct_asym.details 
A N N 1 ? 
B N N 2 ? 
C N N 3 ? 
# 
_struct_ref.id                         1 
_struct_ref.db_name                    PDB 
_struct_ref.db_code                    5GIK 
_struct_ref.pdbx_db_accession          5GIK 
_struct_ref.pdbx_db_isoform            ? 
_struct_ref.entity_id                  1 
_struct_ref.pdbx_seq_one_letter_code   ? 
_struct_ref.pdbx_align_begin           1 
# 
_struct_ref_seq.align_id                      1 
_struct_ref_seq.ref_id                        1 
_struct_ref_seq.pdbx_PDB_id_code              5GIK 
_struct_ref_seq.pdbx_strand_id                A 
_struct_ref_seq.seq_align_beg                 1 
_struct_ref_seq.pdbx_seq_align_beg_ins_code   ? 
_struct_ref_seq.seq_align_end                 154 
_struct_ref_seq.pdbx_seq_align_end_ins_code   ? 
_struct_ref_seq.pdbx_db_accession             5GIK 
_struct_ref_seq.db_align_beg                  13 
_struct_ref_seq.pdbx_db_align_beg_ins_code    ? 
_struct_ref_seq.db_align_end                  166 
_struct_ref_seq.pdbx_db_align_end_ins_code    ? 
_struct_ref_seq.pdbx_auth_seq_align_beg       13 
_struct_ref_seq.pdbx_auth_seq_align_end       166 
# 
_pdbx_struct_assembly.id                   1 
_pdbx_struct_assembly.details              author_and_software_defined_assembly 
_pdbx_struct_assembly.method_details       PISA 
_pdbx_struct_assembly.oligomeric_details   monomeric 
_pdbx_struct_assembly.oligomeric_count     1 
# 
loop_
_pdbx_struct_assembly_prop.biol_id 
_pdbx_struct_assembly_prop.type 
_pdbx_struct_assembly_prop.value 
_pdbx_struct_assembly_prop.details 
1 'ABSA (A^2)' 220  ? 
1 MORE         -1   ? 
1 'SSA (A^2)'  7260 ? 
# 
_pdbx_struct_assembly_gen.assembly_id       1 
_pdbx_struct_assembly_gen.oper_expression   1 
_pdbx_struct_assembly_gen.asym_id_list      A,B,C 
# 
_pdbx_struct_oper_list.id                   1 
_pdbx_struct_oper_list.type                 'identity operation' 
_pdbx_struct_oper_list.name                 1_555 
_pdbx_struct_oper_list.symmetry_operation   x,y,z 
_pdbx_struct_oper_list.matrix[1][1]         1.0000000000 
_pdbx_struct_oper_list.matrix[1][2]         0.0000000000 
_pdbx_struct_oper_list.matrix[1][3]         0.0000000000 
_pdbx_struct_oper_list.vector[1]            0.0000000000 
_pdbx_struct_oper_list.matrix[2][1]         0.0000000000 
_pdbx_struct_oper_list.matrix[2][2]         1.0000000000 
_pdbx_struct_oper_list.matrix[2][3]         0.0000000000 
_pdbx_struct_oper_list.vector[2]            0.0000000000 
_pdbx_struct_oper_list.matrix[3][1]         0.0000000000 
_pdbx_struct_oper_list.matrix[3][2]         0.0000000000 
_pdbx_struct_oper_list.matrix[3][3]         1.0000000000 
_pdbx_struct_oper_list.vector[3]            0.0000000000 
# 
loop_
_struct_conf.conf_type_id 
_struct_conf.id 
_struct_conf.pdbx_PDB_helix_id 
_struct_conf.beg_label_comp_id 
_struct_conf.beg_label_asym_id 
_struct_conf.beg_label_seq_id 
_struct_conf.pdbx_beg_PDB_ins_code 
_struct_conf.end_label_comp_id 
_struct_conf.end_label_asym_id 
_struct_conf.end_label_seq_id 
_struct_conf.pdbx_end_PDB_ins_code 
_struct_conf.beg_auth_comp_id 
_struct_conf.beg_auth_asym_id 
_struct_conf.beg_auth_seq_id 
_struct_conf.end_auth_comp_id 
_struct_conf.end_auth_asym_id 
_struct_conf.end_auth_seq_id 
_struct_conf.pdbx_PDB_helix_class 
_struct_conf.details 
_struct_conf.pdbx_PDB_helix_length 
HELX_P HELX_P1  AA1 ASP A 1   ? GLY A 13  ? ASP A 13  GLY A 25  1 ? 13 
HELX_P HELX_P2  AA2 GLN A 14  ? HIS A 24  ? GLN A 26  HIS A 36  1 ? 11 
HELX_P HELX_P3  AA3 THR A 37  ? GLY A 46  ? THR A 49  GLY A 58  1 ? 10 
HELX_P HELX_P4  AA4 HIS A 47  ? HIS A 57  ? HIS A 59  HIS A 69  1 ? 11 
HELX_P HELX_P5  AA5 THR A 70  ? GLY A 79  ? THR A 82  GLY A 91  1 ? 10 
HELX_P HELX_P6  AA6 HIS A 80  ? HIS A 90  ? HIS A 92  HIS A 102 1 ? 11 
HELX_P HELX_P7  AA7 THR A 103 ? GLY A 112 ? THR A 115 GLY A 124 1 ? 10 
HELX_P HELX_P8  AA8 HIS A 113 ? HIS A 123 ? HIS A 125 HIS A 135 1 ? 11 
HELX_P HELX_P9  AA9 THR A 136 ? ASN A 144 ? THR A 148 ASN A 156 1 ? 9  
HELX_P HELX_P10 AB1 ASN A 146 ? GLN A 154 ? ASN A 158 GLN A 166 1 ? 9  
# 
_struct_conf_type.id          HELX_P 
_struct_conf_type.criteria    ? 
_struct_conf_type.reference   ? 
# 
_struct_site.id                   AC1 
_struct_site.pdbx_evidence_code   Software 
_struct_site.pdbx_auth_asym_id    A 
_struct_site.pdbx_auth_comp_id    GOL 
_struct_site.pdbx_auth_seq_id     201 
_struct_site.pdbx_auth_ins_code   ? 
_struct_site.pdbx_num_residues    5 
_struct_site.details              'binding site for residue GOL A 201' 
# 
loop_
_struct_site_gen.id 
_struct_site_gen.site_id 
_struct_site_gen.pdbx_num_res 
_struct_site_gen.label_comp_id 
_struct_site_gen.label_asym_id 
_struct_site_gen.label_seq_id 
_struct_site_gen.pdbx_auth_ins_code 
_struct_site_gen.auth_comp_id 
_struct_site_gen.auth_asym_id 
_struct_site_gen.auth_seq_id 
_struct_site_gen.label_atom_id 
_struct_site_gen.label_alt_id 
_struct_site_gen.symmetry 
_struct_site_gen.details 
1 AC1 5 LEU A 48 ? LEU A 60  . ? 1_555 ? 
2 AC1 5 ARG A 52 ? ARG A 64  . ? 1_555 ? 
3 AC1 5 HOH C .  ? HOH A 303 . ? 1_555 ? 
4 AC1 5 HOH C .  ? HOH A 306 . ? 1_555 ? 
5 AC1 5 HOH C .  ? HOH A 381 . ? 1_555 ? 
# 
_pdbx_validate_symm_contact.id                1 
_pdbx_validate_symm_contact.PDB_model_num     1 
_pdbx_validate_symm_contact.auth_atom_id_1    O 
_pdbx_validate_symm_contact.auth_asym_id_1    A 
_pdbx_validate_symm_contact.auth_comp_id_1    HOH 
_pdbx_validate_symm_contact.auth_seq_id_1     426 
_pdbx_validate_symm_contact.PDB_ins_code_1    ? 
_pdbx_validate_symm_contact.label_alt_id_1    ? 
_pdbx_validate_symm_contact.site_symmetry_1   1_555 
_pdbx_validate_symm_contact.auth_atom_id_2    O 
_pdbx_validate_symm_contact.auth_asym_id_2    A 
_pdbx_validate_symm_contact.auth_comp_id_2    HOH 
_pdbx_validate_symm_contact.auth_seq_id_2     426 
_pdbx_validate_symm_contact.PDB_ins_code_2    ? 
_pdbx_validate_symm_contact.label_alt_id_2    ? 
_pdbx_validate_symm_contact.site_symmetry_2   2_555 
_pdbx_validate_symm_contact.dist              1.83 
# 
loop_
_pdbx_validate_rmsd_angle.id 
_pdbx_validate_rmsd_angle.PDB_model_num 
_pdbx_validate_rmsd_angle.auth_atom_id_1 
_pdbx_validate_rmsd_angle.auth_asym_id_1 
_pdbx_validate_rmsd_angle.auth_comp_id_1 
_pdbx_validate_rmsd_angle.auth_seq_id_1 
_pdbx_validate_rmsd_angle.PDB_ins_code_1 
_pdbx_validate_rmsd_angle.label_alt_id_1 
_pdbx_validate_rmsd_angle.auth_atom_id_2 
_pdbx_validate_rmsd_angle.auth_asym_id_2 
_pdbx_validate_rmsd_angle.auth_comp_id_2 
_pdbx_validate_rmsd_angle.auth_seq_id_2 
_pdbx_validate_rmsd_angle.PDB_ins_code_2 
_pdbx_validate_rmsd_angle.label_alt_id_2 
_pdbx_validate_rmsd_angle.auth_atom_id_3 
_pdbx_validate_rmsd_angle.auth_asym_id_3 
_pdbx_validate_rmsd_angle.auth_comp_id_3 
_pdbx_validate_rmsd_angle.auth_seq_id_3 
_pdbx_validate_rmsd_angle.PDB_ins_code_3 
_pdbx_validate_rmsd_angle.label_alt_id_3 
_pdbx_validate_rmsd_angle.angle_value 
_pdbx_validate_rmsd_angle.angle_target_value 
_pdbx_validate_rmsd_angle.angle_deviation 
_pdbx_validate_rmsd_angle.angle_standard_deviation 
_pdbx_validate_rmsd_angle.linker_flag 
1 1 NE A ARG 23 ? ? CZ A ARG 23 ? ? NH1 A ARG 23 ? ? 123.42 120.30 3.12  0.50 N 
2 1 NE A ARG 76 ? ? CZ A ARG 76 ? ? NH1 A ARG 76 ? ? 124.72 120.30 4.42  0.50 N 
3 1 NE A ARG 76 ? ? CZ A ARG 76 ? ? NH2 A ARG 76 ? ? 115.47 120.30 -4.83 0.50 N 
# 
_pdbx_entry_details.compound_details         ? 
_pdbx_entry_details.entry_id                 5GIK 
_pdbx_entry_details.nonpolymer_details       ? 
_pdbx_entry_details.sequence_details         
;THE SEQUENCE OF THIS PROTEIN WAS NOT AVAILABLE AT THE UNIPROT KNOWLEDGEBASE DATABASE (UNIPROTKB) AT THE TIME OF DEPOSITION. AUTHORS STATE THE STRUCTURE HAS A MUTATION, S45Y.
;
_pdbx_entry_details.source_details           ? 
_pdbx_entry_details.has_ligand_of_interest   ? 
# 
_pdbx_distant_solvent_atoms.id                                1 
_pdbx_distant_solvent_atoms.PDB_model_num                     1 
_pdbx_distant_solvent_atoms.auth_atom_id                      O 
_pdbx_distant_solvent_atoms.label_alt_id                      ? 
_pdbx_distant_solvent_atoms.auth_asym_id                      A 
_pdbx_distant_solvent_atoms.auth_comp_id                      HOH 
_pdbx_distant_solvent_atoms.auth_seq_id                       428 
_pdbx_distant_solvent_atoms.PDB_ins_code                      ? 
_pdbx_distant_solvent_atoms.neighbor_macromolecule_distance   7.34 
_pdbx_distant_solvent_atoms.neighbor_ligand_distance          . 
# 
loop_
_chem_comp_atom.comp_id 
_chem_comp_atom.atom_id 
_chem_comp_atom.type_symbol 
_chem_comp_atom.pdbx_aromatic_flag 
_chem_comp_atom.pdbx_stereo_config 
_chem_comp_atom.pdbx_ordinal 
ALA N    N N N 1   
ALA CA   C N S 2   
ALA C    C N N 3   
ALA O    O N N 4   
ALA CB   C N N 5   
ALA OXT  O N N 6   
ALA H    H N N 7   
ALA H2   H N N 8   
ALA HA   H N N 9   
ALA HB1  H N N 10  
ALA HB2  H N N 11  
ALA HB3  H N N 12  
ALA HXT  H N N 13  
ARG N    N N N 14  
ARG CA   C N S 15  
ARG C    C N N 16  
ARG O    O N N 17  
ARG CB   C N N 18  
ARG CG   C N N 19  
ARG CD   C N N 20  
ARG NE   N N N 21  
ARG CZ   C N N 22  
ARG NH1  N N N 23  
ARG NH2  N N N 24  
ARG OXT  O N N 25  
ARG H    H N N 26  
ARG H2   H N N 27  
ARG HA   H N N 28  
ARG HB2  H N N 29  
ARG HB3  H N N 30  
ARG HG2  H N N 31  
ARG HG3  H N N 32  
ARG HD2  H N N 33  
ARG HD3  H N N 34  
ARG HE   H N N 35  
ARG HH11 H N N 36  
ARG HH12 H N N 37  
ARG HH21 H N N 38  
ARG HH22 H N N 39  
ARG HXT  H N N 40  
ASN N    N N N 41  
ASN CA   C N S 42  
ASN C    C N N 43  
ASN O    O N N 44  
ASN CB   C N N 45  
ASN CG   C N N 46  
ASN OD1  O N N 47  
ASN ND2  N N N 48  
ASN OXT  O N N 49  
ASN H    H N N 50  
ASN H2   H N N 51  
ASN HA   H N N 52  
ASN HB2  H N N 53  
ASN HB3  H N N 54  
ASN HD21 H N N 55  
ASN HD22 H N N 56  
ASN HXT  H N N 57  
ASP N    N N N 58  
ASP CA   C N S 59  
ASP C    C N N 60  
ASP O    O N N 61  
ASP CB   C N N 62  
ASP CG   C N N 63  
ASP OD1  O N N 64  
ASP OD2  O N N 65  
ASP OXT  O N N 66  
ASP H    H N N 67  
ASP H2   H N N 68  
ASP HA   H N N 69  
ASP HB2  H N N 70  
ASP HB3  H N N 71  
ASP HD2  H N N 72  
ASP HXT  H N N 73  
GLN N    N N N 74  
GLN CA   C N S 75  
GLN C    C N N 76  
GLN O    O N N 77  
GLN CB   C N N 78  
GLN CG   C N N 79  
GLN CD   C N N 80  
GLN OE1  O N N 81  
GLN NE2  N N N 82  
GLN OXT  O N N 83  
GLN H    H N N 84  
GLN H2   H N N 85  
GLN HA   H N N 86  
GLN HB2  H N N 87  
GLN HB3  H N N 88  
GLN HG2  H N N 89  
GLN HG3  H N N 90  
GLN HE21 H N N 91  
GLN HE22 H N N 92  
GLN HXT  H N N 93  
GLU N    N N N 94  
GLU CA   C N S 95  
GLU C    C N N 96  
GLU O    O N N 97  
GLU CB   C N N 98  
GLU CG   C N N 99  
GLU CD   C N N 100 
GLU OE1  O N N 101 
GLU OE2  O N N 102 
GLU OXT  O N N 103 
GLU H    H N N 104 
GLU H2   H N N 105 
GLU HA   H N N 106 
GLU HB2  H N N 107 
GLU HB3  H N N 108 
GLU HG2  H N N 109 
GLU HG3  H N N 110 
GLU HE2  H N N 111 
GLU HXT  H N N 112 
GLY N    N N N 113 
GLY CA   C N N 114 
GLY C    C N N 115 
GLY O    O N N 116 
GLY OXT  O N N 117 
GLY H    H N N 118 
GLY H2   H N N 119 
GLY HA2  H N N 120 
GLY HA3  H N N 121 
GLY HXT  H N N 122 
GOL C1   C N N 123 
GOL O1   O N N 124 
GOL C2   C N N 125 
GOL O2   O N N 126 
GOL C3   C N N 127 
GOL O3   O N N 128 
GOL H11  H N N 129 
GOL H12  H N N 130 
GOL HO1  H N N 131 
GOL H2   H N N 132 
GOL HO2  H N N 133 
GOL H31  H N N 134 
GOL H32  H N N 135 
GOL HO3  H N N 136 
HIS N    N N N 137 
HIS CA   C N S 138 
HIS C    C N N 139 
HIS O    O N N 140 
HIS CB   C N N 141 
HIS CG   C Y N 142 
HIS ND1  N Y N 143 
HIS CD2  C Y N 144 
HIS CE1  C Y N 145 
HIS NE2  N Y N 146 
HIS OXT  O N N 147 
HIS H    H N N 148 
HIS H2   H N N 149 
HIS HA   H N N 150 
HIS HB2  H N N 151 
HIS HB3  H N N 152 
HIS HD1  H N N 153 
HIS HD2  H N N 154 
HIS HE1  H N N 155 
HIS HE2  H N N 156 
HIS HXT  H N N 157 
HOH O    O N N 158 
HOH H1   H N N 159 
HOH H2   H N N 160 
ILE N    N N N 161 
ILE CA   C N S 162 
ILE C    C N N 163 
ILE O    O N N 164 
ILE CB   C N S 165 
ILE CG1  C N N 166 
ILE CG2  C N N 167 
ILE CD1  C N N 168 
ILE OXT  O N N 169 
ILE H    H N N 170 
ILE H2   H N N 171 
ILE HA   H N N 172 
ILE HB   H N N 173 
ILE HG12 H N N 174 
ILE HG13 H N N 175 
ILE HG21 H N N 176 
ILE HG22 H N N 177 
ILE HG23 H N N 178 
ILE HD11 H N N 179 
ILE HD12 H N N 180 
ILE HD13 H N N 181 
ILE HXT  H N N 182 
LEU N    N N N 183 
LEU CA   C N S 184 
LEU C    C N N 185 
LEU O    O N N 186 
LEU CB   C N N 187 
LEU CG   C N N 188 
LEU CD1  C N N 189 
LEU CD2  C N N 190 
LEU OXT  O N N 191 
LEU H    H N N 192 
LEU H2   H N N 193 
LEU HA   H N N 194 
LEU HB2  H N N 195 
LEU HB3  H N N 196 
LEU HG   H N N 197 
LEU HD11 H N N 198 
LEU HD12 H N N 199 
LEU HD13 H N N 200 
LEU HD21 H N N 201 
LEU HD22 H N N 202 
LEU HD23 H N N 203 
LEU HXT  H N N 204 
LYS N    N N N 205 
LYS CA   C N S 206 
LYS C    C N N 207 
LYS O    O N N 208 
LYS CB   C N N 209 
LYS CG   C N N 210 
LYS CD   C N N 211 
LYS CE   C N N 212 
LYS NZ   N N N 213 
LYS OXT  O N N 214 
LYS H    H N N 215 
LYS H2   H N N 216 
LYS HA   H N N 217 
LYS HB2  H N N 218 
LYS HB3  H N N 219 
LYS HG2  H N N 220 
LYS HG3  H N N 221 
LYS HD2  H N N 222 
LYS HD3  H N N 223 
LYS HE2  H N N 224 
LYS HE3  H N N 225 
LYS HZ1  H N N 226 
LYS HZ2  H N N 227 
LYS HZ3  H N N 228 
LYS HXT  H N N 229 
MET N    N N N 230 
MET CA   C N S 231 
MET C    C N N 232 
MET O    O N N 233 
MET CB   C N N 234 
MET CG   C N N 235 
MET SD   S N N 236 
MET CE   C N N 237 
MET OXT  O N N 238 
MET H    H N N 239 
MET H2   H N N 240 
MET HA   H N N 241 
MET HB2  H N N 242 
MET HB3  H N N 243 
MET HG2  H N N 244 
MET HG3  H N N 245 
MET HE1  H N N 246 
MET HE2  H N N 247 
MET HE3  H N N 248 
MET HXT  H N N 249 
PHE N    N N N 250 
PHE CA   C N S 251 
PHE C    C N N 252 
PHE O    O N N 253 
PHE CB   C N N 254 
PHE CG   C Y N 255 
PHE CD1  C Y N 256 
PHE CD2  C Y N 257 
PHE CE1  C Y N 258 
PHE CE2  C Y N 259 
PHE CZ   C Y N 260 
PHE OXT  O N N 261 
PHE H    H N N 262 
PHE H2   H N N 263 
PHE HA   H N N 264 
PHE HB2  H N N 265 
PHE HB3  H N N 266 
PHE HD1  H N N 267 
PHE HD2  H N N 268 
PHE HE1  H N N 269 
PHE HE2  H N N 270 
PHE HZ   H N N 271 
PHE HXT  H N N 272 
PRO N    N N N 273 
PRO CA   C N S 274 
PRO C    C N N 275 
PRO O    O N N 276 
PRO CB   C N N 277 
PRO CG   C N N 278 
PRO CD   C N N 279 
PRO OXT  O N N 280 
PRO H    H N N 281 
PRO HA   H N N 282 
PRO HB2  H N N 283 
PRO HB3  H N N 284 
PRO HG2  H N N 285 
PRO HG3  H N N 286 
PRO HD2  H N N 287 
PRO HD3  H N N 288 
PRO HXT  H N N 289 
SER N    N N N 290 
SER CA   C N S 291 
SER C    C N N 292 
SER O    O N N 293 
SER CB   C N N 294 
SER OG   O N N 295 
SER OXT  O N N 296 
SER H    H N N 297 
SER H2   H N N 298 
SER HA   H N N 299 
SER HB2  H N N 300 
SER HB3  H N N 301 
SER HG   H N N 302 
SER HXT  H N N 303 
THR N    N N N 304 
THR CA   C N S 305 
THR C    C N N 306 
THR O    O N N 307 
THR CB   C N R 308 
THR OG1  O N N 309 
THR CG2  C N N 310 
THR OXT  O N N 311 
THR H    H N N 312 
THR H2   H N N 313 
THR HA   H N N 314 
THR HB   H N N 315 
THR HG1  H N N 316 
THR HG21 H N N 317 
THR HG22 H N N 318 
THR HG23 H N N 319 
THR HXT  H N N 320 
TRP N    N N N 321 
TRP CA   C N S 322 
TRP C    C N N 323 
TRP O    O N N 324 
TRP CB   C N N 325 
TRP CG   C Y N 326 
TRP CD1  C Y N 327 
TRP CD2  C Y N 328 
TRP NE1  N Y N 329 
TRP CE2  C Y N 330 
TRP CE3  C Y N 331 
TRP CZ2  C Y N 332 
TRP CZ3  C Y N 333 
TRP CH2  C Y N 334 
TRP OXT  O N N 335 
TRP H    H N N 336 
TRP H2   H N N 337 
TRP HA   H N N 338 
TRP HB2  H N N 339 
TRP HB3  H N N 340 
TRP HD1  H N N 341 
TRP HE1  H N N 342 
TRP HE3  H N N 343 
TRP HZ2  H N N 344 
TRP HZ3  H N N 345 
TRP HH2  H N N 346 
TRP HXT  H N N 347 
TYR N    N N N 348 
TYR CA   C N S 349 
TYR C    C N N 350 
TYR O    O N N 351 
TYR CB   C N N 352 
TYR CG   C Y N 353 
TYR CD1  C Y N 354 
TYR CD2  C Y N 355 
TYR CE1  C Y N 356 
TYR CE2  C Y N 357 
TYR CZ   C Y N 358 
TYR OH   O N N 359 
TYR OXT  O N N 360 
TYR H    H N N 361 
TYR H2   H N N 362 
TYR HA   H N N 363 
TYR HB2  H N N 364 
TYR HB3  H N N 365 
TYR HD1  H N N 366 
TYR HD2  H N N 367 
TYR HE1  H N N 368 
TYR HE2  H N N 369 
TYR HH   H N N 370 
TYR HXT  H N N 371 
VAL N    N N N 372 
VAL CA   C N S 373 
VAL C    C N N 374 
VAL O    O N N 375 
VAL CB   C N N 376 
VAL CG1  C N N 377 
VAL CG2  C N N 378 
VAL OXT  O N N 379 
VAL H    H N N 380 
VAL H2   H N N 381 
VAL HA   H N N 382 
VAL HB   H N N 383 
VAL HG11 H N N 384 
VAL HG12 H N N 385 
VAL HG13 H N N 386 
VAL HG21 H N N 387 
VAL HG22 H N N 388 
VAL HG23 H N N 389 
VAL HXT  H N N 390 
# 
loop_
_chem_comp_bond.comp_id 
_chem_comp_bond.atom_id_1 
_chem_comp_bond.atom_id_2 
_chem_comp_bond.value_order 
_chem_comp_bond.pdbx_aromatic_flag 
_chem_comp_bond.pdbx_stereo_config 
_chem_comp_bond.pdbx_ordinal 
ALA N   CA   sing N N 1   
ALA N   H    sing N N 2   
ALA N   H2   sing N N 3   
ALA CA  C    sing N N 4   
ALA CA  CB   sing N N 5   
ALA CA  HA   sing N N 6   
ALA C   O    doub N N 7   
ALA C   OXT  sing N N 8   
ALA CB  HB1  sing N N 9   
ALA CB  HB2  sing N N 10  
ALA CB  HB3  sing N N 11  
ALA OXT HXT  sing N N 12  
ARG N   CA   sing N N 13  
ARG N   H    sing N N 14  
ARG N   H2   sing N N 15  
ARG CA  C    sing N N 16  
ARG CA  CB   sing N N 17  
ARG CA  HA   sing N N 18  
ARG C   O    doub N N 19  
ARG C   OXT  sing N N 20  
ARG CB  CG   sing N N 21  
ARG CB  HB2  sing N N 22  
ARG CB  HB3  sing N N 23  
ARG CG  CD   sing N N 24  
ARG CG  HG2  sing N N 25  
ARG CG  HG3  sing N N 26  
ARG CD  NE   sing N N 27  
ARG CD  HD2  sing N N 28  
ARG CD  HD3  sing N N 29  
ARG NE  CZ   sing N N 30  
ARG NE  HE   sing N N 31  
ARG CZ  NH1  sing N N 32  
ARG CZ  NH2  doub N N 33  
ARG NH1 HH11 sing N N 34  
ARG NH1 HH12 sing N N 35  
ARG NH2 HH21 sing N N 36  
ARG NH2 HH22 sing N N 37  
ARG OXT HXT  sing N N 38  
ASN N   CA   sing N N 39  
ASN N   H    sing N N 40  
ASN N   H2   sing N N 41  
ASN CA  C    sing N N 42  
ASN CA  CB   sing N N 43  
ASN CA  HA   sing N N 44  
ASN C   O    doub N N 45  
ASN C   OXT  sing N N 46  
ASN CB  CG   sing N N 47  
ASN CB  HB2  sing N N 48  
ASN CB  HB3  sing N N 49  
ASN CG  OD1  doub N N 50  
ASN CG  ND2  sing N N 51  
ASN ND2 HD21 sing N N 52  
ASN ND2 HD22 sing N N 53  
ASN OXT HXT  sing N N 54  
ASP N   CA   sing N N 55  
ASP N   H    sing N N 56  
ASP N   H2   sing N N 57  
ASP CA  C    sing N N 58  
ASP CA  CB   sing N N 59  
ASP CA  HA   sing N N 60  
ASP C   O    doub N N 61  
ASP C   OXT  sing N N 62  
ASP CB  CG   sing N N 63  
ASP CB  HB2  sing N N 64  
ASP CB  HB3  sing N N 65  
ASP CG  OD1  doub N N 66  
ASP CG  OD2  sing N N 67  
ASP OD2 HD2  sing N N 68  
ASP OXT HXT  sing N N 69  
GLN N   CA   sing N N 70  
GLN N   H    sing N N 71  
GLN N   H2   sing N N 72  
GLN CA  C    sing N N 73  
GLN CA  CB   sing N N 74  
GLN CA  HA   sing N N 75  
GLN C   O    doub N N 76  
GLN C   OXT  sing N N 77  
GLN CB  CG   sing N N 78  
GLN CB  HB2  sing N N 79  
GLN CB  HB3  sing N N 80  
GLN CG  CD   sing N N 81  
GLN CG  HG2  sing N N 82  
GLN CG  HG3  sing N N 83  
GLN CD  OE1  doub N N 84  
GLN CD  NE2  sing N N 85  
GLN NE2 HE21 sing N N 86  
GLN NE2 HE22 sing N N 87  
GLN OXT HXT  sing N N 88  
GLU N   CA   sing N N 89  
GLU N   H    sing N N 90  
GLU N   H2   sing N N 91  
GLU CA  C    sing N N 92  
GLU CA  CB   sing N N 93  
GLU CA  HA   sing N N 94  
GLU C   O    doub N N 95  
GLU C   OXT  sing N N 96  
GLU CB  CG   sing N N 97  
GLU CB  HB2  sing N N 98  
GLU CB  HB3  sing N N 99  
GLU CG  CD   sing N N 100 
GLU CG  HG2  sing N N 101 
GLU CG  HG3  sing N N 102 
GLU CD  OE1  doub N N 103 
GLU CD  OE2  sing N N 104 
GLU OE2 HE2  sing N N 105 
GLU OXT HXT  sing N N 106 
GLY N   CA   sing N N 107 
GLY N   H    sing N N 108 
GLY N   H2   sing N N 109 
GLY CA  C    sing N N 110 
GLY CA  HA2  sing N N 111 
GLY CA  HA3  sing N N 112 
GLY C   O    doub N N 113 
GLY C   OXT  sing N N 114 
GLY OXT HXT  sing N N 115 
GOL C1  O1   sing N N 116 
GOL C1  C2   sing N N 117 
GOL C1  H11  sing N N 118 
GOL C1  H12  sing N N 119 
GOL O1  HO1  sing N N 120 
GOL C2  O2   sing N N 121 
GOL C2  C3   sing N N 122 
GOL C2  H2   sing N N 123 
GOL O2  HO2  sing N N 124 
GOL C3  O3   sing N N 125 
GOL C3  H31  sing N N 126 
GOL C3  H32  sing N N 127 
GOL O3  HO3  sing N N 128 
HIS N   CA   sing N N 129 
HIS N   H    sing N N 130 
HIS N   H2   sing N N 131 
HIS CA  C    sing N N 132 
HIS CA  CB   sing N N 133 
HIS CA  HA   sing N N 134 
HIS C   O    doub N N 135 
HIS C   OXT  sing N N 136 
HIS CB  CG   sing N N 137 
HIS CB  HB2  sing N N 138 
HIS CB  HB3  sing N N 139 
HIS CG  ND1  sing Y N 140 
HIS CG  CD2  doub Y N 141 
HIS ND1 CE1  doub Y N 142 
HIS ND1 HD1  sing N N 143 
HIS CD2 NE2  sing Y N 144 
HIS CD2 HD2  sing N N 145 
HIS CE1 NE2  sing Y N 146 
HIS CE1 HE1  sing N N 147 
HIS NE2 HE2  sing N N 148 
HIS OXT HXT  sing N N 149 
HOH O   H1   sing N N 150 
HOH O   H2   sing N N 151 
ILE N   CA   sing N N 152 
ILE N   H    sing N N 153 
ILE N   H2   sing N N 154 
ILE CA  C    sing N N 155 
ILE CA  CB   sing N N 156 
ILE CA  HA   sing N N 157 
ILE C   O    doub N N 158 
ILE C   OXT  sing N N 159 
ILE CB  CG1  sing N N 160 
ILE CB  CG2  sing N N 161 
ILE CB  HB   sing N N 162 
ILE CG1 CD1  sing N N 163 
ILE CG1 HG12 sing N N 164 
ILE CG1 HG13 sing N N 165 
ILE CG2 HG21 sing N N 166 
ILE CG2 HG22 sing N N 167 
ILE CG2 HG23 sing N N 168 
ILE CD1 HD11 sing N N 169 
ILE CD1 HD12 sing N N 170 
ILE CD1 HD13 sing N N 171 
ILE OXT HXT  sing N N 172 
LEU N   CA   sing N N 173 
LEU N   H    sing N N 174 
LEU N   H2   sing N N 175 
LEU CA  C    sing N N 176 
LEU CA  CB   sing N N 177 
LEU CA  HA   sing N N 178 
LEU C   O    doub N N 179 
LEU C   OXT  sing N N 180 
LEU CB  CG   sing N N 181 
LEU CB  HB2  sing N N 182 
LEU CB  HB3  sing N N 183 
LEU CG  CD1  sing N N 184 
LEU CG  CD2  sing N N 185 
LEU CG  HG   sing N N 186 
LEU CD1 HD11 sing N N 187 
LEU CD1 HD12 sing N N 188 
LEU CD1 HD13 sing N N 189 
LEU CD2 HD21 sing N N 190 
LEU CD2 HD22 sing N N 191 
LEU CD2 HD23 sing N N 192 
LEU OXT HXT  sing N N 193 
LYS N   CA   sing N N 194 
LYS N   H    sing N N 195 
LYS N   H2   sing N N 196 
LYS CA  C    sing N N 197 
LYS CA  CB   sing N N 198 
LYS CA  HA   sing N N 199 
LYS C   O    doub N N 200 
LYS C   OXT  sing N N 201 
LYS CB  CG   sing N N 202 
LYS CB  HB2  sing N N 203 
LYS CB  HB3  sing N N 204 
LYS CG  CD   sing N N 205 
LYS CG  HG2  sing N N 206 
LYS CG  HG3  sing N N 207 
LYS CD  CE   sing N N 208 
LYS CD  HD2  sing N N 209 
LYS CD  HD3  sing N N 210 
LYS CE  NZ   sing N N 211 
LYS CE  HE2  sing N N 212 
LYS CE  HE3  sing N N 213 
LYS NZ  HZ1  sing N N 214 
LYS NZ  HZ2  sing N N 215 
LYS NZ  HZ3  sing N N 216 
LYS OXT HXT  sing N N 217 
MET N   CA   sing N N 218 
MET N   H    sing N N 219 
MET N   H2   sing N N 220 
MET CA  C    sing N N 221 
MET CA  CB   sing N N 222 
MET CA  HA   sing N N 223 
MET C   O    doub N N 224 
MET C   OXT  sing N N 225 
MET CB  CG   sing N N 226 
MET CB  HB2  sing N N 227 
MET CB  HB3  sing N N 228 
MET CG  SD   sing N N 229 
MET CG  HG2  sing N N 230 
MET CG  HG3  sing N N 231 
MET SD  CE   sing N N 232 
MET CE  HE1  sing N N 233 
MET CE  HE2  sing N N 234 
MET CE  HE3  sing N N 235 
MET OXT HXT  sing N N 236 
PHE N   CA   sing N N 237 
PHE N   H    sing N N 238 
PHE N   H2   sing N N 239 
PHE CA  C    sing N N 240 
PHE CA  CB   sing N N 241 
PHE CA  HA   sing N N 242 
PHE C   O    doub N N 243 
PHE C   OXT  sing N N 244 
PHE CB  CG   sing N N 245 
PHE CB  HB2  sing N N 246 
PHE CB  HB3  sing N N 247 
PHE CG  CD1  doub Y N 248 
PHE CG  CD2  sing Y N 249 
PHE CD1 CE1  sing Y N 250 
PHE CD1 HD1  sing N N 251 
PHE CD2 CE2  doub Y N 252 
PHE CD2 HD2  sing N N 253 
PHE CE1 CZ   doub Y N 254 
PHE CE1 HE1  sing N N 255 
PHE CE2 CZ   sing Y N 256 
PHE CE2 HE2  sing N N 257 
PHE CZ  HZ   sing N N 258 
PHE OXT HXT  sing N N 259 
PRO N   CA   sing N N 260 
PRO N   CD   sing N N 261 
PRO N   H    sing N N 262 
PRO CA  C    sing N N 263 
PRO CA  CB   sing N N 264 
PRO CA  HA   sing N N 265 
PRO C   O    doub N N 266 
PRO C   OXT  sing N N 267 
PRO CB  CG   sing N N 268 
PRO CB  HB2  sing N N 269 
PRO CB  HB3  sing N N 270 
PRO CG  CD   sing N N 271 
PRO CG  HG2  sing N N 272 
PRO CG  HG3  sing N N 273 
PRO CD  HD2  sing N N 274 
PRO CD  HD3  sing N N 275 
PRO OXT HXT  sing N N 276 
SER N   CA   sing N N 277 
SER N   H    sing N N 278 
SER N   H2   sing N N 279 
SER CA  C    sing N N 280 
SER CA  CB   sing N N 281 
SER CA  HA   sing N N 282 
SER C   O    doub N N 283 
SER C   OXT  sing N N 284 
SER CB  OG   sing N N 285 
SER CB  HB2  sing N N 286 
SER CB  HB3  sing N N 287 
SER OG  HG   sing N N 288 
SER OXT HXT  sing N N 289 
THR N   CA   sing N N 290 
THR N   H    sing N N 291 
THR N   H2   sing N N 292 
THR CA  C    sing N N 293 
THR CA  CB   sing N N 294 
THR CA  HA   sing N N 295 
THR C   O    doub N N 296 
THR C   OXT  sing N N 297 
THR CB  OG1  sing N N 298 
THR CB  CG2  sing N N 299 
THR CB  HB   sing N N 300 
THR OG1 HG1  sing N N 301 
THR CG2 HG21 sing N N 302 
THR CG2 HG22 sing N N 303 
THR CG2 HG23 sing N N 304 
THR OXT HXT  sing N N 305 
TRP N   CA   sing N N 306 
TRP N   H    sing N N 307 
TRP N   H2   sing N N 308 
TRP CA  C    sing N N 309 
TRP CA  CB   sing N N 310 
TRP CA  HA   sing N N 311 
TRP C   O    doub N N 312 
TRP C   OXT  sing N N 313 
TRP CB  CG   sing N N 314 
TRP CB  HB2  sing N N 315 
TRP CB  HB3  sing N N 316 
TRP CG  CD1  doub Y N 317 
TRP CG  CD2  sing Y N 318 
TRP CD1 NE1  sing Y N 319 
TRP CD1 HD1  sing N N 320 
TRP CD2 CE2  doub Y N 321 
TRP CD2 CE3  sing Y N 322 
TRP NE1 CE2  sing Y N 323 
TRP NE1 HE1  sing N N 324 
TRP CE2 CZ2  sing Y N 325 
TRP CE3 CZ3  doub Y N 326 
TRP CE3 HE3  sing N N 327 
TRP CZ2 CH2  doub Y N 328 
TRP CZ2 HZ2  sing N N 329 
TRP CZ3 CH2  sing Y N 330 
TRP CZ3 HZ3  sing N N 331 
TRP CH2 HH2  sing N N 332 
TRP OXT HXT  sing N N 333 
TYR N   CA   sing N N 334 
TYR N   H    sing N N 335 
TYR N   H2   sing N N 336 
TYR CA  C    sing N N 337 
TYR CA  CB   sing N N 338 
TYR CA  HA   sing N N 339 
TYR C   O    doub N N 340 
TYR C   OXT  sing N N 341 
TYR CB  CG   sing N N 342 
TYR CB  HB2  sing N N 343 
TYR CB  HB3  sing N N 344 
TYR CG  CD1  doub Y N 345 
TYR CG  CD2  sing Y N 346 
TYR CD1 CE1  sing Y N 347 
TYR CD1 HD1  sing N N 348 
TYR CD2 CE2  doub Y N 349 
TYR CD2 HD2  sing N N 350 
TYR CE1 CZ   doub Y N 351 
TYR CE1 HE1  sing N N 352 
TYR CE2 CZ   sing Y N 353 
TYR CE2 HE2  sing N N 354 
TYR CZ  OH   sing N N 355 
TYR OH  HH   sing N N 356 
TYR OXT HXT  sing N N 357 
VAL N   CA   sing N N 358 
VAL N   H    sing N N 359 
VAL N   H2   sing N N 360 
VAL CA  C    sing N N 361 
VAL CA  CB   sing N N 362 
VAL CA  HA   sing N N 363 
VAL C   O    doub N N 364 
VAL C   OXT  sing N N 365 
VAL CB  CG1  sing N N 366 
VAL CB  CG2  sing N N 367 
VAL CB  HB   sing N N 368 
VAL CG1 HG11 sing N N 369 
VAL CG1 HG12 sing N N 370 
VAL CG1 HG13 sing N N 371 
VAL CG2 HG21 sing N N 372 
VAL CG2 HG22 sing N N 373 
VAL CG2 HG23 sing N N 374 
VAL OXT HXT  sing N N 375 
# 
_atom_sites.entry_id                    5GIK 
_atom_sites.fract_transf_matrix[1][1]   0.00386421 
_atom_sites.fract_transf_matrix[1][2]   -0.00210612 
_atom_sites.fract_transf_matrix[1][3]   -0.00828230 
_atom_sites.fract_transf_matrix[2][1]   -0.02872832 
_atom_sites.fract_transf_matrix[2][2]   -0.01582922 
_atom_sites.fract_transf_matrix[2][3]   -0.00937831 
_atom_sites.fract_transf_matrix[3][1]   -0.00557322 
_atom_sites.fract_transf_matrix[3][2]   0.01604608 
_atom_sites.fract_transf_matrix[3][3]   -0.01001113 
_atom_sites.fract_transf_vector[1]      -0.127414 
_atom_sites.fract_transf_vector[2]      -0.497083 
_atom_sites.fract_transf_vector[3]      0.012096 
# 
loop_
_atom_type.symbol 
C 
N 
O 
S 
# 
loop_
_atom_site.group_PDB 
_atom_site.id 
_atom_site.type_symbol 
_atom_site.label_atom_id 
_atom_site.label_alt_id 
_atom_site.label_comp_id 
_atom_site.label_asym_id 
_atom_site.label_entity_id 
_atom_site.label_seq_id 
_atom_site.pdbx_PDB_ins_code 
_atom_site.Cartn_x 
_atom_site.Cartn_y 
_atom_site.Cartn_z 
_atom_site.occupancy 
_atom_site.B_iso_or_equiv 
_atom_site.pdbx_formal_charge 
_atom_site.auth_seq_id 
_atom_site.auth_comp_id 
_atom_site.auth_asym_id 
_atom_site.auth_atom_id 
_atom_site.pdbx_PDB_model_num 
ATOM   1    N N   . ASP A 1 1   ? -6.262  21.525  -12.327 1.00 51.05 ? 13  ASP A N   1 
ATOM   2    C CA  . ASP A 1 1   ? -4.924  22.030  -11.961 1.00 49.34 ? 13  ASP A CA  1 
ATOM   3    C C   . ASP A 1 1   ? -3.924  20.899  -12.202 1.00 35.02 ? 13  ASP A C   1 
ATOM   4    O O   . ASP A 1 1   ? -4.320  19.808  -12.701 1.00 31.69 ? 13  ASP A O   1 
ATOM   5    C CB  . ASP A 1 1   ? -4.896  22.581  -10.515 1.00 55.45 ? 13  ASP A CB  1 
ATOM   6    C CG  . ASP A 1 1   ? -4.612  21.512  -9.462  1.00 62.15 ? 13  ASP A CG  1 
ATOM   7    O OD1 . ASP A 1 1   ? -5.421  20.496  -9.448  1.00 49.04 ? 13  ASP A OD1 1 
ATOM   8    O OD2 . ASP A 1 1   ? -3.569  21.722  -8.706  1.00 42.19 ? 13  ASP A OD2 1 
ATOM   9    N N   . LEU A 1 2   ? -2.654  21.198  -11.943 1.00 32.53 ? 14  LEU A N   1 
ATOM   10   C CA  . LEU A 1 2   ? -1.584  20.206  -12.099 1.00 35.42 ? 14  LEU A CA  1 
ATOM   11   C C   . LEU A 1 2   ? -1.744  18.915  -11.191 1.00 34.07 ? 14  LEU A C   1 
ATOM   12   O O   . LEU A 1 2   ? -1.362  17.833  -11.595 1.00 29.41 ? 14  LEU A O   1 
ATOM   13   C CB  . LEU A 1 2   ? -0.198  20.829  -11.873 1.00 35.91 ? 14  LEU A CB  1 
ATOM   14   C CG  . LEU A 1 2   ? 0.211   21.848  -12.972 1.00 41.94 ? 14  LEU A CG  1 
ATOM   15   C CD1 . LEU A 1 2   ? 1.450   22.674  -12.625 1.00 46.04 ? 14  LEU A CD1 1 
ATOM   16   C CD2 . LEU A 1 2   ? 0.407   21.147  -14.299 1.00 41.02 ? 14  LEU A CD2 1 
ATOM   17   N N   . GLY A 1 3   ? -2.330  19.066  -10.008 1.00 36.39 ? 15  GLY A N   1 
ATOM   18   C CA  . GLY A 1 3   ? -2.519  17.911  -9.133  1.00 30.44 ? 15  GLY A CA  1 
ATOM   19   C C   . GLY A 1 3   ? -3.554  16.958  -9.656  1.00 31.86 ? 15  GLY A C   1 
ATOM   20   O O   . GLY A 1 3   ? -3.415  15.737  -9.508  1.00 24.51 ? 15  GLY A O   1 
ATOM   21   N N   . LYS A 1 4   ? -4.637  17.489  -10.237 1.00 27.34 ? 16  LYS A N   1 
ATOM   22   C CA  . LYS A 1 4   ? -5.631  16.632  -10.883 1.00 32.79 ? 16  LYS A CA  1 
ATOM   23   C C   . LYS A 1 4   ? -4.975  15.819  -11.997 1.00 27.80 ? 16  LYS A C   1 
ATOM   24   O O   . LYS A 1 4   ? -5.222  14.636  -12.079 1.00 26.48 ? 16  LYS A O   1 
ATOM   25   C CB  . LYS A 1 4   ? -6.805  17.471  -11.476 1.00 38.36 ? 16  LYS A CB  1 
ATOM   26   C CG  . LYS A 1 4   ? -7.699  18.144  -10.423 1.00 48.58 ? 16  LYS A CG  1 
ATOM   27   C CD  . LYS A 1 4   ? -8.329  19.455  -10.912 1.00 53.35 ? 16  LYS A CD  1 
ATOM   28   C CE  . LYS A 1 4   ? -9.714  19.702  -10.338 1.00 57.26 ? 16  LYS A CE  1 
ATOM   29   N NZ  . LYS A 1 4   ? -10.523 20.466  -11.326 1.00 65.17 ? 16  LYS A NZ  1 
ATOM   30   N N   . LYS A 1 5   ? -4.194  16.487  -12.862 1.00 27.85 ? 17  LYS A N   1 
ATOM   31   C CA  . LYS A 1 5   ? -3.441  15.846  -13.937 1.00 30.37 ? 17  LYS A CA  1 
ATOM   32   C C   . LYS A 1 5   ? -2.521  14.732  -13.363 1.00 23.84 ? 17  LYS A C   1 
ATOM   33   O O   . LYS A 1 5   ? -2.446  13.641  -13.947 1.00 20.36 ? 17  LYS A O   1 
ATOM   34   C CB  . LYS A 1 5   ? -2.558  16.844  -14.689 1.00 36.08 ? 17  LYS A CB  1 
ATOM   35   C CG  . LYS A 1 5   ? -3.252  18.104  -15.251 1.00 43.91 ? 17  LYS A CG  1 
ATOM   36   C CD  . LYS A 1 5   ? -3.296  18.186  -16.774 1.00 51.80 ? 17  LYS A CD  1 
ATOM   37   C CE  . LYS A 1 5   ? -3.236  19.623  -17.317 1.00 54.59 ? 17  LYS A CE  1 
ATOM   38   N NZ  . LYS A 1 5   ? -1.843  20.043  -17.707 1.00 54.90 ? 17  LYS A NZ  1 
ATOM   39   N N   . LEU A 1 6   ? -1.843  15.039  -12.224 1.00 24.13 ? 18  LEU A N   1 
ATOM   40   C CA  . LEU A 1 6   ? -0.902  14.093  -11.577 1.00 19.87 ? 18  LEU A CA  1 
ATOM   41   C C   . LEU A 1 6   ? -1.619  12.864  -11.066 1.00 17.36 ? 18  LEU A C   1 
ATOM   42   O O   . LEU A 1 6   ? -1.185  11.732  -11.306 1.00 16.81 ? 18  LEU A O   1 
ATOM   43   C CB  . LEU A 1 6   ? -0.137  14.812  -10.458 1.00 21.04 ? 18  LEU A CB  1 
ATOM   44   C CG  . LEU A 1 6   ? 0.962   13.940  -9.858  1.00 17.82 ? 18  LEU A CG  1 
ATOM   45   C CD1 . LEU A 1 6   ? 2.058   13.425  -10.762 1.00 18.48 ? 18  LEU A CD1 1 
ATOM   46   C CD2 . LEU A 1 6   ? 1.559   14.695  -8.661  1.00 20.14 ? 18  LEU A CD2 1 
ATOM   47   N N   . LEU A 1 7   ? -2.764  13.082  -10.396 1.00 17.31 ? 19  LEU A N   1 
ATOM   48   C CA  . LEU A 1 7   ? -3.630  11.961  -9.990  1.00 17.33 ? 19  LEU A CA  1 
ATOM   49   C C   . LEU A 1 7   ? -4.025  11.048  -11.152 1.00 18.11 ? 19  LEU A C   1 
ATOM   50   O O   . LEU A 1 7   ? -3.935  9.818   -11.094 1.00 17.02 ? 19  LEU A O   1 
ATOM   51   C CB  . LEU A 1 7   ? -4.854  12.493  -9.238  1.00 17.45 ? 19  LEU A CB  1 
ATOM   52   C CG  . LEU A 1 7   ? -4.563  12.998  -7.789  1.00 19.51 ? 19  LEU A CG  1 
ATOM   53   C CD1 . LEU A 1 7   ? -5.630  13.997  -7.441  1.00 19.43 ? 19  LEU A CD1 1 
ATOM   54   C CD2 . LEU A 1 7   ? -4.518  11.814  -6.844  1.00 19.35 ? 19  LEU A CD2 1 
ATOM   55   N N   . GLU A 1 8   ? -4.455  11.683  -12.245 1.00 21.26 ? 20  GLU A N   1 
ATOM   56   C CA  . GLU A 1 8   ? -4.869  10.912  -13.432 1.00 21.31 ? 20  GLU A CA  1 
ATOM   57   C C   . GLU A 1 8   ? -3.695  10.199  -14.087 1.00 18.77 ? 20  GLU A C   1 
ATOM   58   O O   . GLU A 1 8   ? -3.794  9.074   -14.464 1.00 18.89 ? 20  GLU A O   1 
ATOM   59   C CB  . GLU A 1 8   ? -5.544  11.837  -14.472 1.00 26.45 ? 20  GLU A CB  1 
ATOM   60   C CG  . GLU A 1 8   ? -6.916  12.351  -14.143 1.00 31.92 ? 20  GLU A CG  1 
ATOM   61   C CD  . GLU A 1 8   ? -7.342  13.550  -15.072 1.00 49.73 ? 20  GLU A CD  1 
ATOM   62   O OE1 . GLU A 1 8   ? -6.565  14.054  -15.964 1.00 53.64 ? 20  GLU A OE1 1 
ATOM   63   O OE2 . GLU A 1 8   ? -8.504  13.993  -14.914 1.00 61.29 ? 20  GLU A OE2 1 
ATOM   64   N N   . ALA A 1 9   ? -2.545  10.829  -14.211 1.00 17.40 ? 21  ALA A N   1 
ATOM   65   C CA  . ALA A 1 9   ? -1.427  10.214  -14.825 1.00 17.77 ? 21  ALA A CA  1 
ATOM   66   C C   . ALA A 1 9   ? -0.871  9.023   -14.034 1.00 16.45 ? 21  ALA A C   1 
ATOM   67   O O   . ALA A 1 9   ? -0.408  8.026   -14.566 1.00 18.71 ? 21  ALA A O   1 
ATOM   68   C CB  . ALA A 1 9   ? -0.400  11.227  -15.066 1.00 18.05 ? 21  ALA A CB  1 
ATOM   69   N N   . ALA A 1 10  ? -0.907  9.186   -12.706 1.00 15.96 ? 22  ALA A N   1 
ATOM   70   C CA  . ALA A 1 10  ? -0.425  8.141   -11.798 1.00 17.43 ? 22  ALA A CA  1 
ATOM   71   C C   . ALA A 1 10  ? -1.316  6.929   -11.934 1.00 17.13 ? 22  ALA A C   1 
ATOM   72   O O   . ALA A 1 10  ? -0.807  5.786   -12.030 1.00 18.41 ? 22  ALA A O   1 
ATOM   73   C CB  . ALA A 1 10  ? -0.398  8.677   -10.396 1.00 17.50 ? 22  ALA A CB  1 
ATOM   74   N N   . ARG A 1 11  ? -2.617  7.164   -11.934 1.00 17.16 ? 23  ARG A N   1 
ATOM   75   C CA  . ARG A 1 11  ? -3.610  6.126   -12.073 1.00 19.96 ? 23  ARG A CA  1 
ATOM   76   C C   . ARG A 1 11  ? -3.480  5.340   -13.410 1.00 21.21 ? 23  ARG A C   1 
ATOM   77   O O   . ARG A 1 11  ? -3.533  4.059   -13.445 1.00 19.92 ? 23  ARG A O   1 
ATOM   78   C CB  . ARG A 1 11  ? -4.957  6.823   -11.995 1.00 25.16 ? 23  ARG A CB  1 
ATOM   79   C CG  . ARG A 1 11  ? -6.229  5.964   -12.032 1.00 31.78 ? 23  ARG A CG  1 
ATOM   80   C CD  . ARG A 1 11  ? -7.516  6.863   -12.080 1.00 37.09 ? 23  ARG A CD  1 
ATOM   81   N NE  . ARG A 1 11  ? -7.662  7.892   -10.999 1.00 42.84 ? 23  ARG A NE  1 
ATOM   82   C CZ  . ARG A 1 11  ? -7.797  9.240   -11.129 1.00 50.20 ? 23  ARG A CZ  1 
ATOM   83   N NH1 . ARG A 1 11  ? -7.856  9.868   -12.318 1.00 54.62 ? 23  ARG A NH1 1 
ATOM   84   N NH2 . ARG A 1 11  ? -7.916  10.009  -10.024 1.00 52.53 ? 23  ARG A NH2 1 
ATOM   85   N N   . ALA A 1 12  ? -3.205  6.109   -14.457 1.00 19.15 ? 24  ALA A N   1 
ATOM   86   C CA  . ALA A 1 12  ? -3.013  5.567   -15.811 1.00 22.44 ? 24  ALA A CA  1 
ATOM   87   C C   . ALA A 1 12  ? -1.642  4.935   -16.106 1.00 24.31 ? 24  ALA A C   1 
ATOM   88   O O   . ALA A 1 12  ? -1.493  4.304   -17.182 1.00 25.55 ? 24  ALA A O   1 
ATOM   89   C CB  . ALA A 1 12  ? -3.344  6.641   -16.847 1.00 22.75 ? 24  ALA A CB  1 
ATOM   90   N N   . GLY A 1 13  ? -0.635  5.050   -15.232 1.00 17.34 ? 25  GLY A N   1 
ATOM   91   C CA  . GLY A 1 13  ? 0.617   4.428   -15.481 1.00 18.88 ? 25  GLY A CA  1 
ATOM   92   C C   . GLY A 1 13  ? 1.473   5.121   -16.506 1.00 19.85 ? 25  GLY A C   1 
ATOM   93   O O   . GLY A 1 13  ? 2.384   4.506   -17.037 1.00 20.54 ? 25  GLY A O   1 
ATOM   94   N N   . GLN A 1 14  ? 1.280   6.434   -16.615 1.00 18.14 ? 26  GLN A N   1 
ATOM   95   C CA  . GLN A 1 14  ? 2.012   7.308   -17.580 1.00 21.07 ? 26  GLN A CA  1 
ATOM   96   C C   . GLN A 1 14  ? 3.253   7.897   -16.978 1.00 17.37 ? 26  GLN A C   1 
ATOM   97   O O   . GLN A 1 14  ? 3.255   9.029   -16.525 1.00 20.00 ? 26  GLN A O   1 
ATOM   98   C CB  . GLN A 1 14  ? 1.069   8.368   -18.123 1.00 21.29 ? 26  GLN A CB  1 
ATOM   99   C CG  . GLN A 1 14  ? -0.038  7.722   -18.904 1.00 25.75 ? 26  GLN A CG  1 
ATOM   100  C CD  . GLN A 1 14  ? -1.145  8.651   -19.162 1.00 29.97 ? 26  GLN A CD  1 
ATOM   101  O OE1 . GLN A 1 14  ? -1.217  9.698   -18.552 1.00 31.96 ? 26  GLN A OE1 1 
ATOM   102  N NE2 . GLN A 1 14  ? -2.050  8.268   -20.066 1.00 33.54 ? 26  GLN A NE2 1 
ATOM   103  N N   . ASP A 1 15  ? 4.302   7.083   -17.017 1.00 19.52 ? 27  ASP A N   1 
ATOM   104  C CA  . ASP A 1 15  ? 5.596   7.326   -16.414 1.00 23.88 ? 27  ASP A CA  1 
ATOM   105  C C   . ASP A 1 15  ? 6.030   8.725   -16.839 1.00 25.64 ? 27  ASP A C   1 
ATOM   106  O O   . ASP A 1 15  ? 6.361   9.594   -16.016 1.00 24.76 ? 27  ASP A O   1 
ATOM   107  C CB  . ASP A 1 15  ? 6.648   6.218   -16.767 1.00 24.97 ? 27  ASP A CB  1 
ATOM   108  C CG  . ASP A 1 15  ? 6.254   4.776   -16.251 1.00 29.46 ? 27  ASP A CG  1 
ATOM   109  O OD1 . ASP A 1 15  ? 5.438   4.648   -15.296 1.00 30.25 ? 27  ASP A OD1 1 
ATOM   110  O OD2 . ASP A 1 15  ? 6.751   3.746   -16.756 1.00 31.83 ? 27  ASP A OD2 1 
ATOM   111  N N   . ASP A 1 16  ? 6.083   8.947   -18.154 1.00 26.86 ? 28  ASP A N   1 
ATOM   112  C CA  . ASP A 1 16  ? 6.578   10.229  -18.624 1.00 27.19 ? 28  ASP A CA  1 
ATOM   113  C C   . ASP A 1 16  ? 5.769   11.443  -18.270 1.00 24.34 ? 28  ASP A C   1 
ATOM   114  O O   . ASP A 1 16  ? 6.327   12.534  -17.932 1.00 23.13 ? 28  ASP A O   1 
ATOM   115  C CB  . ASP A 1 16  ? 6.843   10.135  -20.140 1.00 29.96 ? 28  ASP A CB  1 
ATOM   116  C CG  . ASP A 1 16  ? 8.047   9.217   -20.464 1.00 39.18 ? 28  ASP A CG  1 
ATOM   117  O OD1 . ASP A 1 16  ? 9.147   9.463   -19.880 1.00 44.03 ? 28  ASP A OD1 1 
ATOM   118  O OD2 . ASP A 1 16  ? 7.893   8.274   -21.310 1.00 45.37 ? 28  ASP A OD2 1 
ATOM   119  N N   . GLU A 1 17  ? 4.450   11.293  -18.275 1.00 21.89 ? 29  GLU A N   1 
ATOM   120  C CA  . GLU A 1 17  ? 3.606   12.356  -17.938 1.00 23.39 ? 29  GLU A CA  1 
ATOM   121  C C   . GLU A 1 17  ? 3.757   12.700  -16.421 1.00 22.78 ? 29  GLU A C   1 
ATOM   122  O O   . GLU A 1 17  ? 3.820   13.886  -16.023 1.00 22.59 ? 29  GLU A O   1 
ATOM   123  C CB  . GLU A 1 17  ? 2.189   12.017  -18.294 1.00 27.65 ? 29  GLU A CB  1 
ATOM   124  C CG  . GLU A 1 17  ? 1.182   13.080  -17.944 1.00 32.92 ? 29  GLU A CG  1 
ATOM   125  C CD  . GLU A 1 17  ? 1.353   14.382  -18.728 1.00 42.55 ? 29  GLU A CD  1 
ATOM   126  O OE1 . GLU A 1 17  ? 2.233   14.425  -19.635 1.00 43.20 ? 29  GLU A OE1 1 
ATOM   127  O OE2 . GLU A 1 17  ? 0.603   15.346  -18.404 1.00 42.86 ? 29  GLU A OE2 1 
ATOM   128  N N   . VAL A 1 18  ? 3.890   11.654  -15.573 1.00 22.34 ? 30  VAL A N   1 
ATOM   129  C CA  . VAL A 1 18  ? 4.070   11.935  -14.151 1.00 20.76 ? 30  VAL A CA  1 
ATOM   130  C C   . VAL A 1 18  ? 5.323   12.730  -13.905 1.00 23.75 ? 30  VAL A C   1 
ATOM   131  O O   . VAL A 1 18  ? 5.295   13.731  -13.184 1.00 23.66 ? 30  VAL A O   1 
ATOM   132  C CB  . VAL A 1 18  ? 4.140   10.586  -13.379 1.00 19.47 ? 30  VAL A CB  1 
ATOM   133  C CG1 . VAL A 1 18  ? 4.681   10.826  -11.987 1.00 21.06 ? 30  VAL A CG1 1 
ATOM   134  C CG2 . VAL A 1 18  ? 2.730   10.015  -13.320 1.00 19.48 ? 30  VAL A CG2 1 
ATOM   135  N N   . ARG A 1 19  ? 6.438   12.290  -14.513 1.00 26.48 ? 31  ARG A N   1 
ATOM   136  C CA  . ARG A 1 19  ? 7.728   13.035  -14.385 1.00 30.16 ? 31  ARG A CA  1 
ATOM   137  C C   . ARG A 1 19  ? 7.621   14.500  -14.844 1.00 28.46 ? 31  ARG A C   1 
ATOM   138  O O   . ARG A 1 19  ? 8.125   15.382  -14.177 1.00 32.54 ? 31  ARG A O   1 
ATOM   139  C CB  . ARG A 1 19  ? 8.842   12.355  -15.204 1.00 35.25 ? 31  ARG A CB  1 
ATOM   140  C CG  . ARG A 1 19  ? 10.244  12.915  -14.918 1.00 44.07 ? 31  ARG A CG  1 
ATOM   141  C CD  . ARG A 1 19  ? 11.286  12.435  -15.923 1.00 49.62 ? 31  ARG A CD  1 
ATOM   142  N NE  . ARG A 1 19  ? 11.699  11.063  -15.670 1.00 49.27 ? 31  ARG A NE  1 
ATOM   143  C CZ  . ARG A 1 19  ? 12.536  10.684  -14.697 1.00 53.43 ? 31  ARG A CZ  1 
ATOM   144  N NH1 . ARG A 1 19  ? 13.061  11.569  -13.834 1.00 54.47 ? 31  ARG A NH1 1 
ATOM   145  N NH2 . ARG A 1 19  ? 12.839  9.397   -14.567 1.00 43.96 ? 31  ARG A NH2 1 
ATOM   146  N N   . LEU A 1 20  ? 7.023   14.739  -16.006 1.00 32.42 ? 32  LEU A N   1 
ATOM   147  C CA  . LEU A 1 20  ? 6.717   16.082  -16.516 1.00 33.50 ? 32  LEU A CA  1 
ATOM   148  C C   . LEU A 1 20  ? 5.885   16.940  -15.547 1.00 38.70 ? 32  LEU A C   1 
ATOM   149  O O   . LEU A 1 20  ? 6.236   18.104  -15.242 1.00 30.86 ? 32  LEU A O   1 
ATOM   150  C CB  . LEU A 1 20  ? 6.018   15.969  -17.893 1.00 40.92 ? 32  LEU A CB  1 
ATOM   151  C CG  . LEU A 1 20  ? 5.226   17.165  -18.528 1.00 50.58 ? 32  LEU A CG  1 
ATOM   152  C CD1 . LEU A 1 20  ? 6.049   18.442  -18.605 1.00 54.76 ? 32  LEU A CD1 1 
ATOM   153  C CD2 . LEU A 1 20  ? 4.666   16.830  -19.930 1.00 48.37 ? 32  LEU A CD2 1 
ATOM   154  N N   . LEU A 1 21  ? 4.754   16.398  -15.078 1.00 32.33 ? 33  LEU A N   1 
ATOM   155  C CA  . LEU A 1 21  ? 3.950   17.138  -14.115 1.00 32.37 ? 33  LEU A CA  1 
ATOM   156  C C   . LEU A 1 21  ? 4.709   17.479  -12.822 1.00 32.41 ? 33  LEU A C   1 
ATOM   157  O O   . LEU A 1 21  ? 4.547   18.588  -12.292 1.00 30.72 ? 33  LEU A O   1 
ATOM   158  C CB  . LEU A 1 21  ? 2.674   16.375  -13.784 1.00 32.15 ? 33  LEU A CB  1 
ATOM   159  C CG  . LEU A 1 21  ? 1.783   16.226  -15.001 1.00 30.86 ? 33  LEU A CG  1 
ATOM   160  C CD1 . LEU A 1 21  ? 0.798   15.092  -14.806 1.00 30.26 ? 33  LEU A CD1 1 
ATOM   161  C CD2 . LEU A 1 21  ? 1.088   17.540  -15.303 1.00 32.40 ? 33  LEU A CD2 1 
ATOM   162  N N   . LEU A 1 22  ? 5.489   16.521  -12.308 1.00 29.75 ? 34  LEU A N   1 
ATOM   163  C CA  . LEU A 1 22  ? 6.297   16.737  -11.103 1.00 31.40 ? 34  LEU A CA  1 
ATOM   164  C C   . LEU A 1 22  ? 7.302   17.853  -11.361 1.00 42.65 ? 34  LEU A C   1 
ATOM   165  O O   . LEU A 1 22  ? 7.432   18.765  -10.522 1.00 37.39 ? 34  LEU A O   1 
ATOM   166  C CB  . LEU A 1 22  ? 7.002   15.464  -10.604 1.00 28.93 ? 34  LEU A CB  1 
ATOM   167  C CG  . LEU A 1 22  ? 6.055   14.397  -10.000 1.00 22.89 ? 34  LEU A CG  1 
ATOM   168  C CD1 . LEU A 1 22  ? 6.735   13.060  -9.723  1.00 22.39 ? 34  LEU A CD1 1 
ATOM   169  C CD2 . LEU A 1 22  ? 5.412   14.902  -8.689  1.00 22.98 ? 34  LEU A CD2 1 
ATOM   170  N N   . GLU A 1 23  ? 7.962   17.815  -12.527 1.00 44.74 ? 35  GLU A N   1 
ATOM   171  C CA  . GLU A 1 23  ? 8.965   18.852  -12.894 1.00 47.48 ? 35  GLU A CA  1 
ATOM   172  C C   . GLU A 1 23  ? 8.330   20.251  -13.066 1.00 45.87 ? 35  GLU A C   1 
ATOM   173  O O   . GLU A 1 23  ? 8.862   21.229  -12.579 1.00 48.71 ? 35  GLU A O   1 
ATOM   174  C CB  . GLU A 1 23  ? 9.880   18.345  -14.032 1.00 48.39 ? 35  GLU A CB  1 
ATOM   175  C CG  . GLU A 1 23  ? 10.868  17.287  -13.462 1.00 50.78 ? 35  GLU A CG  1 
ATOM   176  C CD  . GLU A 1 23  ? 11.618  16.408  -14.477 1.00 57.02 ? 35  GLU A CD  1 
ATOM   177  O OE1 . GLU A 1 23  ? 11.471  16.630  -15.717 1.00 50.62 ? 35  GLU A OE1 1 
ATOM   178  O OE2 . GLU A 1 23  ? 12.356  15.466  -14.020 1.00 51.66 ? 35  GLU A OE2 1 
ATOM   179  N N   . HIS A 1 24  ? 7.114   20.332  -13.595 1.00 48.73 ? 36  HIS A N   1 
ATOM   180  C CA  . HIS A 1 24  ? 6.352   21.583  -13.545 1.00 49.45 ? 36  HIS A CA  1 
ATOM   181  C C   . HIS A 1 24  ? 5.711   21.941  -12.181 1.00 49.42 ? 36  HIS A C   1 
ATOM   182  O O   . HIS A 1 24  ? 4.803   22.788  -12.141 1.00 55.77 ? 36  HIS A O   1 
ATOM   183  C CB  . HIS A 1 24  ? 5.303   21.663  -14.688 1.00 57.39 ? 36  HIS A CB  1 
ATOM   184  C CG  . HIS A 1 24  ? 5.592   22.774  -15.649 1.00 72.67 ? 36  HIS A CG  1 
ATOM   185  N ND1 . HIS A 1 24  ? 6.460   22.626  -16.713 1.00 80.30 ? 36  HIS A ND1 1 
ATOM   186  C CD2 . HIS A 1 24  ? 5.220   24.076  -15.647 1.00 78.07 ? 36  HIS A CD2 1 
ATOM   187  C CE1 . HIS A 1 24  ? 6.569   23.773  -17.360 1.00 82.14 ? 36  HIS A CE1 1 
ATOM   188  N NE2 . HIS A 1 24  ? 5.824   24.670  -16.733 1.00 92.50 ? 36  HIS A NE2 1 
ATOM   189  N N   . GLY A 1 25  ? 6.144   21.307  -11.087 1.00 39.61 ? 37  GLY A N   1 
ATOM   190  C CA  . GLY A 1 25  ? 5.632   21.618  -9.744  1.00 38.52 ? 37  GLY A CA  1 
ATOM   191  C C   . GLY A 1 25  ? 4.229   21.169  -9.314  1.00 34.78 ? 37  GLY A C   1 
ATOM   192  O O   . GLY A 1 25  ? 3.596   21.832  -8.451  1.00 30.26 ? 37  GLY A O   1 
ATOM   193  N N   . ALA A 1 26  ? 3.717   20.071  -9.895  1.00 29.86 ? 38  ALA A N   1 
ATOM   194  C CA  . ALA A 1 26  ? 2.451   19.487  -9.426  1.00 25.78 ? 38  ALA A CA  1 
ATOM   195  C C   . ALA A 1 26  ? 2.628   19.123  -7.973  1.00 22.39 ? 38  ALA A C   1 
ATOM   196  O O   . ALA A 1 26  ? 3.735   18.769  -7.556  1.00 22.92 ? 38  ALA A O   1 
ATOM   197  C CB  . ALA A 1 26  ? 2.104   18.270  -10.227 1.00 25.08 ? 38  ALA A CB  1 
ATOM   198  N N   . ASP A 1 27  ? 1.549   19.312  -7.203  1.00 23.82 ? 39  ASP A N   1 
ATOM   199  C CA  . ASP A 1 27  ? 1.545   18.933  -5.783  1.00 22.06 ? 39  ASP A CA  1 
ATOM   200  C C   . ASP A 1 27  ? 1.634   17.383  -5.711  1.00 20.97 ? 39  ASP A C   1 
ATOM   201  O O   . ASP A 1 27  ? 0.662   16.698  -6.028  1.00 19.93 ? 39  ASP A O   1 
ATOM   202  C CB  . ASP A 1 27  ? 0.301   19.428  -5.114  1.00 22.23 ? 39  ASP A CB  1 
ATOM   203  C CG  . ASP A 1 27  ? 0.223   19.041  -3.668  1.00 22.45 ? 39  ASP A CG  1 
ATOM   204  O OD1 . ASP A 1 27  ? 1.127   18.382  -3.117  1.00 22.23 ? 39  ASP A OD1 1 
ATOM   205  O OD2 . ASP A 1 27  ? -0.765  19.433  -3.056  1.00 27.08 ? 39  ASP A OD2 1 
ATOM   206  N N   . VAL A 1 28  ? 2.786   16.904  -5.296  1.00 18.45 ? 40  VAL A N   1 
ATOM   207  C CA  . VAL A 1 28  ? 3.085   15.444  -5.140  1.00 17.92 ? 40  VAL A CA  1 
ATOM   208  C C   . VAL A 1 28  ? 2.075   14.714  -4.264  1.00 17.19 ? 40  VAL A C   1 
ATOM   209  O O   . VAL A 1 28  ? 1.904   13.491  -4.431  1.00 17.30 ? 40  VAL A O   1 
ATOM   210  C CB  . VAL A 1 28  ? 4.523   15.189  -4.722  1.00 17.93 ? 40  VAL A CB  1 
ATOM   211  C CG1 . VAL A 1 28  ? 4.760   15.614  -3.265  1.00 19.11 ? 40  VAL A CG1 1 
ATOM   212  C CG2 . VAL A 1 28  ? 4.943   13.746  -5.045  1.00 16.77 ? 40  VAL A CG2 1 
ATOM   213  N N   . ASN A 1 29  ? 1.478   15.436  -3.327  1.00 19.54 ? 41  ASN A N   1 
ATOM   214  C CA  . ASN A 1 29  ? 0.414   14.927  -2.424  1.00 19.33 ? 41  ASN A CA  1 
ATOM   215  C C   . ASN A 1 29  ? -0.955  15.471  -2.685  1.00 18.00 ? 41  ASN A C   1 
ATOM   216  O O   . ASN A 1 29  ? -1.814  15.564  -1.816  1.00 17.83 ? 41  ASN A O   1 
ATOM   217  C CB  . ASN A 1 29  ? 0.780   15.163  -0.944  1.00 21.70 ? 41  ASN A CB  1 
ATOM   218  C CG  . ASN A 1 29  ? 2.077   14.537  -0.585  1.00 21.57 ? 41  ASN A CG  1 
ATOM   219  O OD1 . ASN A 1 29  ? 2.321   13.368  -0.838  1.00 20.11 ? 41  ASN A OD1 1 
ATOM   220  N ND2 . ASN A 1 29  ? 2.934   15.310  0.007   1.00 24.62 ? 41  ASN A ND2 1 
ATOM   221  N N   . ALA A 1 30  ? -1.241  15.748  -3.959  1.00 18.33 ? 42  ALA A N   1 
ATOM   222  C CA  . ALA A 1 30  ? -2.563  16.120  -4.344  1.00 17.51 ? 42  ALA A CA  1 
ATOM   223  C C   . ALA A 1 30  ? -3.593  15.113  -3.931  1.00 17.59 ? 42  ALA A C   1 
ATOM   224  O O   . ALA A 1 30  ? -3.338  13.903  -3.946  1.00 19.14 ? 42  ALA A O   1 
ATOM   225  C CB  . ALA A 1 30  ? -2.629  16.242  -5.860  1.00 18.85 ? 42  ALA A CB  1 
ATOM   226  N N   . ARG A 1 31  ? -4.766  15.562  -3.566  1.00 18.19 ? 43  ARG A N   1 
ATOM   227  C CA  . ARG A 1 31  ? -5.816  14.692  -3.119  1.00 18.39 ? 43  ARG A CA  1 
ATOM   228  C C   . ARG A 1 31  ? -7.032  14.666  -4.041  1.00 20.39 ? 43  ARG A C   1 
ATOM   229  O O   . ARG A 1 31  ? -7.549  15.732  -4.440  1.00 21.05 ? 43  ARG A O   1 
ATOM   230  C CB  . ARG A 1 31  ? -6.284  15.174  -1.721  1.00 19.52 ? 43  ARG A CB  1 
ATOM   231  C CG  . ARG A 1 31  ? -5.183  15.270  -0.684  1.00 21.84 ? 43  ARG A CG  1 
ATOM   232  C CD  . ARG A 1 31  ? -4.859  13.872  -0.085  1.00 20.75 ? 43  ARG A CD  1 
ATOM   233  N NE  . ARG A 1 31  ? -3.745  13.889  0.883   1.00 19.30 ? 43  ARG A NE  1 
ATOM   234  C CZ  . ARG A 1 31  ? -3.494  12.991  1.801   1.00 16.66 ? 43  ARG A CZ  1 
ATOM   235  N NH1 . ARG A 1 31  ? -4.202  11.901  1.919   1.00 17.14 ? 43  ARG A NH1 1 
ATOM   236  N NH2 . ARG A 1 31  ? -2.379  13.117  2.550   1.00 17.17 ? 43  ARG A NH2 1 
ATOM   237  N N   . ASP A 1 32  ? -7.562  13.487  -4.252  1.00 19.95 ? 44  ASP A N   1 
ATOM   238  C CA  . ASP A 1 32  ? -8.846  13.360  -4.895  1.00 23.70 ? 44  ASP A CA  1 
ATOM   239  C C   . ASP A 1 32  ? -9.946  13.507  -3.796  1.00 24.76 ? 44  ASP A C   1 
ATOM   240  O O   . ASP A 1 32  ? -9.664  13.825  -2.636  1.00 20.36 ? 44  ASP A O   1 
ATOM   241  C CB  . ASP A 1 32  ? -8.907  12.082  -5.759  1.00 23.07 ? 44  ASP A CB  1 
ATOM   242  C CG  . ASP A 1 32  ? -9.176  10.793  -4.957  1.00 22.53 ? 44  ASP A CG  1 
ATOM   243  O OD1 . ASP A 1 32  ? -9.301  10.841  -3.728  1.00 19.61 ? 44  ASP A OD1 1 
ATOM   244  O OD2 . ASP A 1 32  ? -9.281  9.721   -5.574  1.00 26.00 ? 44  ASP A OD2 1 
ATOM   245  N N   . TYR A 1 33  ? -11.185 13.290  -4.193  1.00 28.08 ? 45  TYR A N   1 
ATOM   246  C CA  . TYR A 1 33  ? -12.289 13.619  -3.324  1.00 28.90 ? 45  TYR A CA  1 
ATOM   247  C C   . TYR A 1 33  ? -12.430 12.649  -2.178  1.00 26.44 ? 45  TYR A C   1 
ATOM   248  O O   . TYR A 1 33  ? -13.021 13.029  -1.186  1.00 28.78 ? 45  TYR A O   1 
ATOM   249  C CB  . TYR A 1 33  ? -13.590 13.689  -4.118  1.00 34.69 ? 45  TYR A CB  1 
ATOM   250  C CG  . TYR A 1 33  ? -14.223 12.372  -4.397  1.00 38.33 ? 45  TYR A CG  1 
ATOM   251  C CD1 . TYR A 1 33  ? -13.714 11.519  -5.380  1.00 42.44 ? 45  TYR A CD1 1 
ATOM   252  C CD2 . TYR A 1 33  ? -15.331 11.949  -3.636  1.00 43.53 ? 45  TYR A CD2 1 
ATOM   253  C CE1 . TYR A 1 33  ? -14.304 10.307  -5.648  1.00 46.46 ? 45  TYR A CE1 1 
ATOM   254  C CE2 . TYR A 1 33  ? -15.931 10.738  -3.898  1.00 47.55 ? 45  TYR A CE2 1 
ATOM   255  C CZ  . TYR A 1 33  ? -15.418 9.920   -4.903  1.00 53.22 ? 45  TYR A CZ  1 
ATOM   256  O OH  . TYR A 1 33  ? -16.000 8.691   -5.149  1.00 65.53 ? 45  TYR A OH  1 
ATOM   257  N N   . ILE A 1 34  ? -11.966 11.396  -2.317  1.00 24.07 ? 46  ILE A N   1 
ATOM   258  C CA  . ILE A 1 34  ? -11.788 10.532  -1.090  1.00 22.60 ? 46  ILE A CA  1 
ATOM   259  C C   . ILE A 1 34  ? -10.417 10.607  -0.340  1.00 21.54 ? 46  ILE A C   1 
ATOM   260  O O   . ILE A 1 34  ? -10.206 9.880   0.604   1.00 21.53 ? 46  ILE A O   1 
ATOM   261  C CB  . ILE A 1 34  ? -12.199 9.100   -1.312  1.00 25.36 ? 46  ILE A CB  1 
ATOM   262  C CG1 . ILE A 1 34  ? -11.208 8.397   -2.205  1.00 25.15 ? 46  ILE A CG1 1 
ATOM   263  C CG2 . ILE A 1 34  ? -13.624 9.010   -1.877  1.00 30.12 ? 46  ILE A CG2 1 
ATOM   264  C CD1 . ILE A 1 34  ? -11.320 6.921   -2.070  1.00 28.00 ? 46  ILE A CD1 1 
ATOM   265  N N   . GLY A 1 35  ? -9.562  11.541  -0.683  1.00 18.32 ? 47  GLY A N   1 
ATOM   266  C CA  . GLY A 1 35  ? -8.261  11.707  -0.007  1.00 17.57 ? 47  GLY A CA  1 
ATOM   267  C C   . GLY A 1 35  ? -7.174  10.788  -0.523  1.00 15.69 ? 47  GLY A C   1 
ATOM   268  O O   . GLY A 1 35  ? -6.060  10.746  0.048   1.00 16.85 ? 47  GLY A O   1 
ATOM   269  N N   . SER A 1 36  ? -7.412  10.169  -1.681  1.00 14.75 ? 48  SER A N   1 
ATOM   270  C CA  . SER A 1 36  ? -6.289  9.500   -2.336  1.00 13.44 ? 48  SER A CA  1 
ATOM   271  C C   . SER A 1 36  ? -5.240  10.441  -2.821  1.00 15.20 ? 48  SER A C   1 
ATOM   272  O O   . SER A 1 36  ? -5.542  11.471  -3.440  1.00 16.58 ? 48  SER A O   1 
ATOM   273  C CB  . SER A 1 36  ? -6.740  8.690   -3.555  1.00 16.91 ? 48  SER A CB  1 
ATOM   274  O OG  . SER A 1 36  ? -7.870  7.868   -3.354  1.00 18.97 ? 48  SER A OG  1 
ATOM   275  N N   . THR A 1 37  ? -3.993  10.040  -2.699  1.00 12.91 ? 49  THR A N   1 
ATOM   276  C CA  . THR A 1 37  ? -2.882  10.754  -3.325  1.00 11.88 ? 49  THR A CA  1 
ATOM   277  C C   . THR A 1 37  ? -2.464  10.031  -4.617  1.00 11.08 ? 49  THR A C   1 
ATOM   278  O O   . THR A 1 37  ? -2.791  8.866   -4.807  1.00 12.27 ? 49  THR A O   1 
ATOM   279  C CB  . THR A 1 37  ? -1.668  10.810  -2.343  1.00 13.75 ? 49  THR A CB  1 
ATOM   280  O OG1 . THR A 1 37  ? -1.222  9.482   -2.079  1.00 12.80 ? 49  THR A OG1 1 
ATOM   281  C CG2 . THR A 1 37  ? -1.974  11.572  -1.028  1.00 13.52 ? 49  THR A CG2 1 
ATOM   282  N N   . PRO A 1 38  ? -1.627  10.658  -5.435  1.00 12.10 ? 50  PRO A N   1 
ATOM   283  C CA  . PRO A 1 38  ? -1.070  9.891   -6.520  1.00 11.86 ? 50  PRO A CA  1 
ATOM   284  C C   . PRO A 1 38  ? -0.392  8.574   -6.153  1.00 11.96 ? 50  PRO A C   1 
ATOM   285  O O   . PRO A 1 38  ? -0.436  7.579   -6.864  1.00 12.46 ? 50  PRO A O   1 
ATOM   286  C CB  . PRO A 1 38  ? -0.047  10.864  -7.149  1.00 12.74 ? 50  PRO A CB  1 
ATOM   287  C CG  . PRO A 1 38  ? -0.645  12.176  -6.862  1.00 12.83 ? 50  PRO A CG  1 
ATOM   288  C CD  . PRO A 1 38  ? -1.120  12.047  -5.425  1.00 12.70 ? 50  PRO A CD  1 
ATOM   289  N N   . LEU A 1 39  ? 0.343   8.591   -5.012  1.00 10.38 ? 51  LEU A N   1 
ATOM   290  C CA  . LEU A 1 39  ? 0.996   7.400   -4.552  1.00 9.97  ? 51  LEU A CA  1 
ATOM   291  C C   . LEU A 1 39  ? -0.010  6.292   -4.229  1.00 9.31  ? 51  LEU A C   1 
ATOM   292  O O   . LEU A 1 39  ? 0.256   5.133   -4.476  1.00 11.69 ? 51  LEU A O   1 
ATOM   293  C CB  . LEU A 1 39  ? 1.880   7.756   -3.315  1.00 10.93 ? 51  LEU A CB  1 
ATOM   294  C CG  . LEU A 1 39  ? 2.753   6.622   -2.803  1.00 12.67 ? 51  LEU A CG  1 
ATOM   295  C CD1 . LEU A 1 39  ? 3.804   6.176   -3.790  1.00 13.94 ? 51  LEU A CD1 1 
ATOM   296  C CD2 . LEU A 1 39  ? 3.441   7.027   -1.499  1.00 12.82 ? 51  LEU A CD2 1 
ATOM   297  N N   . HIS A 1 40  ? -1.158  6.634   -3.661  1.00 9.83  ? 52  HIS A N   1 
ATOM   298  C CA  . HIS A 1 40  ? -2.211  5.630   -3.484  1.00 10.11 ? 52  HIS A CA  1 
ATOM   299  C C   . HIS A 1 40  ? -2.611  4.946   -4.771  1.00 10.42 ? 52  HIS A C   1 
ATOM   300  O O   . HIS A 1 40  ? -2.712  3.769   -4.884  1.00 10.12 ? 52  HIS A O   1 
ATOM   301  C CB  . HIS A 1 40  ? -3.520  6.161   -2.917  1.00 10.98 ? 52  HIS A CB  1 
ATOM   302  C CG  . HIS A 1 40  ? -3.524  6.514   -1.436  1.00 10.94 ? 52  HIS A CG  1 
ATOM   303  N ND1 . HIS A 1 40  ? -3.906  5.636   -0.418  1.00 13.94 ? 52  HIS A ND1 1 
ATOM   304  C CD2 . HIS A 1 40  ? -3.255  7.691   -0.850  1.00 10.46 ? 52  HIS A CD2 1 
ATOM   305  C CE1 . HIS A 1 40  ? -3.849  6.285   0.745   1.00 8.92  ? 52  HIS A CE1 1 
ATOM   306  N NE2 . HIS A 1 40  ? -3.450  7.525   0.498   1.00 13.49 ? 52  HIS A NE2 1 
ATOM   307  N N   . LEU A 1 41  ? -2.803  5.795   -5.761  1.00 10.76 ? 53  LEU A N   1 
ATOM   308  C CA  . LEU A 1 41  ? -3.328  5.291   -7.084  1.00 11.43 ? 53  LEU A CA  1 
ATOM   309  C C   . LEU A 1 41  ? -2.284  4.497   -7.789  1.00 12.07 ? 53  LEU A C   1 
ATOM   310  O O   . LEU A 1 41  ? -2.546  3.415   -8.362  1.00 12.72 ? 53  LEU A O   1 
ATOM   311  C CB  . LEU A 1 41  ? -3.821  6.507   -7.895  1.00 13.89 ? 53  LEU A CB  1 
ATOM   312  C CG  . LEU A 1 41  ? -4.907  7.349   -7.303  1.00 17.24 ? 53  LEU A CG  1 
ATOM   313  C CD1 . LEU A 1 41  ? -5.312  8.432   -8.300  1.00 19.35 ? 53  LEU A CD1 1 
ATOM   314  C CD2 . LEU A 1 41  ? -6.112  6.532   -6.852  1.00 18.49 ? 53  LEU A CD2 1 
ATOM   315  N N   . ALA A 1 42  ? -1.045  4.945   -7.773  1.00 11.74 ? 54  ALA A N   1 
ATOM   316  C CA  . ALA A 1 42  ? 0.042   4.099   -8.331  1.00 11.33 ? 54  ALA A CA  1 
ATOM   317  C C   . ALA A 1 42  ? 0.258   2.781   -7.644  1.00 11.16 ? 54  ALA A C   1 
ATOM   318  O O   . ALA A 1 42  ? 0.476   1.704   -8.259  1.00 13.02 ? 54  ALA A O   1 
ATOM   319  C CB  . ALA A 1 42  ? 1.331   4.913   -8.379  1.00 11.82 ? 54  ALA A CB  1 
ATOM   320  N N   . ALA A 1 43  ? 0.143   2.803   -6.306  1.00 10.58 ? 55  ALA A N   1 
ATOM   321  C CA  . ALA A 1 43  ? 0.179   1.567   -5.535  1.00 12.18 ? 55  ALA A CA  1 
ATOM   322  C C   . ALA A 1 43  ? -0.958  0.601   -5.873  1.00 13.76 ? 55  ALA A C   1 
ATOM   323  O O   . ALA A 1 43  ? -0.734  -0.579  -6.010  1.00 17.79 ? 55  ALA A O   1 
ATOM   324  C CB  . ALA A 1 43  ? 0.210   1.822   -4.063  1.00 12.51 ? 55  ALA A CB  1 
ATOM   325  N N   . TYR A 1 44  ? -2.138  1.153   -6.016  1.00 12.79 ? 56  TYR A N   1 
ATOM   326  C CA  . TYR A 1 44  ? -3.330  0.370   -6.360  1.00 14.57 ? 56  TYR A CA  1 
ATOM   327  C C   . TYR A 1 44  ? -3.191  -0.342  -7.722  1.00 13.17 ? 56  TYR A C   1 
ATOM   328  O O   . TYR A 1 44  ? -3.482  -1.567  -7.834  1.00 15.15 ? 56  TYR A O   1 
ATOM   329  C CB  . TYR A 1 44  ? -4.532  1.277   -6.355  1.00 16.06 ? 56  TYR A CB  1 
ATOM   330  C CG  . TYR A 1 44  ? -5.819  0.452   -6.463  1.00 18.85 ? 56  TYR A CG  1 
ATOM   331  C CD1 . TYR A 1 44  ? -6.253  -0.040  -7.702  1.00 20.46 ? 56  TYR A CD1 1 
ATOM   332  C CD2 . TYR A 1 44  ? -6.589  0.164   -5.368  1.00 20.06 ? 56  TYR A CD2 1 
ATOM   333  C CE1 . TYR A 1 44  ? -7.422  -0.790  -7.822  1.00 22.57 ? 56  TYR A CE1 1 
ATOM   334  C CE2 . TYR A 1 44  ? -7.727  -0.589  -5.492  1.00 21.41 ? 56  TYR A CE2 1 
ATOM   335  C CZ  . TYR A 1 44  ? -8.104  -1.073  -6.716  1.00 23.34 ? 56  TYR A CZ  1 
ATOM   336  O OH  . TYR A 1 44  ? -9.240  -1.852  -6.825  1.00 31.81 ? 56  TYR A OH  1 
ATOM   337  N N   . TYR A 1 45  ? -2.726  0.429   -8.703  1.00 13.60 ? 57  TYR A N   1 
ATOM   338  C CA  . TYR A 1 45  ? -2.610  -0.055  -10.121 1.00 14.99 ? 57  TYR A CA  1 
ATOM   339  C C   . TYR A 1 45  ? -1.286  -0.646  -10.438 1.00 19.58 ? 57  TYR A C   1 
ATOM   340  O O   . TYR A 1 45  ? -1.094  -1.129  -11.589 1.00 20.43 ? 57  TYR A O   1 
ATOM   341  C CB  . TYR A 1 45  ? -3.057  1.027   -11.059 1.00 16.16 ? 57  TYR A CB  1 
ATOM   342  C CG  . TYR A 1 45  ? -4.549  1.198   -10.971 1.00 18.52 ? 57  TYR A CG  1 
ATOM   343  C CD1 . TYR A 1 45  ? -5.390  0.190   -11.462 1.00 21.07 ? 57  TYR A CD1 1 
ATOM   344  C CD2 . TYR A 1 45  ? -5.103  2.321   -10.451 1.00 19.38 ? 57  TYR A CD2 1 
ATOM   345  C CE1 . TYR A 1 45  ? -6.787  0.292   -11.365 1.00 21.13 ? 57  TYR A CE1 1 
ATOM   346  C CE2 . TYR A 1 45  ? -6.520  2.469   -10.353 1.00 23.09 ? 57  TYR A CE2 1 
ATOM   347  C CZ  . TYR A 1 45  ? -7.350  1.443   -10.864 1.00 23.75 ? 57  TYR A CZ  1 
ATOM   348  O OH  . TYR A 1 45  ? -8.735  1.648   -10.744 1.00 29.30 ? 57  TYR A OH  1 
ATOM   349  N N   . GLY A 1 46  ? -0.364  -0.712  -9.484  1.00 15.52 ? 58  GLY A N   1 
ATOM   350  C CA  . GLY A 1 46  ? 0.816   -1.509  -9.670  1.00 15.43 ? 58  GLY A CA  1 
ATOM   351  C C   . GLY A 1 46  ? 1.870   -0.834  -10.523 1.00 15.73 ? 58  GLY A C   1 
ATOM   352  O O   . GLY A 1 46  ? 2.737   -1.519  -11.119 1.00 15.77 ? 58  GLY A O   1 
ATOM   353  N N   . HIS A 1 47  ? 1.877   0.497   -10.487 1.00 13.73 ? 59  HIS A N   1 
ATOM   354  C CA  . HIS A 1 47  ? 2.873   1.300   -11.230 1.00 12.05 ? 59  HIS A CA  1 
ATOM   355  C C   . HIS A 1 47  ? 4.191   1.599   -10.502 1.00 11.53 ? 59  HIS A C   1 
ATOM   356  O O   . HIS A 1 47  ? 4.292   2.648   -9.777  1.00 10.06 ? 59  HIS A O   1 
ATOM   357  C CB  . HIS A 1 47  ? 2.218   2.529   -11.778 1.00 12.71 ? 59  HIS A CB  1 
ATOM   358  C CG  . HIS A 1 47  ? 1.011   2.236   -12.595 1.00 13.31 ? 59  HIS A CG  1 
ATOM   359  N ND1 . HIS A 1 47  ? 1.043   1.305   -13.623 1.00 15.71 ? 59  HIS A ND1 1 
ATOM   360  C CD2 . HIS A 1 47  ? -0.256  2.726   -12.563 1.00 14.87 ? 59  HIS A CD2 1 
ATOM   361  C CE1 . HIS A 1 47  ? -0.175  1.191   -14.126 1.00 16.67 ? 59  HIS A CE1 1 
ATOM   362  N NE2 . HIS A 1 47  ? -0.962  2.057   -13.551 1.00 17.39 ? 59  HIS A NE2 1 
ATOM   363  N N   . LEU A 1 48  ? 5.087   0.666   -10.526 1.00 12.41 ? 60  LEU A N   1 
ATOM   364  C CA  . LEU A 1 48  ? 6.331   0.734   -9.738  1.00 11.98 ? 60  LEU A CA  1 
ATOM   365  C C   . LEU A 1 48  ? 7.149   1.994   -10.009 1.00 12.47 ? 60  LEU A C   1 
ATOM   366  O O   . LEU A 1 48  ? 7.684   2.614   -9.080  1.00 12.18 ? 60  LEU A O   1 
ATOM   367  C CB  . LEU A 1 48  ? 7.161   -0.515  -9.898  1.00 13.35 ? 60  LEU A CB  1 
ATOM   368  C CG  . LEU A 1 48  ? 8.429   -0.635  -9.029  1.00 14.10 ? 60  LEU A CG  1 
ATOM   369  C CD1 . LEU A 1 48  ? 8.163   -0.690  -7.540  1.00 13.50 ? 60  LEU A CD1 1 
ATOM   370  C CD2 . LEU A 1 48  ? 9.195   -1.877  -9.456  1.00 17.47 ? 60  LEU A CD2 1 
ATOM   371  N N   . GLU A 1 49  ? 7.427   2.271   -11.268 1.00 12.15 ? 61  GLU A N   1 
ATOM   372  C CA  . GLU A 1 49  ? 8.222   3.427   -11.654 1.00 13.84 ? 61  GLU A CA  1 
ATOM   373  C C   . GLU A 1 49  ? 7.600   4.727   -11.189 1.00 13.37 ? 61  GLU A C   1 
ATOM   374  O O   . GLU A 1 49  ? 8.316   5.628   -10.720 1.00 14.69 ? 61  GLU A O   1 
ATOM   375  C CB  . GLU A 1 49  ? 8.553   3.400   -13.150 1.00 14.16 ? 61  GLU A CB  1 
ATOM   376  C CG  . GLU A 1 49  ? 9.390   4.611   -13.610 1.00 15.50 ? 61  GLU A CG  1 
ATOM   377  C CD  . GLU A 1 49  ? 10.827  4.627   -13.126 1.00 19.15 ? 61  GLU A CD  1 
ATOM   378  O OE1 . GLU A 1 49  ? 11.371  3.754   -12.407 1.00 20.55 ? 61  GLU A OE1 1 
ATOM   379  O OE2 . GLU A 1 49  ? 11.455  5.622   -13.546 1.00 25.41 ? 61  GLU A OE2 1 
ATOM   380  N N   . ILE A 1 50  ? 6.268   4.826   -11.275 1.00 11.83 ? 62  ILE A N   1 
ATOM   381  C CA  . ILE A 1 50  ? 5.557   5.992   -10.782 1.00 11.25 ? 62  ILE A CA  1 
ATOM   382  C C   . ILE A 1 50  ? 5.667   6.097   -9.238  1.00 11.16 ? 62  ILE A C   1 
ATOM   383  O O   . ILE A 1 50  ? 5.886   7.197   -8.734  1.00 13.75 ? 62  ILE A O   1 
ATOM   384  C CB  . ILE A 1 50  ? 4.096   6.046   -11.272 1.00 13.76 ? 62  ILE A CB  1 
ATOM   385  C CG1 . ILE A 1 50  ? 4.172   6.323   -12.803 1.00 16.96 ? 62  ILE A CG1 1 
ATOM   386  C CG2 . ILE A 1 50  ? 3.285   7.092   -10.553 1.00 13.43 ? 62  ILE A CG2 1 
ATOM   387  C CD1 . ILE A 1 50  ? 2.881   6.075   -13.544 1.00 18.08 ? 62  ILE A CD1 1 
ATOM   388  N N   . VAL A 1 51  ? 5.542   4.973   -8.527  1.00 10.42 ? 63  VAL A N   1 
ATOM   389  C CA  . VAL A 1 51  ? 5.755   5.030   -7.084  1.00 10.98 ? 63  VAL A CA  1 
ATOM   390  C C   . VAL A 1 51  ? 7.173   5.556   -6.857  1.00 13.22 ? 63  VAL A C   1 
ATOM   391  O O   . VAL A 1 51  ? 7.361   6.428   -5.971  1.00 12.10 ? 63  VAL A O   1 
ATOM   392  C CB  . VAL A 1 51  ? 5.586   3.607   -6.464  1.00 11.18 ? 63  VAL A CB  1 
ATOM   393  C CG1 . VAL A 1 51  ? 6.143   3.579   -5.042  1.00 11.31 ? 63  VAL A CG1 1 
ATOM   394  C CG2 . VAL A 1 51  ? 4.095   3.261   -6.533  1.00 10.93 ? 63  VAL A CG2 1 
ATOM   395  N N   . ARG A 1 52  ? 8.152   5.033   -7.583  1.00 14.11 ? 64  ARG A N   1 
ATOM   396  C CA  . ARG A 1 52  ? 9.525   5.509   -7.448  1.00 16.85 ? 64  ARG A CA  1 
ATOM   397  C C   . ARG A 1 52  ? 9.722   7.033   -7.675  1.00 14.42 ? 64  ARG A C   1 
ATOM   398  O O   . ARG A 1 52  ? 10.353  7.702   -6.771  1.00 16.93 ? 64  ARG A O   1 
ATOM   399  C CB  . ARG A 1 52  ? 10.460  4.652   -8.329  1.00 17.76 ? 64  ARG A CB  1 
ATOM   400  C CG  . ARG A 1 52  ? 11.910  4.788   -7.983  1.00 23.60 ? 64  ARG A CG  1 
ATOM   401  C CD  . ARG A 1 52  ? 12.787  4.299   -9.103  1.00 27.12 ? 64  ARG A CD  1 
ATOM   402  N NE  . ARG A 1 52  ? 12.645  5.185   -10.267 1.00 30.83 ? 64  ARG A NE  1 
ATOM   403  C CZ  . ARG A 1 52  ? 13.215  6.403   -10.380 1.00 37.40 ? 64  ARG A CZ  1 
ATOM   404  N NH1 . ARG A 1 52  ? 13.007  7.135   -11.485 1.00 32.30 ? 64  ARG A NH1 1 
ATOM   405  N NH2 . ARG A 1 52  ? 14.013  6.889   -9.406  1.00 41.11 ? 64  ARG A NH2 1 
ATOM   406  N N   . LEU A 1 53  ? 9.165   7.578   -8.726  1.00 15.19 ? 65  LEU A N   1 
ATOM   407  C CA  . LEU A 1 53  ? 9.195   8.982   -9.070  1.00 14.96 ? 65  LEU A CA  1 
ATOM   408  C C   . LEU A 1 53  ? 8.508   9.806   -8.007  1.00 13.96 ? 65  LEU A C   1 
ATOM   409  O O   . LEU A 1 53  ? 9.007   10.861  -7.596  1.00 17.50 ? 65  LEU A O   1 
ATOM   410  C CB  . LEU A 1 53  ? 8.462   9.273   -10.401 1.00 16.78 ? 65  LEU A CB  1 
ATOM   411  C CG  . LEU A 1 53  ? 9.195   8.806   -11.634 1.00 23.10 ? 65  LEU A CG  1 
ATOM   412  C CD1 . LEU A 1 53  ? 8.226   8.809   -12.832 1.00 22.87 ? 65  LEU A CD1 1 
ATOM   413  C CD2 . LEU A 1 53  ? 10.377  9.781   -11.857 1.00 24.22 ? 65  LEU A CD2 1 
ATOM   414  N N   . LEU A 1 54  ? 7.310   9.380   -7.555  1.00 12.58 ? 66  LEU A N   1 
ATOM   415  C CA  . LEU A 1 54  ? 6.624   10.082  -6.555  1.00 13.24 ? 66  LEU A CA  1 
ATOM   416  C C   . LEU A 1 54  ? 7.378   10.166  -5.264  1.00 12.86 ? 66  LEU A C   1 
ATOM   417  O O   . LEU A 1 54  ? 7.432   11.319  -4.618  1.00 14.68 ? 66  LEU A O   1 
ATOM   418  C CB  . LEU A 1 54  ? 5.235   9.527   -6.325  1.00 12.87 ? 66  LEU A CB  1 
ATOM   419  C CG  . LEU A 1 54  ? 4.199   9.639   -7.456  1.00 13.42 ? 66  LEU A CG  1 
ATOM   420  C CD1 . LEU A 1 54  ? 3.006   8.724   -7.229  1.00 13.01 ? 66  LEU A CD1 1 
ATOM   421  C CD2 . LEU A 1 54  ? 3.678   11.102  -7.648  1.00 14.08 ? 66  LEU A CD2 1 
ATOM   422  N N   . LEU A 1 55  ? 7.938   9.007   -4.844  1.00 13.98 ? 67  LEU A N   1 
ATOM   423  C CA  . LEU A 1 55  ? 8.822   9.038   -3.604  1.00 15.09 ? 67  LEU A CA  1 
ATOM   424  C C   . LEU A 1 55  ? 10.016  9.966   -3.741  1.00 18.84 ? 67  LEU A C   1 
ATOM   425  O O   . LEU A 1 55  ? 10.257  10.805  -2.796  1.00 19.10 ? 67  LEU A O   1 
ATOM   426  C CB  . LEU A 1 55  ? 9.216   7.658   -3.216  1.00 16.16 ? 67  LEU A CB  1 
ATOM   427  C CG  . LEU A 1 55  ? 8.051   6.800   -2.763  1.00 14.51 ? 67  LEU A CG  1 
ATOM   428  C CD1 . LEU A 1 55  ? 8.439   5.343   -2.753  1.00 15.30 ? 67  LEU A CD1 1 
ATOM   429  C CD2 . LEU A 1 55  ? 7.546   7.281   -1.412  1.00 14.75 ? 67  LEU A CD2 1 
ATOM   430  N N   . GLU A 1 56  ? 10.652  9.930   -4.885  1.00 23.51 ? 68  GLU A N   1 
ATOM   431  C CA  . GLU A 1 56  ? 11.791  10.810  -5.202  1.00 25.07 ? 68  GLU A CA  1 
ATOM   432  C C   . GLU A 1 56  ? 11.433  12.289  -5.102  1.00 24.70 ? 68  GLU A C   1 
ATOM   433  O O   . GLU A 1 56  ? 12.238  13.081  -4.622  1.00 24.71 ? 68  GLU A O   1 
ATOM   434  C CB  . GLU A 1 56  ? 12.325  10.428  -6.585  1.00 30.11 ? 68  GLU A CB  1 
ATOM   435  C CG  . GLU A 1 56  ? 13.368  11.352  -7.183  1.00 36.50 ? 68  GLU A CG  1 
ATOM   436  C CD  . GLU A 1 56  ? 13.829  10.937  -8.573  1.00 45.61 ? 68  GLU A CD  1 
ATOM   437  O OE1 . GLU A 1 56  ? 13.607  9.780   -9.029  1.00 51.70 ? 68  GLU A OE1 1 
ATOM   438  O OE2 . GLU A 1 56  ? 14.446  11.818  -9.196  1.00 53.20 ? 68  GLU A OE2 1 
ATOM   439  N N   . HIS A 1 57  ? 10.193  12.668  -5.409  1.00 18.98 ? 69  HIS A N   1 
ATOM   440  C CA  . HIS A 1 57  ? 9.762   14.026  -5.352  1.00 21.90 ? 69  HIS A CA  1 
ATOM   441  C C   . HIS A 1 57  ? 9.032   14.381  -4.036  1.00 19.83 ? 69  HIS A C   1 
ATOM   442  O O   . HIS A 1 57  ? 8.315   15.394  -4.004  1.00 22.22 ? 69  HIS A O   1 
ATOM   443  C CB  . HIS A 1 57  ? 8.888   14.319  -6.544  1.00 21.48 ? 69  HIS A CB  1 
ATOM   444  C CG  . HIS A 1 57  ? 9.646   14.545  -7.790  1.00 26.32 ? 69  HIS A CG  1 
ATOM   445  N ND1 . HIS A 1 57  ? 10.119  13.510  -8.571  1.00 28.64 ? 69  HIS A ND1 1 
ATOM   446  C CD2 . HIS A 1 57  ? 9.985   15.695  -8.418  1.00 27.29 ? 69  HIS A CD2 1 
ATOM   447  C CE1 . HIS A 1 57  ? 10.745  14.019  -9.621  1.00 28.85 ? 69  HIS A CE1 1 
ATOM   448  N NE2 . HIS A 1 57  ? 10.696  15.333  -9.539  1.00 27.88 ? 69  HIS A NE2 1 
ATOM   449  N N   . GLY A 1 58  ? 9.209   13.535  -3.004  1.00 20.35 ? 70  GLY A N   1 
ATOM   450  C CA  . GLY A 1 58  ? 8.787   13.799  -1.607  1.00 19.47 ? 70  GLY A CA  1 
ATOM   451  C C   . GLY A 1 58  ? 7.327   13.461  -1.301  1.00 17.43 ? 70  GLY A C   1 
ATOM   452  O O   . GLY A 1 58  ? 6.683   14.000  -0.384  1.00 18.06 ? 70  GLY A O   1 
ATOM   453  N N   . ALA A 1 59  ? 6.772   12.498  -2.068  1.00 15.71 ? 71  ALA A N   1 
ATOM   454  C CA  . ALA A 1 59  ? 5.465   11.924  -1.693  1.00 14.32 ? 71  ALA A CA  1 
ATOM   455  C C   . ALA A 1 59  ? 5.504   11.417  -0.234  1.00 13.23 ? 71  ALA A C   1 
ATOM   456  O O   . ALA A 1 59  ? 6.465   10.797  0.177   1.00 14.59 ? 71  ALA A O   1 
ATOM   457  C CB  . ALA A 1 59  ? 5.111   10.783  -2.635  1.00 12.69 ? 71  ALA A CB  1 
ATOM   458  N N   . ASP A 1 60  ? 4.386   11.670  0.444   1.00 13.41 ? 72  ASP A N   1 
ATOM   459  C CA  . ASP A 1 60  ? 4.154   11.174  1.788   1.00 12.61 ? 72  ASP A CA  1 
ATOM   460  C C   . ASP A 1 60  ? 3.885   9.651   1.655   1.00 12.53 ? 72  ASP A C   1 
ATOM   461  O O   . ASP A 1 60  ? 2.766   9.270   1.315   1.00 13.06 ? 72  ASP A O   1 
ATOM   462  C CB  . ASP A 1 60  ? 2.957   11.857  2.401   1.00 13.59 ? 72  ASP A CB  1 
ATOM   463  C CG  . ASP A 1 60  ? 2.640   11.427  3.856   1.00 12.57 ? 72  ASP A CG  1 
ATOM   464  O OD1 . ASP A 1 60  ? 3.389   10.559  4.350   1.00 13.72 ? 72  ASP A OD1 1 
ATOM   465  O OD2 . ASP A 1 60  ? 1.576   11.859  4.392   1.00 15.38 ? 72  ASP A OD2 1 
ATOM   466  N N   . VAL A 1 61  ? 4.858   8.849   2.038   1.00 11.49 ? 73  VAL A N   1 
ATOM   467  C CA  . VAL A 1 61  ? 4.816   7.383   1.978   1.00 12.08 ? 73  VAL A CA  1 
ATOM   468  C C   . VAL A 1 61  ? 3.621   6.813   2.838   1.00 12.78 ? 73  VAL A C   1 
ATOM   469  O O   . VAL A 1 61  ? 3.078   5.699   2.595   1.00 13.53 ? 73  VAL A O   1 
ATOM   470  C CB  . VAL A 1 61  ? 6.191   6.716   2.313   1.00 14.00 ? 73  VAL A CB  1 
ATOM   471  C CG1 . VAL A 1 61  ? 6.435   6.783   3.802   1.00 14.31 ? 73  VAL A CG1 1 
ATOM   472  C CG2 . VAL A 1 61  ? 6.250   5.319   1.774   1.00 14.63 ? 73  VAL A CG2 1 
ATOM   473  N N   . ASN A 1 62  ? 3.291   7.577   3.916   1.00 11.01 ? 74  ASN A N   1 
ATOM   474  C CA  . ASN A 1 62  ? 2.255   7.183   4.904   1.00 11.84 ? 74  ASN A CA  1 
ATOM   475  C C   . ASN A 1 62  ? 0.986   7.969   4.820   1.00 11.00 ? 74  ASN A C   1 
ATOM   476  O O   . ASN A 1 62  ? 0.187   8.115   5.725   1.00 12.40 ? 74  ASN A O   1 
ATOM   477  C CB  . ASN A 1 62  ? 2.889   7.211   6.331   1.00 14.27 ? 74  ASN A CB  1 
ATOM   478  C CG  . ASN A 1 62  ? 3.874   6.086   6.536   1.00 15.55 ? 74  ASN A CG  1 
ATOM   479  O OD1 . ASN A 1 62  ? 3.594   4.996   6.116   1.00 14.54 ? 74  ASN A OD1 1 
ATOM   480  N ND2 . ASN A 1 62  ? 5.064   6.379   7.012   1.00 16.43 ? 74  ASN A ND2 1 
ATOM   481  N N   . ALA A 1 63  ? 0.715   8.544   3.643   1.00 10.26 ? 75  ALA A N   1 
ATOM   482  C CA  . ALA A 1 63  ? -0.587  9.115   3.498   1.00 11.14 ? 75  ALA A CA  1 
ATOM   483  C C   . ALA A 1 63  ? -1.724  8.250   3.725   1.00 10.39 ? 75  ALA A C   1 
ATOM   484  O O   . ALA A 1 63  ? -1.751  7.057   3.409   1.00 11.99 ? 75  ALA A O   1 
ATOM   485  C CB  . ALA A 1 63  ? -0.693  9.804   2.103   1.00 12.44 ? 75  ALA A CB  1 
ATOM   486  N N   . ARG A 1 64  ? -2.762  8.829   4.343   1.00 10.06 ? 76  ARG A N   1 
ATOM   487  C CA  . ARG A 1 64  ? -4.023  8.157   4.567   1.00 11.52 ? 76  ARG A CA  1 
ATOM   488  C C   . ARG A 1 64  ? -5.165  8.822   3.768   1.00 12.78 ? 76  ARG A C   1 
ATOM   489  O O   . ARG A 1 64  ? -5.297  10.037  3.746   1.00 13.37 ? 76  ARG A O   1 
ATOM   490  C CB  . ARG A 1 64  ? -4.482  8.268   6.052   1.00 12.87 ? 76  ARG A CB  1 
ATOM   491  C CG  . ARG A 1 64  ? -4.091  7.040   6.973   1.00 15.17 ? 76  ARG A CG  1 
ATOM   492  C CD  . ARG A 1 64  ? -2.696  7.155   7.324   1.00 15.08 ? 76  ARG A CD  1 
ATOM   493  N NE  . ARG A 1 64  ? -2.343  6.078   8.262   1.00 14.74 ? 76  ARG A NE  1 
ATOM   494  C CZ  . ARG A 1 64  ? -1.093  5.928   8.720   1.00 16.05 ? 76  ARG A CZ  1 
ATOM   495  N NH1 . ARG A 1 64  ? -0.057  6.719   8.391   1.00 18.59 ? 76  ARG A NH1 1 
ATOM   496  N NH2 . ARG A 1 64  ? -0.926  4.958   9.658   1.00 18.53 ? 76  ARG A NH2 1 
ATOM   497  N N   . ASP A 1 65  ? -5.979  8.017   3.124   1.00 13.27 ? 77  ASP A N   1 
ATOM   498  C CA  . ASP A 1 65  ? -7.223  8.557   2.523   1.00 14.56 ? 77  ASP A CA  1 
ATOM   499  C C   . ASP A 1 65  ? -8.296  8.697   3.610   1.00 16.30 ? 77  ASP A C   1 
ATOM   500  O O   . ASP A 1 65  ? -8.070  8.369   4.780   1.00 15.01 ? 77  ASP A O   1 
ATOM   501  C CB  . ASP A 1 65  ? -7.624  7.677   1.329   1.00 15.52 ? 77  ASP A CB  1 
ATOM   502  C CG  . ASP A 1 65  ? -8.301  6.394   1.716   1.00 16.16 ? 77  ASP A CG  1 
ATOM   503  O OD1 . ASP A 1 65  ? -8.416  6.011   2.890   1.00 17.38 ? 77  ASP A OD1 1 
ATOM   504  O OD2 . ASP A 1 65  ? -8.633  5.696   0.735   1.00 18.73 ? 77  ASP A OD2 1 
ATOM   505  N N   . SER A 1 66  ? -9.495  9.101   3.209   1.00 17.44 ? 78  SER A N   1 
ATOM   506  C CA  . SER A 1 66  ? -10.567 9.336   4.202   1.00 20.62 ? 78  SER A CA  1 
ATOM   507  C C   . SER A 1 66  ? -10.936 8.113   5.041   1.00 24.29 ? 78  SER A C   1 
ATOM   508  O O   . SER A 1 66  ? -11.478 8.281   6.127   1.00 28.69 ? 78  SER A O   1 
ATOM   509  C CB  . SER A 1 66  ? -11.792 9.930   3.438   1.00 21.73 ? 78  SER A CB  1 
ATOM   510  O OG  . SER A 1 66  ? -12.347 8.983   2.563   1.00 28.51 ? 78  SER A OG  1 
ATOM   511  N N   . THR A 1 67  ? -10.726 6.913   4.536   1.00 25.49 ? 79  THR A N   1 
ATOM   512  C CA  . THR A 1 67  ? -10.923 5.659   5.287   1.00 28.27 ? 79  THR A CA  1 
ATOM   513  C C   . THR A 1 67  ? -9.732  5.184   6.114   1.00 23.77 ? 79  THR A C   1 
ATOM   514  O O   . THR A 1 67  ? -9.818  4.092   6.670   1.00 31.41 ? 79  THR A O   1 
ATOM   515  C CB  . THR A 1 67  ? -11.324 4.500   4.338   1.00 26.05 ? 79  THR A CB  1 
ATOM   516  O OG1 . THR A 1 67  ? -10.261 4.157   3.438   1.00 30.71 ? 79  THR A OG1 1 
ATOM   517  C CG2 . THR A 1 67  ? -12.529 4.868   3.473   1.00 31.77 ? 79  THR A CG2 1 
ATOM   518  N N   . GLY A 1 68  ? -8.598  5.898   6.129   1.00 17.04 ? 80  GLY A N   1 
ATOM   519  C CA  . GLY A 1 68  ? -7.413  5.434   6.807   1.00 15.79 ? 80  GLY A CA  1 
ATOM   520  C C   . GLY A 1 68  ? -6.570  4.444   6.033   1.00 15.36 ? 80  GLY A C   1 
ATOM   521  O O   . GLY A 1 68  ? -5.613  3.838   6.534   1.00 15.31 ? 80  GLY A O   1 
ATOM   522  N N   . THR A 1 69  ? -6.860  4.295   4.720   1.00 13.41 ? 81  THR A N   1 
ATOM   523  C CA  . THR A 1 69  ? -6.076  3.361   3.897   1.00 12.48 ? 81  THR A CA  1 
ATOM   524  C C   . THR A 1 69  ? -4.808  4.096   3.465   1.00 10.47 ? 81  THR A C   1 
ATOM   525  O O   . THR A 1 69  ? -4.851  5.269   3.054   1.00 11.18 ? 81  THR A O   1 
ATOM   526  C CB  . THR A 1 69  ? -6.934  2.917   2.673   1.00 14.71 ? 81  THR A CB  1 
ATOM   527  O OG1 . THR A 1 69  ? -8.021  2.134   3.149   1.00 16.55 ? 81  THR A OG1 1 
ATOM   528  C CG2 . THR A 1 69  ? -6.137  2.108   1.624   1.00 14.88 ? 81  THR A CG2 1 
ATOM   529  N N   . THR A 1 70  ? -3.702  3.395   3.516   1.00 10.83 ? 82  THR A N   1 
ATOM   530  C CA  . THR A 1 70  ? -2.401  3.844   3.106   1.00 9.19  ? 82  THR A CA  1 
ATOM   531  C C   . THR A 1 70  ? -2.011  3.208   1.764   1.00 9.70  ? 82  THR A C   1 
ATOM   532  O O   . THR A 1 70  ? -2.563  2.134   1.378   1.00 10.15 ? 82  THR A O   1 
ATOM   533  C CB  . THR A 1 70  ? -1.274  3.532   4.150   1.00 10.36 ? 82  THR A CB  1 
ATOM   534  O OG1 . THR A 1 70  ? -1.028  2.127   4.227   1.00 10.38 ? 82  THR A OG1 1 
ATOM   535  C CG2 . THR A 1 70  ? -1.512  4.155   5.559   1.00 10.79 ? 82  THR A CG2 1 
ATOM   536  N N   . PRO A 1 71  ? -1.001  3.766   1.100   1.00 10.05 ? 83  PRO A N   1 
ATOM   537  C CA  . PRO A 1 71  ? -0.548  3.077   -0.117  1.00 9.63  ? 83  PRO A CA  1 
ATOM   538  C C   . PRO A 1 71  ? -0.109  1.662   0.121   1.00 9.55  ? 83  PRO A C   1 
ATOM   539  O O   . PRO A 1 71  ? -0.348  0.759   -0.724  1.00 10.05 ? 83  PRO A O   1 
ATOM   540  C CB  . PRO A 1 71  ? 0.574   3.966   -0.653  1.00 9.59  ? 83  PRO A CB  1 
ATOM   541  C CG  . PRO A 1 71  ? 0.246   5.319   -0.077  1.00 10.11 ? 83  PRO A CG  1 
ATOM   542  C CD  . PRO A 1 71  ? -0.370  5.098   1.271   1.00 9.86  ? 83  PRO A CD  1 
ATOM   543  N N   . LEU A 1 72  ? 0.552   1.390   1.249   1.00 8.33  ? 84  LEU A N   1 
ATOM   544  C CA  . LEU A 1 72  ? 0.942   0.048   1.524   1.00 9.54  ? 84  LEU A CA  1 
ATOM   545  C C   . LEU A 1 72  ? -0.193  -0.920  1.728   1.00 9.49  ? 84  LEU A C   1 
ATOM   546  O O   . LEU A 1 72  ? -0.096  -2.047  1.299   1.00 9.61  ? 84  LEU A O   1 
ATOM   547  C CB  . LEU A 1 72  ? 1.881   0.002   2.746   1.00 9.87  ? 84  LEU A CB  1 
ATOM   548  C CG  . LEU A 1 72  ? 2.440   -1.326  3.181   1.00 10.09 ? 84  LEU A CG  1 
ATOM   549  C CD1 . LEU A 1 72  ? 3.310   -1.947  2.156   1.00 10.84 ? 84  LEU A CD1 1 
ATOM   550  C CD2 . LEU A 1 72  ? 3.232   -1.172  4.502   1.00 11.68 ? 84  LEU A CD2 1 
ATOM   551  N N   . HIS A 1 73  ? -1.281  -0.460  2.303   1.00 9.36  ? 85  HIS A N   1 
ATOM   552  C CA  . HIS A 1 73  ? -2.454  -1.286  2.367   1.00 10.76 ? 85  HIS A CA  1 
ATOM   553  C C   . HIS A 1 73  ? -2.887  -1.720  0.955   1.00 10.60 ? 85  HIS A C   1 
ATOM   554  O O   . HIS A 1 73  ? -3.242  -2.872  0.718   1.00 11.36 ? 85  HIS A O   1 
ATOM   555  C CB  . HIS A 1 73  ? -3.641  -0.583  2.975   1.00 10.40 ? 85  HIS A CB  1 
ATOM   556  C CG  . HIS A 1 73  ? -3.613  -0.425  4.471   1.00 10.72 ? 85  HIS A CG  1 
ATOM   557  N ND1 . HIS A 1 73  ? -3.539  0.789   5.094   1.00 15.33 ? 85  HIS A ND1 1 
ATOM   558  C CD2 . HIS A 1 73  ? -3.728  -1.343  5.464   1.00 12.19 ? 85  HIS A CD2 1 
ATOM   559  C CE1 . HIS A 1 73  ? -3.535  0.630   6.421   1.00 11.98 ? 85  HIS A CE1 1 
ATOM   560  N NE2 . HIS A 1 73  ? -3.710  -0.651  6.663   1.00 12.17 ? 85  HIS A NE2 1 
ATOM   561  N N   . TYR A 1 74  ? -2.960  -0.760  0.035   1.00 9.86  ? 86  TYR A N   1 
ATOM   562  C CA  . TYR A 1 74  ? -3.354  -1.174  -1.360  1.00 10.13 ? 86  TYR A CA  1 
ATOM   563  C C   . TYR A 1 74  ? -2.375  -2.131  -1.910  1.00 10.98 ? 86  TYR A C   1 
ATOM   564  O O   . TYR A 1 74  ? -2.740  -3.087  -2.614  1.00 13.44 ? 86  TYR A O   1 
ATOM   565  C CB  . TYR A 1 74  ? -3.528  0.012   -2.283  1.00 10.85 ? 86  TYR A CB  1 
ATOM   566  C CG  . TYR A 1 74  ? -4.773  0.898   -2.126  1.00 12.05 ? 86  TYR A CG  1 
ATOM   567  C CD1 . TYR A 1 74  ? -6.003  0.342   -1.850  1.00 14.15 ? 86  TYR A CD1 1 
ATOM   568  C CD2 . TYR A 1 74  ? -4.734  2.301   -2.359  1.00 14.09 ? 86  TYR A CD2 1 
ATOM   569  C CE1 . TYR A 1 74  ? -7.140  1.108   -1.766  1.00 15.44 ? 86  TYR A CE1 1 
ATOM   570  C CE2 . TYR A 1 74  ? -5.914  3.077   -2.293  1.00 14.88 ? 86  TYR A CE2 1 
ATOM   571  C CZ  . TYR A 1 74  ? -7.113  2.438   -2.059  1.00 15.90 ? 86  TYR A CZ  1 
ATOM   572  O OH  . TYR A 1 74  ? -8.237  3.249   -1.976  1.00 18.33 ? 86  TYR A OH  1 
ATOM   573  N N   . ALA A 1 75  ? -1.095  -1.845  -1.827  1.00 9.85  ? 87  ALA A N   1 
ATOM   574  C CA  . ALA A 1 75  ? -0.128  -2.731  -2.475  1.00 11.06 ? 87  ALA A CA  1 
ATOM   575  C C   . ALA A 1 75  ? -0.138  -4.150  -1.965  1.00 11.61 ? 87  ALA A C   1 
ATOM   576  O O   . ALA A 1 75  ? -0.092  -5.130  -2.715  1.00 13.83 ? 87  ALA A O   1 
ATOM   577  C CB  . ALA A 1 75  ? 1.291   -2.172  -2.347  1.00 10.94 ? 87  ALA A CB  1 
ATOM   578  N N   . ALA A 1 76  ? -0.380  -4.286  -0.658  1.00 12.36 ? 88  ALA A N   1 
ATOM   579  C CA  . ALA A 1 76  ? -0.427  -5.566  0.038   1.00 13.29 ? 88  ALA A CA  1 
ATOM   580  C C   . ALA A 1 76  ? -1.669  -6.301  -0.378  1.00 16.86 ? 88  ALA A C   1 
ATOM   581  O O   . ALA A 1 76  ? -1.592  -7.474  -0.707  1.00 17.58 ? 88  ALA A O   1 
ATOM   582  C CB  . ALA A 1 76  ? -0.375  -5.411  1.542   1.00 13.14 ? 88  ALA A CB  1 
ATOM   583  N N   . ARG A 1 77  ? -2.773  -5.532  -0.543  1.00 13.93 ? 89  ARG A N   1 
ATOM   584  C CA  . ARG A 1 77  ? -4.041  -6.227  -0.861  1.00 15.91 ? 89  ARG A CA  1 
ATOM   585  C C   . ARG A 1 77  ? -4.126  -6.672  -2.343  1.00 17.54 ? 89  ARG A C   1 
ATOM   586  O O   . ARG A 1 77  ? -4.577  -7.758  -2.646  1.00 18.53 ? 89  ARG A O   1 
ATOM   587  C CB  . ARG A 1 77  ? -5.231  -5.326  -0.525  1.00 20.00 ? 89  ARG A CB  1 
ATOM   588  C CG  . ARG A 1 77  ? -6.586  -5.970  -0.773  1.00 20.00 ? 89  ARG A CG  1 
ATOM   589  C CD  . ARG A 1 77  ? -7.769  -5.059  -0.484  1.00 20.00 ? 89  ARG A CD  1 
ATOM   590  N NE  . ARG A 1 77  ? -7.813  -3.915  -1.390  1.00 20.00 ? 89  ARG A NE  1 
ATOM   591  C CZ  . ARG A 1 77  ? -8.507  -2.810  -1.162  1.00 20.00 ? 89  ARG A CZ  1 
ATOM   592  N NH1 . ARG A 1 77  ? -9.219  -2.690  -0.049  1.00 20.00 ? 89  ARG A NH1 1 
ATOM   593  N NH2 . ARG A 1 77  ? -8.489  -1.818  -2.043  1.00 20.00 ? 89  ARG A NH2 1 
ATOM   594  N N   . LEU A 1 78  ? -3.644  -5.827  -3.174  1.00 14.45 ? 90  LEU A N   1 
ATOM   595  C CA  . LEU A 1 78  ? -3.671  -6.068  -4.602  1.00 15.83 ? 90  LEU A CA  1 
ATOM   596  C C   . LEU A 1 78  ? -2.495  -6.942  -5.122  1.00 16.03 ? 90  LEU A C   1 
ATOM   597  O O   . LEU A 1 78  ? -2.468  -7.212  -6.317  1.00 18.45 ? 90  LEU A O   1 
ATOM   598  C CB  . LEU A 1 78  ? -3.666  -4.746  -5.333  1.00 16.08 ? 90  LEU A CB  1 
ATOM   599  C CG  . LEU A 1 78  ? -5.004  -3.981  -5.481  1.00 21.94 ? 90  LEU A CG  1 
ATOM   600  C CD1 . LEU A 1 78  ? -5.835  -4.657  -6.564  1.00 28.09 ? 90  LEU A CD1 1 
ATOM   601  C CD2 . LEU A 1 78  ? -5.853  -3.906  -4.286  1.00 24.24 ? 90  LEU A CD2 1 
ATOM   602  N N   . GLY A 1 79  ? -1.572  -7.364  -4.267  1.00 13.61 ? 91  GLY A N   1 
ATOM   603  C CA  . GLY A 1 79  ? -0.563  -8.334  -4.625  1.00 14.35 ? 91  GLY A CA  1 
ATOM   604  C C   . GLY A 1 79  ? 0.630   -7.761  -5.304  1.00 14.83 ? 91  GLY A C   1 
ATOM   605  O O   . GLY A 1 79  ? 1.364   -8.475  -5.986  1.00 17.42 ? 91  GLY A O   1 
ATOM   606  N N   . HIS A 1 80  ? 0.862   -6.476  -5.159  1.00 12.25 ? 92  HIS A N   1 
ATOM   607  C CA  . HIS A 1 80  ? 2.022   -5.834  -5.776  1.00 12.67 ? 92  HIS A CA  1 
ATOM   608  C C   . HIS A 1 80  ? 3.287   -5.899  -4.934  1.00 12.17 ? 92  HIS A C   1 
ATOM   609  O O   . HIS A 1 80  ? 3.696   -4.958  -4.173  1.00 11.91 ? 92  HIS A O   1 
ATOM   610  C CB  . HIS A 1 80  ? 1.708   -4.418  -6.118  1.00 13.78 ? 92  HIS A CB  1 
ATOM   611  C CG  . HIS A 1 80  ? 0.566   -4.300  -7.070  1.00 15.48 ? 92  HIS A CG  1 
ATOM   612  N ND1 . HIS A 1 80  ? -0.526  -3.514  -6.877  1.00 17.81 ? 92  HIS A ND1 1 
ATOM   613  C CD2 . HIS A 1 80  ? 0.334   -5.000  -8.214  1.00 15.60 ? 92  HIS A CD2 1 
ATOM   614  C CE1 . HIS A 1 80  ? -1.347  -3.672  -7.908  1.00 15.35 ? 92  HIS A CE1 1 
ATOM   615  N NE2 . HIS A 1 80  ? -0.846  -4.556  -8.710  1.00 18.38 ? 92  HIS A NE2 1 
ATOM   616  N N   . LEU A 1 81  ? 3.949   -6.990  -5.050  1.00 11.60 ? 93  LEU A N   1 
ATOM   617  C CA  . LEU A 1 81  ? 5.117   -7.298  -4.207  1.00 10.39 ? 93  LEU A CA  1 
ATOM   618  C C   . LEU A 1 81  ? 6.168   -6.212  -4.300  1.00 12.20 ? 93  LEU A C   1 
ATOM   619  O O   . LEU A 1 81  ? 6.758   -5.805  -3.275  1.00 11.74 ? 93  LEU A O   1 
ATOM   620  C CB  . LEU A 1 81  ? 5.704   -8.652  -4.571  1.00 12.93 ? 93  LEU A CB  1 
ATOM   621  C CG  . LEU A 1 81  ? 6.974   -9.080  -3.855  1.00 12.99 ? 93  LEU A CG  1 
ATOM   622  C CD1 . LEU A 1 81  ? 6.779   -9.286  -2.360  1.00 14.74 ? 93  LEU A CD1 1 
ATOM   623  C CD2 . LEU A 1 81  ? 7.511   -10.313 -4.585  1.00 15.63 ? 93  LEU A CD2 1 
ATOM   624  N N   . GLU A 1 82  ? 6.545   -5.808  -5.509  1.00 11.72 ? 94  GLU A N   1 
ATOM   625  C CA  . GLU A 1 82  ? 7.672   -4.897  -5.629  1.00 13.69 ? 94  GLU A CA  1 
ATOM   626  C C   . GLU A 1 82  ? 7.320   -3.502  -5.130  1.00 13.06 ? 94  GLU A C   1 
ATOM   627  O O   . GLU A 1 82  ? 8.170   -2.752  -4.636  1.00 11.33 ? 94  GLU A O   1 
ATOM   628  C CB  . GLU A 1 82  ? 8.206   -4.829  -7.041  1.00 14.63 ? 94  GLU A CB  1 
ATOM   629  C CG  . GLU A 1 82  ? 8.730   -6.117  -7.578  1.00 16.38 ? 94  GLU A CG  1 
ATOM   630  C CD  . GLU A 1 82  ? 9.803   -6.685  -6.725  1.00 15.83 ? 94  GLU A CD  1 
ATOM   631  O OE1 . GLU A 1 82  ? 10.612  -5.888  -6.220  1.00 17.06 ? 94  GLU A OE1 1 
ATOM   632  O OE2 . GLU A 1 82  ? 9.851   -7.904  -6.629  1.00 17.18 ? 94  GLU A OE2 1 
ATOM   633  N N   . ILE A 1 83  ? 6.014   -3.154  -5.162  1.00 11.36 ? 95  ILE A N   1 
ATOM   634  C CA  . ILE A 1 83  ? 5.557   -1.892  -4.560  1.00 11.54 ? 95  ILE A CA  1 
ATOM   635  C C   . ILE A 1 83  ? 5.607   -1.970  -3.054  1.00 11.64 ? 95  ILE A C   1 
ATOM   636  O O   . ILE A 1 83  ? 6.088   -1.039  -2.396  1.00 12.00 ? 95  ILE A O   1 
ATOM   637  C CB  . ILE A 1 83  ? 4.171   -1.439  -5.107  1.00 12.86 ? 95  ILE A CB  1 
ATOM   638  C CG1 . ILE A 1 83  ? 4.309   -1.099  -6.614  1.00 14.22 ? 95  ILE A CG1 1 
ATOM   639  C CG2 . ILE A 1 83  ? 3.646   -0.216  -4.336  1.00 12.65 ? 95  ILE A CG2 1 
ATOM   640  C CD1 . ILE A 1 83  ? 3.052   -0.771  -7.282  1.00 15.21 ? 95  ILE A CD1 1 
ATOM   641  N N   . VAL A 1 84  ? 5.227   -3.115  -2.509  1.00 10.16 ? 96  VAL A N   1 
ATOM   642  C CA  . VAL A 1 84  ? 5.379   -3.319  -1.054  1.00 11.54 ? 96  VAL A CA  1 
ATOM   643  C C   . VAL A 1 84  ? 6.816   -3.139  -0.680  1.00 11.24 ? 96  VAL A C   1 
ATOM   644  O O   . VAL A 1 84  ? 7.123   -2.453  0.280   1.00 10.37 ? 96  VAL A O   1 
ATOM   645  C CB  . VAL A 1 84  ? 4.886   -4.748  -0.639  1.00 12.18 ? 96  VAL A CB  1 
ATOM   646  C CG1 . VAL A 1 84  ? 5.338   -5.076  0.780   1.00 12.50 ? 96  VAL A CG1 1 
ATOM   647  C CG2 . VAL A 1 84  ? 3.382   -4.821  -0.794  1.00 13.57 ? 96  VAL A CG2 1 
ATOM   648  N N   . ARG A 1 85  ? 7.696   -3.757  -1.475  1.00 11.77 ? 97  ARG A N   1 
ATOM   649  C CA  . ARG A 1 85  ? 9.107   -3.709  -1.131  1.00 12.68 ? 97  ARG A CA  1 
ATOM   650  C C   . ARG A 1 85  ? 9.614   -2.240  -1.119  1.00 12.17 ? 97  ARG A C   1 
ATOM   651  O O   . ARG A 1 85  ? 10.316  -1.871  -0.201  1.00 14.97 ? 97  ARG A O   1 
ATOM   652  C CB  . ARG A 1 85  ? 9.918   -4.579  -2.121  1.00 13.02 ? 97  ARG A CB  1 
ATOM   653  C CG  . ARG A 1 85  ? 11.347  -4.831  -1.667  1.00 13.84 ? 97  ARG A CG  1 
ATOM   654  C CD  . ARG A 1 85  ? 12.152  -5.489  -2.816  1.00 15.17 ? 97  ARG A CD  1 
ATOM   655  N NE  . ARG A 1 85  ? 11.484  -6.594  -3.509  1.00 13.67 ? 97  ARG A NE  1 
ATOM   656  C CZ  . ARG A 1 85  ? 11.331  -7.840  -3.103  1.00 14.12 ? 97  ARG A CZ  1 
ATOM   657  N NH1 . ARG A 1 85  ? 11.799  -8.229  -1.952  1.00 15.64 ? 97  ARG A NH1 1 
ATOM   658  N NH2 . ARG A 1 85  ? 10.633  -8.695  -3.862  1.00 15.13 ? 97  ARG A NH2 1 
ATOM   659  N N   . LEU A 1 86  ? 9.319   -1.468  -2.125  1.00 12.49 ? 98  LEU A N   1 
ATOM   660  C CA  . LEU A 1 86  ? 9.803   -0.113  -2.286  1.00 13.75 ? 98  LEU A CA  1 
ATOM   661  C C   . LEU A 1 86  ? 9.257   0.794   -1.207  1.00 14.34 ? 98  LEU A C   1 
ATOM   662  O O   . LEU A 1 86  ? 9.992   1.590   -0.565  1.00 13.67 ? 98  LEU A O   1 
ATOM   663  C CB  . LEU A 1 86  ? 9.523   0.378   -3.685  1.00 13.82 ? 98  LEU A CB  1 
ATOM   664  C CG  . LEU A 1 86  ? 10.125  1.777   -4.039  1.00 15.75 ? 98  LEU A CG  1 
ATOM   665  C CD1 . LEU A 1 86  ? 11.629  1.760   -3.841  1.00 17.89 ? 98  LEU A CD1 1 
ATOM   666  C CD2 . LEU A 1 86  ? 9.732   2.181   -5.464  1.00 16.68 ? 98  LEU A CD2 1 
ATOM   667  N N   . LEU A 1 87  ? 7.943   0.646   -0.970  1.00 12.30 ? 99  LEU A N   1 
ATOM   668  C CA  . LEU A 1 87  ? 7.270   1.459   0.061   1.00 12.06 ? 99  LEU A CA  1 
ATOM   669  C C   . LEU A 1 87  ? 7.950   1.230   1.421   1.00 12.24 ? 99  LEU A C   1 
ATOM   670  O O   . LEU A 1 87  ? 8.222   2.230   2.159   1.00 13.74 ? 99  LEU A O   1 
ATOM   671  C CB  . LEU A 1 87  ? 5.787   1.080   0.133   1.00 11.00 ? 99  LEU A CB  1 
ATOM   672  C CG  . LEU A 1 87  ? 4.924   1.641   -1.012  1.00 10.29 ? 99  LEU A CG  1 
ATOM   673  C CD1 . LEU A 1 87  ? 3.479   1.110   -0.952  1.00 9.43  ? 99  LEU A CD1 1 
ATOM   674  C CD2 . LEU A 1 87  ? 4.924   3.149   -1.128  1.00 12.63 ? 99  LEU A CD2 1 
ATOM   675  N N   . LEU A 1 88  ? 8.118   -0.049  1.721   1.00 12.82 ? 100 LEU A N   1 
ATOM   676  C CA  . LEU A 1 88  ? 8.788   -0.455  3.000   1.00 13.35 ? 100 LEU A CA  1 
ATOM   677  C C   . LEU A 1 88  ? 10.174  0.164   3.097   1.00 14.62 ? 100 LEU A C   1 
ATOM   678  O O   . LEU A 1 88  ? 10.509  0.781   4.135   1.00 15.13 ? 100 LEU A O   1 
ATOM   679  C CB  . LEU A 1 88  ? 8.819   -1.903  3.158   1.00 14.13 ? 100 LEU A CB  1 
ATOM   680  C CG  . LEU A 1 88  ? 7.500   -2.533  3.522   1.00 15.16 ? 100 LEU A CG  1 
ATOM   681  C CD1 . LEU A 1 88  ? 7.506   -4.042  3.385   1.00 16.17 ? 100 LEU A CD1 1 
ATOM   682  C CD2 . LEU A 1 88  ? 7.015   -2.063  4.913   1.00 14.83 ? 100 LEU A CD2 1 
ATOM   683  N N   . GLU A 1 89  ? 10.909  0.145   2.035   1.00 18.22 ? 101 GLU A N   1 
ATOM   684  C CA  . GLU A 1 89  ? 12.267  0.709   2.038   1.00 19.28 ? 101 GLU A CA  1 
ATOM   685  C C   . GLU A 1 89  ? 12.250  2.233   2.248   1.00 21.75 ? 101 GLU A C   1 
ATOM   686  O O   . GLU A 1 89  ? 13.189  2.770   2.839   1.00 23.16 ? 101 GLU A O   1 
ATOM   687  C CB  . GLU A 1 89  ? 13.016  0.296   0.764   1.00 24.96 ? 101 GLU A CB  1 
ATOM   688  C CG  . GLU A 1 89  ? 13.287  -1.215  0.688   1.00 30.25 ? 101 GLU A CG  1 
ATOM   689  C CD  . GLU A 1 89  ? 13.789  -1.678  -0.706  1.00 39.61 ? 101 GLU A CD  1 
ATOM   690  O OE1 . GLU A 1 89  ? 13.759  -0.854  -1.683  1.00 48.41 ? 101 GLU A OE1 1 
ATOM   691  O OE2 . GLU A 1 89  ? 14.158  -2.875  -0.837  1.00 41.68 ? 101 GLU A OE2 1 
ATOM   692  N N   . HIS A 1 90  ? 11.167  2.932   1.877   1.00 17.34 ? 102 HIS A N   1 
ATOM   693  C CA  . HIS A 1 90  ? 10.986  4.341   2.091   1.00 17.89 ? 102 HIS A CA  1 
ATOM   694  C C   . HIS A 1 90  ? 10.236  4.725   3.350   1.00 17.52 ? 102 HIS A C   1 
ATOM   695  O O   . HIS A 1 90  ? 9.836   5.866   3.450   1.00 19.79 ? 102 HIS A O   1 
ATOM   696  C CB  . HIS A 1 90  ? 10.320  4.934   0.849   1.00 20.35 ? 102 HIS A CB  1 
ATOM   697  C CG  . HIS A 1 90  ? 11.280  5.205   -0.253  1.00 21.23 ? 102 HIS A CG  1 
ATOM   698  N ND1 . HIS A 1 90  ? 11.820  4.216   -1.059  1.00 25.53 ? 102 HIS A ND1 1 
ATOM   699  C CD2 . HIS A 1 90  ? 11.822  6.368   -0.675  1.00 22.58 ? 102 HIS A CD2 1 
ATOM   700  C CE1 . HIS A 1 90  ? 12.660  4.772   -1.931  1.00 23.12 ? 102 HIS A CE1 1 
ATOM   701  N NE2 . HIS A 1 90  ? 12.656  6.077   -1.726  1.00 26.62 ? 102 HIS A NE2 1 
ATOM   702  N N   . GLY A 1 91  ? 10.059  3.796   4.261   1.00 14.97 ? 103 GLY A N   1 
ATOM   703  C CA  . GLY A 1 91  ? 9.528   4.091   5.542   1.00 15.27 ? 103 GLY A CA  1 
ATOM   704  C C   . GLY A 1 91  ? 8.069   3.956   5.723   1.00 13.50 ? 103 GLY A C   1 
ATOM   705  O O   . GLY A 1 91  ? 7.504   4.454   6.720   1.00 14.91 ? 103 GLY A O   1 
ATOM   706  N N   . ALA A 1 92  ? 7.378   3.212   4.790   1.00 12.06 ? 104 ALA A N   1 
ATOM   707  C CA  . ALA A 1 92  ? 5.955   2.942   5.043   1.00 12.40 ? 104 ALA A CA  1 
ATOM   708  C C   . ALA A 1 92  ? 5.760   2.247   6.401   1.00 13.43 ? 104 ALA A C   1 
ATOM   709  O O   . ALA A 1 92  ? 6.495   1.321   6.763   1.00 13.31 ? 104 ALA A O   1 
ATOM   710  C CB  . ALA A 1 92  ? 5.412   1.992   4.003   1.00 13.06 ? 104 ALA A CB  1 
ATOM   711  N N   . ASP A 1 93  ? 4.680   2.666   7.040   1.00 12.17 ? 105 ASP A N   1 
ATOM   712  C CA  . ASP A 1 93  ? 4.291   2.161   8.359   1.00 12.73 ? 105 ASP A CA  1 
ATOM   713  C C   . ASP A 1 93  ? 3.754   0.752   8.156   1.00 13.18 ? 105 ASP A C   1 
ATOM   714  O O   . ASP A 1 93  ? 2.611   0.524   7.691   1.00 13.39 ? 105 ASP A O   1 
ATOM   715  C CB  . ASP A 1 93  ? 3.220   3.105   8.920   1.00 13.43 ? 105 ASP A CB  1 
ATOM   716  C CG  . ASP A 1 93  ? 2.705   2.677   10.325  1.00 15.30 ? 105 ASP A CG  1 
ATOM   717  O OD1 . ASP A 1 93  ? 3.104   1.583   10.836  1.00 15.90 ? 105 ASP A OD1 1 
ATOM   718  O OD2 . ASP A 1 93  ? 1.827   3.422   10.866  1.00 18.13 ? 105 ASP A OD2 1 
ATOM   719  N N   . VAL A 1 94  ? 4.550   -0.231  8.557   1.00 14.04 ? 106 VAL A N   1 
ATOM   720  C CA  . VAL A 1 94  ? 4.229   -1.647  8.298   1.00 12.98 ? 106 VAL A CA  1 
ATOM   721  C C   . VAL A 1 94  ? 3.009   -2.030  9.057   1.00 13.40 ? 106 VAL A C   1 
ATOM   722  O O   . VAL A 1 94  ? 2.351   -2.989  8.627   1.00 13.87 ? 106 VAL A O   1 
ATOM   723  C CB  . VAL A 1 94  ? 5.427   -2.572  8.568   1.00 14.38 ? 106 VAL A CB  1 
ATOM   724  C CG1 . VAL A 1 94  ? 5.686   -2.793  10.083  1.00 14.93 ? 106 VAL A CG1 1 
ATOM   725  C CG2 . VAL A 1 94  ? 5.275   -3.884  7.893   1.00 13.28 ? 106 VAL A CG2 1 
ATOM   726  N N   . ASN A 1 95  ? 2.751   -1.401  10.216  1.00 12.26 ? 107 ASN A N   1 
ATOM   727  C CA  . ASN A 1 95  ? 1.564   -1.729  11.005  1.00 14.36 ? 107 ASN A CA  1 
ATOM   728  C C   . ASN A 1 95  ? 0.384   -0.767  10.984  1.00 14.90 ? 107 ASN A C   1 
ATOM   729  O O   . ASN A 1 95  ? -0.510  -0.812  11.810  1.00 16.07 ? 107 ASN A O   1 
ATOM   730  C CB  . ASN A 1 95  ? 2.021   -2.003  12.485  1.00 16.88 ? 107 ASN A CB  1 
ATOM   731  C CG  . ASN A 1 95  ? 2.905   -3.250  12.580  1.00 17.16 ? 107 ASN A CG  1 
ATOM   732  O OD1 . ASN A 1 95  ? 2.570   -4.288  12.002  1.00 17.95 ? 107 ASN A OD1 1 
ATOM   733  N ND2 . ASN A 1 95  ? 4.074   -3.123  13.217  1.00 18.37 ? 107 ASN A ND2 1 
ATOM   734  N N   . ALA A 1 96  ? 0.302   0.065   9.930   1.00 11.62 ? 108 ALA A N   1 
ATOM   735  C CA  . ALA A 1 96  ? -0.878  0.868   9.792   1.00 11.73 ? 108 ALA A CA  1 
ATOM   736  C C   . ALA A 1 96  ? -2.144  0.152   9.781   1.00 10.60 ? 108 ALA A C   1 
ATOM   737  O O   . ALA A 1 96  ? -2.272  -0.877  9.194   1.00 11.70 ? 108 ALA A O   1 
ATOM   738  C CB  . ALA A 1 96  ? -0.762  1.667   8.524   1.00 12.35 ? 108 ALA A CB  1 
ATOM   739  N N   . ARG A 1 97  ? -3.156  0.746   10.432  1.00 11.95 ? 109 ARG A N   1 
ATOM   740  C CA  . ARG A 1 97  ? -4.484  0.158   10.489  1.00 13.28 ? 109 ARG A CA  1 
ATOM   741  C C   . ARG A 1 97  ? -5.432  1.001   9.659   1.00 14.07 ? 109 ARG A C   1 
ATOM   742  O O   . ARG A 1 97  ? -5.492  2.218   9.866   1.00 14.33 ? 109 ARG A O   1 
ATOM   743  C CB  . ARG A 1 97  ? -5.026  0.206   11.904  1.00 17.14 ? 109 ARG A CB  1 
ATOM   744  C CG  . ARG A 1 97  ? -4.667  -1.028  12.668  1.00 21.17 ? 109 ARG A CG  1 
ATOM   745  C CD  . ARG A 1 97  ? -3.331  -0.962  13.143  1.00 22.90 ? 109 ARG A CD  1 
ATOM   746  N NE  . ARG A 1 97  ? -3.200  -2.010  14.171  1.00 29.73 ? 109 ARG A NE  1 
ATOM   747  C CZ  . ARG A 1 97  ? -2.078  -2.287  14.812  1.00 32.35 ? 109 ARG A CZ  1 
ATOM   748  N NH1 . ARG A 1 97  ? -0.956  -1.566  14.628  1.00 27.92 ? 109 ARG A NH1 1 
ATOM   749  N NH2 . ARG A 1 97  ? -2.111  -3.248  15.725  1.00 35.22 ? 109 ARG A NH2 1 
ATOM   750  N N   . ASP A 1 98  ? -6.228  0.317   8.897   1.00 13.16 ? 110 ASP A N   1 
ATOM   751  C CA  . ASP A 1 98  ? -7.337  0.951   8.090   1.00 14.19 ? 110 ASP A CA  1 
ATOM   752  C C   . ASP A 1 98  ? -8.581  1.029   8.976   1.00 15.04 ? 110 ASP A C   1 
ATOM   753  O O   . ASP A 1 98  ? -8.530  0.693   10.158  1.00 14.17 ? 110 ASP A O   1 
ATOM   754  C CB  . ASP A 1 98  ? -7.492  0.298   6.734   1.00 14.22 ? 110 ASP A CB  1 
ATOM   755  C CG  . ASP A 1 98  ? -8.098  -1.063  6.754   1.00 14.64 ? 110 ASP A CG  1 
ATOM   756  O OD1 . ASP A 1 98  ? -8.586  -1.547  7.874   1.00 14.90 ? 110 ASP A OD1 1 
ATOM   757  O OD2 . ASP A 1 98  ? -8.171  -1.677  5.682   1.00 15.83 ? 110 ASP A OD2 1 
ATOM   758  N N   . ALA A 1 99  ? -9.690  1.421   8.384   1.00 15.36 ? 111 ALA A N   1 
ATOM   759  C CA  . ALA A 1 99  ? -10.906 1.653   9.217   1.00 16.87 ? 111 ALA A CA  1 
ATOM   760  C C   . ALA A 1 99  ? -11.393 0.357   9.843   1.00 18.34 ? 111 ALA A C   1 
ATOM   761  O O   . ALA A 1 99  ? -12.143 0.471   10.799  1.00 18.58 ? 111 ALA A O   1 
ATOM   762  C CB  . ALA A 1 99  ? -12.008 2.217   8.344   1.00 18.51 ? 111 ALA A CB  1 
ATOM   763  N N   . MET A 1 100 ? -11.101 -0.802  9.271   1.00 14.68 ? 112 MET A N   1 
ATOM   764  C CA  . MET A 1 100 ? -11.557 -2.119  9.723   1.00 14.32 ? 112 MET A CA  1 
ATOM   765  C C   . MET A 1 100 ? -10.541 -2.628  10.740  1.00 12.81 ? 112 MET A C   1 
ATOM   766  O O   . MET A 1 100 ? -10.730 -3.731  11.323  1.00 14.26 ? 112 MET A O   1 
ATOM   767  C CB  . MET A 1 100 ? -11.828 -3.092  8.592   1.00 16.82 ? 112 MET A CB  1 
ATOM   768  C CG  . MET A 1 100 ? -12.779 -2.586  7.465   1.00 20.43 ? 112 MET A CG  1 
ATOM   769  S SD  . MET A 1 100 ? -14.342 -1.999  8.166   1.00 30.81 ? 112 MET A SD  1 
ATOM   770  C CE  . MET A 1 100 ? -14.790 -3.516  8.649   1.00 19.03 ? 112 MET A CE  1 
ATOM   771  N N   . GLY A 1 101 ? -9.496  -1.875  11.003  1.00 11.31 ? 113 GLY A N   1 
ATOM   772  C CA  . GLY A 1 101 ? -8.338  -2.361  11.819  1.00 11.65 ? 113 GLY A CA  1 
ATOM   773  C C   . GLY A 1 101 ? -7.322  -3.295  11.108  1.00 11.31 ? 113 GLY A C   1 
ATOM   774  O O   . GLY A 1 101 ? -6.454  -3.864  11.793  1.00 11.91 ? 113 GLY A O   1 
ATOM   775  N N   . TRP A 1 102 ? -7.459  -3.448  9.791   1.00 11.66 ? 114 TRP A N   1 
ATOM   776  C CA  . TRP A 1 102 ? -6.597  -4.310  9.062   1.00 11.48 ? 114 TRP A CA  1 
ATOM   777  C C   . TRP A 1 102 ? -5.278  -3.608  8.885   1.00 12.36 ? 114 TRP A C   1 
ATOM   778  O O   . TRP A 1 102 ? -5.213  -2.470  8.449   1.00 11.32 ? 114 TRP A O   1 
ATOM   779  C CB  . TRP A 1 102 ? -7.249  -4.707  7.746   1.00 12.41 ? 114 TRP A CB  1 
ATOM   780  C CG  . TRP A 1 102 ? -8.472  -5.586  7.823   1.00 14.27 ? 114 TRP A CG  1 
ATOM   781  C CD1 . TRP A 1 102 ? -8.667  -6.631  8.677   1.00 15.49 ? 114 TRP A CD1 1 
ATOM   782  C CD2 . TRP A 1 102 ? -9.618  -5.542  6.987   1.00 13.88 ? 114 TRP A CD2 1 
ATOM   783  N NE1 . TRP A 1 102 ? -9.831  -7.242  8.391   1.00 15.95 ? 114 TRP A NE1 1 
ATOM   784  C CE2 . TRP A 1 102 ? -10.493 -6.568  7.436   1.00 17.63 ? 114 TRP A CE2 1 
ATOM   785  C CE3 . TRP A 1 102 ? -10.023 -4.728  5.966   1.00 16.02 ? 114 TRP A CE3 1 
ATOM   786  C CZ2 . TRP A 1 102 ? -11.703 -6.819  6.836   1.00 18.83 ? 114 TRP A CZ2 1 
ATOM   787  C CZ3 . TRP A 1 102 ? -11.254 -4.960  5.368   1.00 20.45 ? 114 TRP A CZ3 1 
ATOM   788  C CH2 . TRP A 1 102 ? -12.068 -5.993  5.803   1.00 18.13 ? 114 TRP A CH2 1 
ATOM   789  N N   . THR A 1 103 ? -4.215  -4.343  9.230   1.00 10.72 ? 115 THR A N   1 
ATOM   790  C CA  . THR A 1 103 ? -2.815  -4.020  8.791   1.00 11.04 ? 115 THR A CA  1 
ATOM   791  C C   . THR A 1 103 ? -2.556  -4.553  7.401   1.00 10.68 ? 115 THR A C   1 
ATOM   792  O O   . THR A 1 103 ? -3.273  -5.425  6.879   1.00 10.80 ? 115 THR A O   1 
ATOM   793  C CB  . THR A 1 103 ? -1.799  -4.629  9.832   1.00 12.02 ? 115 THR A CB  1 
ATOM   794  O OG1 . THR A 1 103 ? -1.925  -6.060  9.737   1.00 12.63 ? 115 THR A OG1 1 
ATOM   795  C CG2 . THR A 1 103 ? -2.135  -4.153  11.256  1.00 12.47 ? 115 THR A CG2 1 
ATOM   796  N N   . PRO A 1 104 ? -1.448  -4.068  6.801   1.00 10.73 ? 116 PRO A N   1 
ATOM   797  C CA  . PRO A 1 104 ? -1.067  -4.742  5.587   1.00 11.47 ? 116 PRO A CA  1 
ATOM   798  C C   . PRO A 1 104 ? -0.960  -6.265  5.669   1.00 10.58 ? 116 PRO A C   1 
ATOM   799  O O   . PRO A 1 104 ? -1.254  -6.955  4.711   1.00 10.94 ? 116 PRO A O   1 
ATOM   800  C CB  . PRO A 1 104 ? 0.230   -4.007  5.214   1.00 11.96 ? 116 PRO A CB  1 
ATOM   801  C CG  . PRO A 1 104 ? 0.055   -2.610  5.797   1.00 11.90 ? 116 PRO A CG  1 
ATOM   802  C CD  . PRO A 1 104 ? -0.625  -2.940  7.127   1.00 12.07 ? 116 PRO A CD  1 
ATOM   803  N N   . LEU A 1 105 ? -0.429  -6.744  6.761   1.00 11.14 ? 117 LEU A N   1 
ATOM   804  C CA  . LEU A 1 105 ? -0.337  -8.194  7.004   1.00 12.78 ? 117 LEU A CA  1 
ATOM   805  C C   . LEU A 1 105 ? -1.709  -8.909  6.953   1.00 11.72 ? 117 LEU A C   1 
ATOM   806  O O   . LEU A 1 105 ? -1.901  -9.977  6.321   1.00 13.27 ? 117 LEU A O   1 
ATOM   807  C CB  . LEU A 1 105 ? 0.425   -8.457  8.291   1.00 13.64 ? 117 LEU A CB  1 
ATOM   808  C CG  . LEU A 1 105 ? 0.705   -9.945  8.555   1.00 15.57 ? 117 LEU A CG  1 
ATOM   809  C CD1 . LEU A 1 105 ? 1.910   -10.363 7.640   1.00 16.52 ? 117 LEU A CD1 1 
ATOM   810  C CD2 . LEU A 1 105 ? 1.017   -10.208 9.954   1.00 16.39 ? 117 LEU A CD2 1 
ATOM   811  N N   . HIS A 1 106 ? -2.741  -8.277  7.577   1.00 12.86 ? 118 HIS A N   1 
ATOM   812  C CA  . HIS A 1 106 ? -4.092  -8.809  7.477   1.00 12.29 ? 118 HIS A CA  1 
ATOM   813  C C   . HIS A 1 106 ? -4.559  -8.895  6.071   1.00 11.85 ? 118 HIS A C   1 
ATOM   814  O O   . HIS A 1 106 ? -5.132  -9.887  5.556   1.00 11.99 ? 118 HIS A O   1 
ATOM   815  C CB  . HIS A 1 106 ? -5.129  -7.936  8.227   1.00 11.66 ? 118 HIS A CB  1 
ATOM   816  C CG  . HIS A 1 106 ? -5.062  -8.013  9.698   1.00 11.88 ? 118 HIS A CG  1 
ATOM   817  N ND1 . HIS A 1 106 ? -4.324  -7.145  10.458  1.00 13.80 ? 118 HIS A ND1 1 
ATOM   818  C CD2 . HIS A 1 106 ? -5.782  -8.756  10.582  1.00 14.11 ? 118 HIS A CD2 1 
ATOM   819  C CE1 . HIS A 1 106 ? -4.492  -7.424  11.734  1.00 14.66 ? 118 HIS A CE1 1 
ATOM   820  N NE2 . HIS A 1 106 ? -5.410  -8.366  11.821  1.00 13.53 ? 118 HIS A NE2 1 
ATOM   821  N N   . LEU A 1 107 ? -4.360  -7.829  5.289   1.00 12.56 ? 119 LEU A N   1 
ATOM   822  C CA  . LEU A 1 107 ? -4.837  -7.762  3.888   1.00 12.90 ? 119 LEU A CA  1 
ATOM   823  C C   . LEU A 1 107 ? -4.099  -8.766  2.984   1.00 13.34 ? 119 LEU A C   1 
ATOM   824  O O   . LEU A 1 107 ? -4.702  -9.413  2.135   1.00 14.53 ? 119 LEU A O   1 
ATOM   825  C CB  . LEU A 1 107 ? -4.690  -6.395  3.295   1.00 13.57 ? 119 LEU A CB  1 
ATOM   826  C CG  . LEU A 1 107 ? -5.474  -5.268  4.064   1.00 13.45 ? 119 LEU A CG  1 
ATOM   827  C CD1 . LEU A 1 107 ? -5.137  -3.909  3.416   1.00 14.55 ? 119 LEU A CD1 1 
ATOM   828  C CD2 . LEU A 1 107 ? -6.926  -5.522  3.933   1.00 14.25 ? 119 LEU A CD2 1 
ATOM   829  N N   . ALA A 1 108 ? -2.782  -8.873  3.192   1.00 12.23 ? 120 ALA A N   1 
ATOM   830  C CA  . ALA A 1 108 ? -2.022  -9.858  2.399   1.00 12.70 ? 120 ALA A CA  1 
ATOM   831  C C   . ALA A 1 108 ? -2.467  -11.289 2.759   1.00 14.50 ? 120 ALA A C   1 
ATOM   832  O O   . ALA A 1 108 ? -2.680  -12.141 1.867   1.00 17.16 ? 120 ALA A O   1 
ATOM   833  C CB  . ALA A 1 108 ? -0.544  -9.693  2.648   1.00 12.90 ? 120 ALA A CB  1 
ATOM   834  N N   . ALA A 1 109 ? -2.695  -11.480 4.046   1.00 14.55 ? 121 ALA A N   1 
ATOM   835  C CA  . ALA A 1 109 ? -3.271  -12.767 4.565   1.00 16.77 ? 121 ALA A CA  1 
ATOM   836  C C   . ALA A 1 109 ? -4.619  -13.081 3.925   1.00 18.94 ? 121 ALA A C   1 
ATOM   837  O O   . ALA A 1 109 ? -4.830  -14.190 3.389   1.00 20.57 ? 121 ALA A O   1 
ATOM   838  C CB  . ALA A 1 109 ? -3.327  -12.815 6.071   1.00 17.51 ? 121 ALA A CB  1 
ATOM   839  N N   . LYS A 1 110 ? -5.521  -12.108 3.875   1.00 18.42 ? 122 LYS A N   1 
ATOM   840  C CA  . LYS A 1 110 ? -6.841  -12.363 3.254   1.00 21.43 ? 122 LYS A CA  1 
ATOM   841  C C   . LYS A 1 110 ? -6.740  -12.819 1.803   1.00 22.50 ? 122 LYS A C   1 
ATOM   842  O O   . LYS A 1 110 ? -7.473  -13.701 1.409   1.00 25.34 ? 122 LYS A O   1 
ATOM   843  C CB  . LYS A 1 110 ? -7.780  -11.148 3.362   1.00 22.95 ? 122 LYS A CB  1 
ATOM   844  C CG  . LYS A 1 110 ? -8.254  -10.906 4.805   1.00 26.11 ? 122 LYS A CG  1 
ATOM   845  C CD  . LYS A 1 110 ? -8.581  -9.437  5.180   1.00 29.29 ? 122 LYS A CD  1 
ATOM   846  C CE  . LYS A 1 110 ? -9.591  -8.804  4.247   1.00 32.61 ? 122 LYS A CE  1 
ATOM   847  N NZ  . LYS A 1 110 ? -10.917 -9.486  4.483   1.00 35.74 ? 122 LYS A NZ  1 
ATOM   848  N N   . LYS A 1 111 ? -5.809  -12.287 1.030   1.00 21.07 ? 123 LYS A N   1 
ATOM   849  C CA  . LYS A 1 111 ? -5.728  -12.595 -0.354  1.00 24.57 ? 123 LYS A CA  1 
ATOM   850  C C   . LYS A 1 111 ? -4.753  -13.721 -0.653  1.00 23.42 ? 123 LYS A C   1 
ATOM   851  O O   . LYS A 1 111 ? -4.566  -14.043 -1.802  1.00 29.31 ? 123 LYS A O   1 
ATOM   852  C CB  . LYS A 1 111 ? -5.276  -11.369 -1.102  1.00 24.77 ? 123 LYS A CB  1 
ATOM   853  C CG  . LYS A 1 111 ? -6.155  -10.138 -0.919  1.00 28.15 ? 123 LYS A CG  1 
ATOM   854  C CD  . LYS A 1 111 ? -7.514  -10.240 -1.589  1.00 33.86 ? 123 LYS A CD  1 
ATOM   855  C CE  . LYS A 1 111 ? -7.460  -10.024 -3.103  1.00 42.92 ? 123 LYS A CE  1 
ATOM   856  N NZ  . LYS A 1 111 ? -7.251  -8.570  -3.467  1.00 46.60 ? 123 LYS A NZ  1 
ATOM   857  N N   . GLY A 1 112 ? -4.133  -14.280 0.353   1.00 20.48 ? 124 GLY A N   1 
ATOM   858  C CA  . GLY A 1 112 ? -3.164  -15.354 0.202   1.00 22.25 ? 124 GLY A CA  1 
ATOM   859  C C   . GLY A 1 112 ? -1.844  -15.035 -0.458  1.00 22.77 ? 124 GLY A C   1 
ATOM   860  O O   . GLY A 1 112 ? -1.232  -15.903 -1.153  1.00 22.89 ? 124 GLY A O   1 
ATOM   861  N N   . HIS A 1 113 ? -1.381  -13.792 -0.312  1.00 20.33 ? 125 HIS A N   1 
ATOM   862  C CA  . HIS A 1 113 ? -0.122  -13.339 -0.984  1.00 18.42 ? 125 HIS A CA  1 
ATOM   863  C C   . HIS A 1 113 ? 1.084   -13.674 -0.156  1.00 19.29 ? 125 HIS A C   1 
ATOM   864  O O   . HIS A 1 113 ? 1.541   -12.863 0.681   1.00 17.38 ? 125 HIS A O   1 
ATOM   865  C CB  . HIS A 1 113 ? -0.131  -11.835 -1.300  1.00 17.85 ? 125 HIS A CB  1 
ATOM   866  C CG  . HIS A 1 113 ? -1.238  -11.373 -2.155  1.00 19.68 ? 125 HIS A CG  1 
ATOM   867  N ND1 . HIS A 1 113 ? -1.677  -12.034 -3.296  1.00 24.76 ? 125 HIS A ND1 1 
ATOM   868  C CD2 . HIS A 1 113 ? -2.016  -10.276 -2.037  1.00 18.73 ? 125 HIS A CD2 1 
ATOM   869  C CE1 . HIS A 1 113 ? -2.667  -11.343 -3.838  1.00 22.28 ? 125 HIS A CE1 1 
ATOM   870  N NE2 . HIS A 1 113 ? -2.883  -10.276 -3.091  1.00 21.54 ? 125 HIS A NE2 1 
ATOM   871  N N   . LEU A 1 114 ? 1.639   -14.887 -0.363  1.00 20.55 ? 126 LEU A N   1 
ATOM   872  C CA  . LEU A 1 114 ? 2.646   -15.429 0.567   1.00 20.92 ? 126 LEU A CA  1 
ATOM   873  C C   . LEU A 1 114 ? 3.944   -14.663 0.587   1.00 16.24 ? 126 LEU A C   1 
ATOM   874  O O   . LEU A 1 114 ? 4.485   -14.457 1.677   1.00 17.32 ? 126 LEU A O   1 
ATOM   875  C CB  . LEU A 1 114 ? 2.932   -16.918 0.269   1.00 26.93 ? 126 LEU A CB  1 
ATOM   876  C CG  . LEU A 1 114 ? 1.683   -17.847 0.280   1.00 33.67 ? 126 LEU A CG  1 
ATOM   877  C CD1 . LEU A 1 114 ? 2.090   -19.294 -0.057  1.00 35.67 ? 126 LEU A CD1 1 
ATOM   878  C CD2 . LEU A 1 114 ? 0.889   -17.857 1.621   1.00 35.63 ? 126 LEU A CD2 1 
ATOM   879  N N   . GLU A 1 115 ? 4.474   -14.243 -0.598  1.00 18.46 ? 127 GLU A N   1 
ATOM   880  C CA  . GLU A 1 115 ? 5.747   -13.520 -0.598  1.00 19.17 ? 127 GLU A CA  1 
ATOM   881  C C   . GLU A 1 115 ? 5.578   -12.159 0.078   1.00 17.23 ? 127 GLU A C   1 
ATOM   882  O O   . GLU A 1 115 ? 6.527   -11.653 0.726   1.00 14.79 ? 127 GLU A O   1 
ATOM   883  C CB  . GLU A 1 115 ? 6.364   -13.350 -1.977  1.00 20.35 ? 127 GLU A CB  1 
ATOM   884  C CG  . GLU A 1 115 ? 6.856   -14.671 -2.601  1.00 24.48 ? 127 GLU A CG  1 
ATOM   885  C CD  . GLU A 1 115 ? 8.048   -15.375 -1.853  1.00 28.10 ? 127 GLU A CD  1 
ATOM   886  O OE1 . GLU A 1 115 ? 8.822   -14.729 -1.065  1.00 27.62 ? 127 GLU A OE1 1 
ATOM   887  O OE2 . GLU A 1 115 ? 8.226   -16.608 -2.126  1.00 34.14 ? 127 GLU A OE2 1 
ATOM   888  N N   . ILE A 1 116 ? 4.409   -11.533 -0.153  1.00 15.35 ? 128 ILE A N   1 
ATOM   889  C CA  . ILE A 1 116 ? 4.144   -10.217 0.556   1.00 14.34 ? 128 ILE A CA  1 
ATOM   890  C C   . ILE A 1 116 ? 4.142   -10.432 2.065   1.00 14.43 ? 128 ILE A C   1 
ATOM   891  O O   . ILE A 1 116 ? 4.766   -9.691  2.816   1.00 13.30 ? 128 ILE A O   1 
ATOM   892  C CB  . ILE A 1 116 ? 2.842   -9.554  -0.007  1.00 13.92 ? 128 ILE A CB  1 
ATOM   893  C CG1 . ILE A 1 116 ? 3.148   -8.992  -1.355  1.00 13.57 ? 128 ILE A CG1 1 
ATOM   894  C CG2 . ILE A 1 116 ? 2.389   -8.413  0.929   1.00 11.76 ? 128 ILE A CG2 1 
ATOM   895  C CD1 . ILE A 1 116 ? 1.970   -8.570  -2.148  1.00 13.48 ? 128 ILE A CD1 1 
ATOM   896  N N   . VAL A 1 117 ? 3.438   -11.491 2.533   1.00 15.13 ? 129 VAL A N   1 
ATOM   897  C CA  . VAL A 1 117 ? 3.428   -11.851 3.939   1.00 16.35 ? 129 VAL A CA  1 
ATOM   898  C C   . VAL A 1 117 ? 4.817   -12.000 4.483   1.00 16.01 ? 129 VAL A C   1 
ATOM   899  O O   . VAL A 1 117 ? 5.250   -11.375 5.488   1.00 16.12 ? 129 VAL A O   1 
ATOM   900  C CB  . VAL A 1 117 ? 2.582   -13.073 4.194   1.00 17.49 ? 129 VAL A CB  1 
ATOM   901  C CG1 . VAL A 1 117 ? 2.855   -13.606 5.605   1.00 17.44 ? 129 VAL A CG1 1 
ATOM   902  C CG2 . VAL A 1 117 ? 1.116   -12.801 3.946   1.00 17.50 ? 129 VAL A CG2 1 
ATOM   903  N N   . ARG A 1 118 ? 5.639   -12.754 3.746   1.00 17.29 ? 130 ARG A N   1 
ATOM   904  C CA  . ARG A 1 118 ? 6.995   -12.953 4.281   1.00 20.44 ? 130 ARG A CA  1 
ATOM   905  C C   . ARG A 1 118 ? 7.753   -11.673 4.363   1.00 17.05 ? 130 ARG A C   1 
ATOM   906  O O   . ARG A 1 118 ? 8.528   -11.453 5.283   1.00 19.58 ? 130 ARG A O   1 
ATOM   907  C CB  . ARG A 1 118 ? 7.787   -13.937 3.372   1.00 21.11 ? 130 ARG A CB  1 
ATOM   908  C CG  . ARG A 1 118 ? 7.359   -15.406 3.381   1.00 25.34 ? 130 ARG A CG  1 
ATOM   909  C CD  . ARG A 1 118 ? 8.230   -16.209 2.406   1.00 30.45 ? 130 ARG A CD  1 
ATOM   910  N NE  . ARG A 1 118 ? 7.919   -17.618 2.541   1.00 40.29 ? 130 ARG A NE  1 
ATOM   911  C CZ  . ARG A 1 118 ? 7.193   -18.385 1.711   1.00 52.12 ? 130 ARG A CZ  1 
ATOM   912  N NH1 . ARG A 1 118 ? 6.664   -17.916 0.566   1.00 59.80 ? 130 ARG A NH1 1 
ATOM   913  N NH2 . ARG A 1 118 ? 7.022   -19.686 2.028   1.00 56.34 ? 130 ARG A NH2 1 
ATOM   914  N N   . LEU A 1 119 ? 7.567   -10.830 3.356   1.00 16.74 ? 131 LEU A N   1 
ATOM   915  C CA  . LEU A 1 119 ? 8.311   -9.563  3.294   1.00 17.02 ? 131 LEU A CA  1 
ATOM   916  C C   . LEU A 1 119 ? 7.879   -8.582  4.392   1.00 16.17 ? 131 LEU A C   1 
ATOM   917  O O   . LEU A 1 119 ? 8.687   -7.893  5.076   1.00 15.92 ? 131 LEU A O   1 
ATOM   918  C CB  . LEU A 1 119 ? 8.169   -8.925  1.901   1.00 17.17 ? 131 LEU A CB  1 
ATOM   919  C CG  . LEU A 1 119 ? 8.912   -7.587  1.755   1.00 18.57 ? 131 LEU A CG  1 
ATOM   920  C CD1 . LEU A 1 119 ? 10.397  -7.780  1.854   1.00 19.28 ? 131 LEU A CD1 1 
ATOM   921  C CD2 . LEU A 1 119 ? 8.594   -7.099  0.359   1.00 20.89 ? 131 LEU A CD2 1 
ATOM   922  N N   . LEU A 1 120 ? 6.557   -8.531  4.601   1.00 15.73 ? 132 LEU A N   1 
ATOM   923  C CA  . LEU A 1 120 ? 6.026   -7.789  5.705   1.00 13.87 ? 132 LEU A CA  1 
ATOM   924  C C   . LEU A 1 120 ? 6.568   -8.247  7.075   1.00 13.87 ? 132 LEU A C   1 
ATOM   925  O O   . LEU A 1 120 ? 6.957   -7.423  7.933   1.00 15.71 ? 132 LEU A O   1 
ATOM   926  C CB  . LEU A 1 120 ? 4.490   -7.809  5.671   1.00 12.62 ? 132 LEU A CB  1 
ATOM   927  C CG  . LEU A 1 120 ? 3.865   -7.029  4.547   1.00 12.65 ? 132 LEU A CG  1 
ATOM   928  C CD1 . LEU A 1 120 ? 2.377   -7.464  4.468   1.00 12.53 ? 132 LEU A CD1 1 
ATOM   929  C CD2 . LEU A 1 120 ? 4.079   -5.538  4.709   1.00 14.58 ? 132 LEU A CD2 1 
ATOM   930  N N   . LEU A 1 121 ? 6.573   -9.543  7.242   1.00 16.13 ? 133 LEU A N   1 
ATOM   931  C CA  . LEU A 1 121 ? 7.147   -10.070 8.475   1.00 17.15 ? 133 LEU A CA  1 
ATOM   932  C C   . LEU A 1 121 ? 8.625   -9.645  8.665   1.00 21.39 ? 133 LEU A C   1 
ATOM   933  O O   . LEU A 1 121 ? 9.014   -9.152  9.750   1.00 20.73 ? 133 LEU A O   1 
ATOM   934  C CB  . LEU A 1 121 ? 6.969   -11.573 8.492   1.00 18.07 ? 133 LEU A CB  1 
ATOM   935  C CG  . LEU A 1 121 ? 5.568   -12.040 8.667   1.00 18.23 ? 133 LEU A CG  1 
ATOM   936  C CD1 . LEU A 1 121 ? 5.421   -13.496 8.312   1.00 19.69 ? 133 LEU A CD1 1 
ATOM   937  C CD2 . LEU A 1 121 ? 5.079   -11.699 10.055  1.00 19.73 ? 133 LEU A CD2 1 
ATOM   938  N N   . LYS A 1 122 ? 9.407   -9.685  7.580   1.00 20.05 ? 134 LYS A N   1 
ATOM   939  C CA  . LYS A 1 122 ? 10.823  -9.253  7.676   1.00 24.63 ? 134 LYS A CA  1 
ATOM   940  C C   . LYS A 1 122 ? 10.939  -7.860  8.085   1.00 26.30 ? 134 LYS A C   1 
ATOM   941  O O   . LYS A 1 122 ? 11.921  -7.508  8.706   1.00 24.55 ? 134 LYS A O   1 
ATOM   942  C CB  . LYS A 1 122 ? 11.616  -9.396  6.385   1.00 30.30 ? 134 LYS A CB  1 
ATOM   943  C CG  . LYS A 1 122 ? 11.778  -10.800 5.883   1.00 40.07 ? 134 LYS A CG  1 
ATOM   944  C CD  . LYS A 1 122 ? 12.788  -10.813 4.719   1.00 47.37 ? 134 LYS A CD  1 
ATOM   945  C CE  . LYS A 1 122 ? 13.220  -12.256 4.374   1.00 53.01 ? 134 LYS A CE  1 
ATOM   946  N NZ  . LYS A 1 122 ? 12.085  -13.252 4.313   1.00 49.58 ? 134 LYS A NZ  1 
ATOM   947  N N   . HIS A 1 123 ? 9.951   -7.016  7.752   1.00 21.58 ? 135 HIS A N   1 
ATOM   948  C CA  . HIS A 1 123 ? 10.016  -5.608  8.143   1.00 21.00 ? 135 HIS A CA  1 
ATOM   949  C C   . HIS A 1 123 ? 9.239   -5.215  9.373   1.00 18.87 ? 135 HIS A C   1 
ATOM   950  O O   . HIS A 1 123 ? 8.995   -4.052  9.531   1.00 21.04 ? 135 HIS A O   1 
ATOM   951  C CB  . HIS A 1 123 ? 9.535   -4.706  6.989   1.00 21.57 ? 135 HIS A CB  1 
ATOM   952  C CG  . HIS A 1 123 ? 10.557  -4.476  5.926   1.00 21.58 ? 135 HIS A CG  1 
ATOM   953  N ND1 . HIS A 1 123 ? 10.860  -5.400  4.961   1.00 27.17 ? 135 HIS A ND1 1 
ATOM   954  C CD2 . HIS A 1 123 ? 11.271  -3.366  5.629   1.00 20.41 ? 135 HIS A CD2 1 
ATOM   955  C CE1 . HIS A 1 123 ? 11.703  -4.864  4.099   1.00 24.69 ? 135 HIS A CE1 1 
ATOM   956  N NE2 . HIS A 1 123 ? 11.984  -3.640  4.497   1.00 22.87 ? 135 HIS A NE2 1 
ATOM   957  N N   . GLY A 1 124 ? 8.872   -6.189  10.207  1.00 19.25 ? 136 GLY A N   1 
ATOM   958  C CA  . GLY A 1 124 ? 8.394   -5.955  11.528  1.00 19.54 ? 136 GLY A CA  1 
ATOM   959  C C   . GLY A 1 124 ? 6.893   -5.967  11.680  1.00 19.12 ? 136 GLY A C   1 
ATOM   960  O O   . GLY A 1 124 ? 6.375   -5.434  12.660  1.00 19.77 ? 136 GLY A O   1 
ATOM   961  N N   . ALA A 1 125 ? 6.188   -6.534  10.717  1.00 16.99 ? 137 ALA A N   1 
ATOM   962  C CA  . ALA A 1 125 ? 4.703   -6.627  10.844  1.00 17.87 ? 137 ALA A CA  1 
ATOM   963  C C   . ALA A 1 125 ? 4.372   -7.353  12.117  1.00 20.67 ? 137 ALA A C   1 
ATOM   964  O O   . ALA A 1 125 ? 4.974   -8.390  12.431  1.00 19.76 ? 137 ALA A O   1 
ATOM   965  C CB  . ALA A 1 125 ? 4.172   -7.451  9.701   1.00 18.44 ? 137 ALA A CB  1 
ATOM   966  N N   . ASP A 1 126 ? 3.333   -6.860  12.768  1.00 17.71 ? 138 ASP A N   1 
ATOM   967  C CA  . ASP A 1 126 ? 2.925   -7.372  14.067  1.00 18.93 ? 138 ASP A CA  1 
ATOM   968  C C   . ASP A 1 126 ? 2.042   -8.526  13.857  1.00 19.97 ? 138 ASP A C   1 
ATOM   969  O O   . ASP A 1 126 ? 0.858   -8.361  13.529  1.00 19.28 ? 138 ASP A O   1 
ATOM   970  C CB  . ASP A 1 126 ? 2.303   -6.265  14.858  1.00 19.96 ? 138 ASP A CB  1 
ATOM   971  C CG  . ASP A 1 126 ? 1.894   -6.694  16.284  1.00 23.72 ? 138 ASP A CG  1 
ATOM   972  O OD1 . ASP A 1 126 ? 2.006   -7.889  16.614  1.00 21.77 ? 138 ASP A OD1 1 
ATOM   973  O OD2 . ASP A 1 126 ? 1.408   -5.806  17.011  1.00 26.07 ? 138 ASP A OD2 1 
ATOM   974  N N   . VAL A 1 127 ? 2.534   -9.742  14.173  1.00 19.48 ? 139 VAL A N   1 
ATOM   975  C CA  . VAL A 1 127 ? 1.742   -10.906 13.957  1.00 20.54 ? 139 VAL A CA  1 
ATOM   976  C C   . VAL A 1 127 ? 0.546   -11.023 14.925  1.00 21.41 ? 139 VAL A C   1 
ATOM   977  O O   . VAL A 1 127 ? -0.381  -11.736 14.669  1.00 25.74 ? 139 VAL A O   1 
ATOM   978  C CB  . VAL A 1 127 ? 2.698   -12.155 13.904  1.00 27.93 ? 139 VAL A CB  1 
ATOM   979  C CG1 . VAL A 1 127 ? 3.124   -12.610 15.287  1.00 25.89 ? 139 VAL A CG1 1 
ATOM   980  C CG2 . VAL A 1 127 ? 2.095   -13.264 13.100  1.00 32.33 ? 139 VAL A CG2 1 
ATOM   981  N N   . ASN A 1 128 ? 0.571   -10.288 16.009  1.00 21.41 ? 140 ASN A N   1 
ATOM   982  C CA  . ASN A 1 128 ? -0.477  -10.372 17.073  1.00 25.19 ? 140 ASN A CA  1 
ATOM   983  C C   . ASN A 1 128 ? -1.470  -9.229  16.967  1.00 23.23 ? 140 ASN A C   1 
ATOM   984  O O   . ASN A 1 128 ? -2.349  -9.102  17.816  1.00 23.91 ? 140 ASN A O   1 
ATOM   985  C CB  . ASN A 1 128 ? 0.179   -10.294 18.469  1.00 28.91 ? 140 ASN A CB  1 
ATOM   986  C CG  . ASN A 1 128 ? 1.130   -11.458 18.727  1.00 31.73 ? 140 ASN A CG  1 
ATOM   987  O OD1 . ASN A 1 128 ? 0.806   -12.614 18.461  1.00 33.09 ? 140 ASN A OD1 1 
ATOM   988  N ND2 . ASN A 1 128 ? 2.322   -11.136 19.151  1.00 36.19 ? 140 ASN A ND2 1 
ATOM   989  N N   . ALA A 1 129 ? -1.328  -8.384  15.943  1.00 21.93 ? 141 ALA A N   1 
ATOM   990  C CA  . ALA A 1 129 ? -2.277  -7.259  15.815  1.00 19.64 ? 141 ALA A CA  1 
ATOM   991  C C   . ALA A 1 129 ? -3.708  -7.796  15.517  1.00 17.21 ? 141 ALA A C   1 
ATOM   992  O O   . ALA A 1 129 ? -3.900  -8.607  14.659  1.00 16.85 ? 141 ALA A O   1 
ATOM   993  C CB  . ALA A 1 129 ? -1.807  -6.276  14.739  1.00 21.66 ? 141 ALA A CB  1 
ATOM   994  N N   . ASN A 1 130 ? -4.684  -7.405  16.343  1.00 17.57 ? 142 ASN A N   1 
ATOM   995  C CA  . ASN A 1 130 ? -6.075  -7.757  16.086  1.00 17.70 ? 142 ASN A CA  1 
ATOM   996  C C   . ASN A 1 130 ? -6.756  -6.642  15.329  1.00 14.94 ? 142 ASN A C   1 
ATOM   997  O O   . ASN A 1 130 ? -6.570  -5.466  15.685  1.00 18.38 ? 142 ASN A O   1 
ATOM   998  C CB  . ASN A 1 130 ? -6.831  -7.832  17.427  1.00 23.63 ? 142 ASN A CB  1 
ATOM   999  C CG  . ASN A 1 130 ? -6.472  -9.072  18.245  1.00 28.74 ? 142 ASN A CG  1 
ATOM   1000 O OD1 . ASN A 1 130 ? -6.071  -8.938  19.384  1.00 46.28 ? 142 ASN A OD1 1 
ATOM   1001 N ND2 . ASN A 1 130 ? -6.550  -10.237 17.660  1.00 28.71 ? 142 ASN A ND2 1 
ATOM   1002 N N   . ASP A 1 131 ? -7.542  -7.036  14.349  1.00 12.71 ? 143 ASP A N   1 
ATOM   1003 C CA  . ASP A 1 131 ? -8.408  -6.091  13.596  1.00 14.36 ? 143 ASP A CA  1 
ATOM   1004 C C   . ASP A 1 131 ? -9.676  -5.797  14.443  1.00 12.82 ? 143 ASP A C   1 
ATOM   1005 O O   . ASP A 1 131 ? -9.779  -6.321  15.548  1.00 15.73 ? 143 ASP A O   1 
ATOM   1006 C CB  . ASP A 1 131 ? -8.720  -6.593  12.209  1.00 15.41 ? 143 ASP A CB  1 
ATOM   1007 C CG  . ASP A 1 131 ? -9.477  -7.862  12.143  1.00 14.17 ? 143 ASP A CG  1 
ATOM   1008 O OD1 . ASP A 1 131 ? -10.245 -8.185  13.113  1.00 14.93 ? 143 ASP A OD1 1 
ATOM   1009 O OD2 . ASP A 1 131 ? -9.390  -8.574  11.163  1.00 15.19 ? 143 ASP A OD2 1 
ATOM   1010 N N   . HIS A 1 132 ? -10.605 -5.020  13.899  1.00 12.86 ? 144 HIS A N   1 
ATOM   1011 C CA  . HIS A 1 132 ? -11.871 -4.711  14.656  1.00 12.25 ? 144 HIS A CA  1 
ATOM   1012 C C   . HIS A 1 132 ? -12.771 -5.882  14.784  1.00 13.09 ? 144 HIS A C   1 
ATOM   1013 O O   . HIS A 1 132 ? -13.658 -5.829  15.638  1.00 12.54 ? 144 HIS A O   1 
ATOM   1014 C CB  . HIS A 1 132 ? -12.578 -3.480  14.065  1.00 12.32 ? 144 HIS A CB  1 
ATOM   1015 C CG  . HIS A 1 132 ? -11.865 -2.210  14.388  1.00 13.70 ? 144 HIS A CG  1 
ATOM   1016 N ND1 . HIS A 1 132 ? -11.529 -1.835  15.663  1.00 14.77 ? 144 HIS A ND1 1 
ATOM   1017 C CD2 . HIS A 1 132 ? -11.491 -1.170  13.595  1.00 13.84 ? 144 HIS A CD2 1 
ATOM   1018 C CE1 . HIS A 1 132 ? -10.910 -0.660  15.660  1.00 15.88 ? 144 HIS A CE1 1 
ATOM   1019 N NE2 . HIS A 1 132 ? -10.879 -0.237  14.413  1.00 15.24 ? 144 HIS A NE2 1 
ATOM   1020 N N   . PHE A 1 133 ? -12.582 -6.929  14.031  1.00 12.60 ? 145 PHE A N   1 
ATOM   1021 C CA  . PHE A 1 133 ? -13.330 -8.198  14.187  1.00 13.44 ? 145 PHE A CA  1 
ATOM   1022 C C   . PHE A 1 133 ? -12.715 -9.103  15.243  1.00 14.30 ? 145 PHE A C   1 
ATOM   1023 O O   . PHE A 1 133 ? -13.273 -10.186 15.560  1.00 16.53 ? 145 PHE A O   1 
ATOM   1024 C CB  . PHE A 1 133 ? -13.342 -8.973  12.848  1.00 13.73 ? 145 PHE A CB  1 
ATOM   1025 C CG  . PHE A 1 133 ? -14.037 -8.257  11.706  1.00 14.30 ? 145 PHE A CG  1 
ATOM   1026 C CD1 . PHE A 1 133 ? -13.330 -7.402  10.891  1.00 18.15 ? 145 PHE A CD1 1 
ATOM   1027 C CD2 . PHE A 1 133 ? -15.398 -8.404  11.468  1.00 14.62 ? 145 PHE A CD2 1 
ATOM   1028 C CE1 . PHE A 1 133 ? -13.944 -6.695  9.904   1.00 19.37 ? 145 PHE A CE1 1 
ATOM   1029 C CE2 . PHE A 1 133 ? -16.043 -7.721  10.412  1.00 16.25 ? 145 PHE A CE2 1 
ATOM   1030 C CZ  . PHE A 1 133 ? -15.295 -6.879  9.608   1.00 19.47 ? 145 PHE A CZ  1 
ATOM   1031 N N   . GLY A 1 134 ? -11.601 -8.714  15.805  1.00 14.02 ? 146 GLY A N   1 
ATOM   1032 C CA  . GLY A 1 134 ? -10.863 -9.521  16.793  1.00 16.78 ? 146 GLY A CA  1 
ATOM   1033 C C   . GLY A 1 134 ? -9.959  -10.610 16.239  1.00 19.15 ? 146 GLY A C   1 
ATOM   1034 O O   . GLY A 1 134 ? -9.605  -11.528 16.961  1.00 20.53 ? 146 GLY A O   1 
ATOM   1035 N N   . LYS A 1 135 ? -9.532  -10.438 14.992  1.00 18.50 ? 147 LYS A N   1 
ATOM   1036 C CA  . LYS A 1 135 ? -8.812  -11.441 14.212  1.00 17.67 ? 147 LYS A CA  1 
ATOM   1037 C C   . LYS A 1 135 ? -7.384  -10.961 13.986  1.00 18.34 ? 147 LYS A C   1 
ATOM   1038 O O   . LYS A 1 135 ? -7.143  -9.768  13.668  1.00 15.25 ? 147 LYS A O   1 
ATOM   1039 C CB  . LYS A 1 135 ? -9.421  -11.631 12.838  1.00 20.98 ? 147 LYS A CB  1 
ATOM   1040 C CG  . LYS A 1 135 ? -10.863 -11.998 12.754  1.00 25.50 ? 147 LYS A CG  1 
ATOM   1041 C CD  . LYS A 1 135 ? -11.061 -13.418 13.187  1.00 31.64 ? 147 LYS A CD  1 
ATOM   1042 C CE  . LYS A 1 135 ? -12.427 -13.885 12.743  1.00 36.03 ? 147 LYS A CE  1 
ATOM   1043 N NZ  . LYS A 1 135 ? -12.690 -15.125 13.490  1.00 41.79 ? 147 LYS A NZ  1 
ATOM   1044 N N   . THR A 1 136 ? -6.443  -11.898 14.138  1.00 17.89 ? 148 THR A N   1 
ATOM   1045 C CA  . THR A 1 136 ? -5.041  -11.718 13.693  1.00 17.64 ? 148 THR A CA  1 
ATOM   1046 C C   . THR A 1 136 ? -4.971  -12.225 12.294  1.00 17.12 ? 148 THR A C   1 
ATOM   1047 O O   . THR A 1 136 ? -5.850  -12.913 11.762  1.00 17.46 ? 148 THR A O   1 
ATOM   1048 C CB  . THR A 1 136 ? -4.089  -12.563 14.582  1.00 20.14 ? 148 THR A CB  1 
ATOM   1049 O OG1 . THR A 1 136 ? -4.421  -13.962 14.380  1.00 20.28 ? 148 THR A OG1 1 
ATOM   1050 C CG2 . THR A 1 136 ? -4.189  -12.129 16.048  1.00 22.30 ? 148 THR A CG2 1 
ATOM   1051 N N   . ALA A 1 137 ? -3.861  -11.912 11.619  1.00 15.89 ? 149 ALA A N   1 
ATOM   1052 C CA  . ALA A 1 137 ? -3.635  -12.494 10.334  1.00 16.71 ? 149 ALA A CA  1 
ATOM   1053 C C   . ALA A 1 137 ? -3.546  -14.050 10.329  1.00 16.04 ? 149 ALA A C   1 
ATOM   1054 O O   . ALA A 1 137 ? -3.986  -14.708 9.411   1.00 17.79 ? 149 ALA A O   1 
ATOM   1055 C CB  . ALA A 1 137 ? -2.361  -11.904 9.737   1.00 16.92 ? 149 ALA A CB  1 
ATOM   1056 N N   . PHE A 1 138 ? -2.997  -14.585 11.412  1.00 19.77 ? 150 PHE A N   1 
ATOM   1057 C CA  . PHE A 1 138 ? -3.094  -16.039 11.629  1.00 24.00 ? 150 PHE A CA  1 
ATOM   1058 C C   . PHE A 1 138 ? -4.533  -16.504 11.727  1.00 23.54 ? 150 PHE A C   1 
ATOM   1059 O O   . PHE A 1 138 ? -4.910  -17.472 11.055  1.00 23.70 ? 150 PHE A O   1 
ATOM   1060 C CB  . PHE A 1 138 ? -2.371  -16.435 12.915  1.00 25.68 ? 150 PHE A CB  1 
ATOM   1061 C CG  . PHE A 1 138 ? -2.486  -17.889 13.202  1.00 28.03 ? 150 PHE A CG  1 
ATOM   1062 C CD1 . PHE A 1 138 ? -1.876  -18.819 12.334  1.00 29.36 ? 150 PHE A CD1 1 
ATOM   1063 C CD2 . PHE A 1 138 ? -3.263  -18.374 14.301  1.00 35.10 ? 150 PHE A CD2 1 
ATOM   1064 C CE1 . PHE A 1 138 ? -2.008  -20.198 12.585  1.00 32.37 ? 150 PHE A CE1 1 
ATOM   1065 C CE2 . PHE A 1 138 ? -3.395  -19.762 14.532  1.00 34.03 ? 150 PHE A CE2 1 
ATOM   1066 C CZ  . PHE A 1 138 ? -2.750  -20.661 13.686  1.00 32.52 ? 150 PHE A CZ  1 
ATOM   1067 N N   . ASP A 1 139 ? -5.384  -15.796 12.479  1.00 23.79 ? 151 ASP A N   1 
ATOM   1068 C CA  . ASP A 1 139 ? -6.838  -16.220 12.495  1.00 24.71 ? 151 ASP A CA  1 
ATOM   1069 C C   . ASP A 1 139 ? -7.392  -16.220 11.115  1.00 22.38 ? 151 ASP A C   1 
ATOM   1070 O O   . ASP A 1 139 ? -8.162  -17.097 10.733  1.00 25.06 ? 151 ASP A O   1 
ATOM   1071 C CB  . ASP A 1 139 ? -7.721  -15.299 13.383  1.00 24.52 ? 151 ASP A CB  1 
ATOM   1072 C CG  . ASP A 1 139 ? -7.369  -15.374 14.815  1.00 28.42 ? 151 ASP A CG  1 
ATOM   1073 O OD1 . ASP A 1 139 ? -7.039  -16.545 15.267  1.00 28.47 ? 151 ASP A OD1 1 
ATOM   1074 O OD2 . ASP A 1 139 ? -7.337  -14.316 15.531  1.00 26.38 ? 151 ASP A OD2 1 
ATOM   1075 N N   . ILE A 1 140 ? -7.044  -15.215 10.300  1.00 23.03 ? 152 ILE A N   1 
ATOM   1076 C CA  . ILE A 1 140 ? -7.567  -15.159 8.967   1.00 21.61 ? 152 ILE A CA  1 
ATOM   1077 C C   . ILE A 1 140 ? -7.129  -16.373 8.126   1.00 26.87 ? 152 ILE A C   1 
ATOM   1078 O O   . ILE A 1 140 ? -7.908  -16.939 7.309   1.00 27.06 ? 152 ILE A O   1 
ATOM   1079 C CB  . ILE A 1 140 ? -7.155  -13.838 8.253   1.00 19.64 ? 152 ILE A CB  1 
ATOM   1080 C CG1 . ILE A 1 140 ? -7.899  -12.651 8.963   1.00 21.22 ? 152 ILE A CG1 1 
ATOM   1081 C CG2 . ILE A 1 140 ? -7.518  -13.912 6.785   1.00 22.73 ? 152 ILE A CG2 1 
ATOM   1082 C CD1 . ILE A 1 140 ? -7.535  -11.282 8.529   1.00 22.10 ? 152 ILE A CD1 1 
ATOM   1083 N N   . SER A 1 141 ? -5.874  -16.752 8.297   1.00 23.76 ? 153 SER A N   1 
ATOM   1084 C CA  . SER A 1 141 ? -5.336  -17.906 7.546   1.00 28.75 ? 153 SER A CA  1 
ATOM   1085 C C   . SER A 1 141 ? -6.088  -19.226 7.967   1.00 28.70 ? 153 SER A C   1 
ATOM   1086 O O   . SER A 1 141 ? -6.348  -20.063 7.129   1.00 28.31 ? 153 SER A O   1 
ATOM   1087 C CB  . SER A 1 141 ? -3.779  -18.001 7.766   1.00 26.77 ? 153 SER A CB  1 
ATOM   1088 O OG  . SER A 1 141 ? -3.462  -18.530 9.050   1.00 31.31 ? 153 SER A OG  1 
ATOM   1089 N N   . ILE A 1 142 ? -6.423  -19.365 9.233   1.00 26.89 ? 154 ILE A N   1 
ATOM   1090 C CA  . ILE A 1 142 ? -7.175  -20.529 9.717   1.00 32.57 ? 154 ILE A CA  1 
ATOM   1091 C C   . ILE A 1 142 ? -8.601  -20.465 9.151   1.00 38.13 ? 154 ILE A C   1 
ATOM   1092 O O   . ILE A 1 142 ? -9.121  -21.469 8.719   1.00 34.00 ? 154 ILE A O   1 
ATOM   1093 C CB  . ILE A 1 142 ? -7.244  -20.609 11.242  1.00 37.39 ? 154 ILE A CB  1 
ATOM   1094 C CG1 . ILE A 1 142 ? -5.847  -20.742 11.890  1.00 40.92 ? 154 ILE A CG1 1 
ATOM   1095 C CG2 . ILE A 1 142 ? -8.176  -21.748 11.682  1.00 41.01 ? 154 ILE A CG2 1 
ATOM   1096 C CD1 . ILE A 1 142 ? -5.006  -21.929 11.401  1.00 44.76 ? 154 ILE A CD1 1 
ATOM   1097 N N   . ASP A 1 143 ? -9.212  -19.282 9.100   1.00 38.34 ? 155 ASP A N   1 
ATOM   1098 C CA  . ASP A 1 143 ? -10.587 -19.138 8.538   1.00 37.48 ? 155 ASP A CA  1 
ATOM   1099 C C   . ASP A 1 143 ? -10.675 -19.366 7.032   1.00 43.84 ? 155 ASP A C   1 
ATOM   1100 O O   . ASP A 1 143 ? -11.717 -19.809 6.526   1.00 41.29 ? 155 ASP A O   1 
ATOM   1101 C CB  . ASP A 1 143 ? -11.143 -17.747 8.826   1.00 39.97 ? 155 ASP A CB  1 
ATOM   1102 C CG  . ASP A 1 143 ? -11.341 -17.474 10.298  1.00 38.66 ? 155 ASP A CG  1 
ATOM   1103 O OD1 . ASP A 1 143 ? -11.298 -18.387 11.159  1.00 40.63 ? 155 ASP A OD1 1 
ATOM   1104 O OD2 . ASP A 1 143 ? -11.548 -16.296 10.610  1.00 44.08 ? 155 ASP A OD2 1 
ATOM   1105 N N   . ASN A 1 144 ? -9.613  -19.024 6.294   1.00 39.79 ? 156 ASN A N   1 
ATOM   1106 C CA  . ASN A 1 144 ? -9.546  -19.320 4.862   1.00 41.49 ? 156 ASN A CA  1 
ATOM   1107 C C   . ASN A 1 144 ? -9.051  -20.730 4.575   1.00 40.79 ? 156 ASN A C   1 
ATOM   1108 O O   . ASN A 1 144 ? -8.964  -21.090 3.396   1.00 47.62 ? 156 ASN A O   1 
ATOM   1109 C CB  . ASN A 1 144 ? -8.602  -18.354 4.107   1.00 47.09 ? 156 ASN A CB  1 
ATOM   1110 C CG  . ASN A 1 144 ? -9.093  -16.924 4.073   1.00 51.42 ? 156 ASN A CG  1 
ATOM   1111 O OD1 . ASN A 1 144 ? -8.318  -16.030 3.748   1.00 61.12 ? 156 ASN A OD1 1 
ATOM   1112 N ND2 . ASN A 1 144 ? -10.357 -16.690 4.405   1.00 50.21 ? 156 ASN A ND2 1 
ATOM   1113 N N   . GLY A 1 145 ? -8.673  -21.496 5.600   1.00 38.99 ? 157 GLY A N   1 
ATOM   1114 C CA  . GLY A 1 145 ? -7.968  -22.788 5.407   1.00 40.54 ? 157 GLY A CA  1 
ATOM   1115 C C   . GLY A 1 145 ? -6.761  -22.670 4.472   1.00 38.82 ? 157 GLY A C   1 
ATOM   1116 O O   . GLY A 1 145 ? -6.604  -23.458 3.539   1.00 35.87 ? 157 GLY A O   1 
ATOM   1117 N N   . ASN A 1 146 ? -5.964  -21.619 4.617   1.00 37.93 ? 158 ASN A N   1 
ATOM   1118 C CA  . ASN A 1 146 ? -4.754  -21.497 3.788   1.00 35.28 ? 158 ASN A CA  1 
ATOM   1119 C C   . ASN A 1 146 ? -3.594  -22.016 4.608   1.00 35.89 ? 158 ASN A C   1 
ATOM   1120 O O   . ASN A 1 146 ? -3.047  -21.319 5.463   1.00 31.56 ? 158 ASN A O   1 
ATOM   1121 C CB  . ASN A 1 146 ? -4.544  -20.053 3.314   1.00 35.32 ? 158 ASN A CB  1 
ATOM   1122 C CG  . ASN A 1 146 ? -3.357  -19.889 2.401   1.00 36.35 ? 158 ASN A CG  1 
ATOM   1123 O OD1 . ASN A 1 146 ? -2.321  -20.615 2.499   1.00 35.48 ? 158 ASN A OD1 1 
ATOM   1124 N ND2 . ASN A 1 146 ? -3.448  -18.871 1.543   1.00 32.17 ? 158 ASN A ND2 1 
ATOM   1125 N N   . GLU A 1 147 ? -3.251  -23.274 4.328   1.00 36.45 ? 159 GLU A N   1 
ATOM   1126 C CA  . GLU A 1 147 ? -2.275  -24.051 5.084   1.00 38.40 ? 159 GLU A CA  1 
ATOM   1127 C C   . GLU A 1 147 ? -0.881  -23.474 5.031   1.00 32.05 ? 159 GLU A C   1 
ATOM   1128 O O   . GLU A 1 147 ? -0.175  -23.431 6.043   1.00 31.09 ? 159 GLU A O   1 
ATOM   1129 C CB  . GLU A 1 147 ? -2.171  -25.455 4.460   1.00 50.38 ? 159 GLU A CB  1 
ATOM   1130 C CG  . GLU A 1 147 ? -3.123  -26.538 4.942   1.00 57.44 ? 159 GLU A CG  1 
ATOM   1131 C CD  . GLU A 1 147 ? -2.512  -27.911 4.656   1.00 58.89 ? 159 GLU A CD  1 
ATOM   1132 O OE1 . GLU A 1 147 ? -1.906  -28.474 5.600   1.00 65.40 ? 159 GLU A OE1 1 
ATOM   1133 O OE2 . GLU A 1 147 ? -2.549  -28.367 3.477   1.00 57.61 ? 159 GLU A OE2 1 
ATOM   1134 N N   . ASP A 1 148 ? -0.477  -23.098 3.815   1.00 33.31 ? 160 ASP A N   1 
ATOM   1135 C CA  . ASP A 1 148 ? 0.833   -22.517 3.584   1.00 41.35 ? 160 ASP A CA  1 
ATOM   1136 C C   . ASP A 1 148 ? 1.030   -21.268 4.434   1.00 35.78 ? 160 ASP A C   1 
ATOM   1137 O O   . ASP A 1 148 ? 2.078   -21.076 5.085   1.00 35.45 ? 160 ASP A O   1 
ATOM   1138 C CB  . ASP A 1 148 ? 1.009   -22.207 2.091   1.00 45.38 ? 160 ASP A CB  1 
ATOM   1139 C CG  . ASP A 1 148 ? 1.153   -23.485 1.249   1.00 55.46 ? 160 ASP A CG  1 
ATOM   1140 O OD1 . ASP A 1 148 ? 1.024   -23.411 0.002   1.00 60.98 ? 160 ASP A OD1 1 
ATOM   1141 O OD2 . ASP A 1 148 ? 1.378   -24.567 1.840   1.00 47.99 ? 160 ASP A OD2 1 
ATOM   1142 N N   . LEU A 1 149 ? -0.008  -20.422 4.474   1.00 32.96 ? 161 LEU A N   1 
ATOM   1143 C CA  . LEU A 1 149 ? 0.095   -19.154 5.197   1.00 30.66 ? 161 LEU A CA  1 
ATOM   1144 C C   . LEU A 1 149 ? 0.063   -19.444 6.676   1.00 27.97 ? 161 LEU A C   1 
ATOM   1145 O O   . LEU A 1 149 ? 0.863   -18.914 7.459   1.00 27.08 ? 161 LEU A O   1 
ATOM   1146 C CB  . LEU A 1 149 ? -1.080  -18.240 4.832   1.00 33.08 ? 161 LEU A CB  1 
ATOM   1147 C CG  . LEU A 1 149 ? -0.955  -16.709 4.822   1.00 38.13 ? 161 LEU A CG  1 
ATOM   1148 C CD1 . LEU A 1 149 ? -2.346  -16.077 5.014   1.00 39.44 ? 161 LEU A CD1 1 
ATOM   1149 C CD2 . LEU A 1 149 ? 0.066   -16.198 5.809   1.00 35.18 ? 161 LEU A CD2 1 
ATOM   1150 N N   . ALA A 1 150 ? -0.880  -20.312 7.083   1.00 30.10 ? 162 ALA A N   1 
ATOM   1151 C CA  . ALA A 1 150 ? -1.004  -20.654 8.503   1.00 32.01 ? 162 ALA A CA  1 
ATOM   1152 C C   . ALA A 1 150 ? 0.346   -21.209 9.024   1.00 38.00 ? 162 ALA A C   1 
ATOM   1153 O O   . ALA A 1 150 ? 0.860   -20.752 10.043  1.00 35.29 ? 162 ALA A O   1 
ATOM   1154 C CB  . ALA A 1 150 ? -2.158  -21.618 8.716   1.00 32.98 ? 162 ALA A CB  1 
ATOM   1155 N N   . GLU A 1 151 ? 0.951   -22.106 8.240   1.00 41.16 ? 163 GLU A N   1 
ATOM   1156 C CA  . GLU A 1 151 ? 2.303   -22.619 8.517   1.00 47.53 ? 163 GLU A CA  1 
ATOM   1157 C C   . GLU A 1 151 ? 3.326   -21.500 8.692   1.00 45.59 ? 163 GLU A C   1 
ATOM   1158 O O   . GLU A 1 151 ? 4.095   -21.501 9.650   1.00 43.81 ? 163 GLU A O   1 
ATOM   1159 C CB  . GLU A 1 151 ? 2.718   -23.574 7.383   1.00 58.58 ? 163 GLU A CB  1 
ATOM   1160 C CG  . GLU A 1 151 ? 4.065   -24.278 7.527   1.00 68.79 ? 163 GLU A CG  1 
ATOM   1161 C CD  . GLU A 1 151 ? 4.137   -25.150 8.758   1.00 77.31 ? 163 GLU A CD  1 
ATOM   1162 O OE1 . GLU A 1 151 ? 5.200   -25.164 9.421   1.00 90.92 ? 163 GLU A OE1 1 
ATOM   1163 O OE2 . GLU A 1 151 ? 3.124   -25.811 9.073   1.00 87.27 ? 163 GLU A OE2 1 
ATOM   1164 N N   . ILE A 1 152 ? 3.323   -20.516 7.797   1.00 38.88 ? 164 ILE A N   1 
ATOM   1165 C CA  . ILE A 1 152 ? 4.257   -19.405 7.928   1.00 41.15 ? 164 ILE A CA  1 
ATOM   1166 C C   . ILE A 1 152 ? 4.008   -18.689 9.247   1.00 47.16 ? 164 ILE A C   1 
ATOM   1167 O O   . ILE A 1 152 ? 4.947   -18.370 9.986   1.00 47.13 ? 164 ILE A O   1 
ATOM   1168 C CB  . ILE A 1 152 ? 4.135   -18.388 6.749   1.00 41.15 ? 164 ILE A CB  1 
ATOM   1169 C CG1 . ILE A 1 152 ? 4.672   -18.995 5.455   1.00 42.86 ? 164 ILE A CG1 1 
ATOM   1170 C CG2 . ILE A 1 152 ? 4.864   -17.074 7.043   1.00 41.42 ? 164 ILE A CG2 1 
ATOM   1171 C CD1 . ILE A 1 152 ? 4.105   -18.376 4.186   1.00 45.93 ? 164 ILE A CD1 1 
ATOM   1172 N N   . LEU A 1 153 ? 2.736   -18.409 9.541   1.00 44.00 ? 165 LEU A N   1 
ATOM   1173 C CA  . LEU A 1 153 ? 2.445   -17.517 10.667  1.00 39.24 ? 165 LEU A CA  1 
ATOM   1174 C C   . LEU A 1 153 ? 2.449   -18.265 12.001  1.00 41.58 ? 165 LEU A C   1 
ATOM   1175 O O   . LEU A 1 153 ? 2.725   -17.634 13.025  1.00 40.65 ? 165 LEU A O   1 
ATOM   1176 C CB  . LEU A 1 153 ? 1.078   -16.819 10.460  1.00 34.74 ? 165 LEU A CB  1 
ATOM   1177 C CG  . LEU A 1 153 ? 0.866   -15.938 9.207   1.00 30.87 ? 165 LEU A CG  1 
ATOM   1178 C CD1 . LEU A 1 153 ? -0.604  -15.762 9.022   1.00 30.70 ? 165 LEU A CD1 1 
ATOM   1179 C CD2 . LEU A 1 153 ? 1.545   -14.582 9.312   1.00 34.39 ? 165 LEU A CD2 1 
ATOM   1180 N N   . GLN A 1 154 ? 2.123   -19.572 12.021  1.00 44.24 ? 166 GLN A N   1 
ATOM   1181 C CA  . GLN A 1 154 ? 1.939   -20.279 13.330  1.00 46.52 ? 166 GLN A CA  1 
ATOM   1182 C C   . GLN A 1 154 ? 3.234   -20.627 14.038  1.00 48.14 ? 166 GLN A C   1 
ATOM   1183 O O   . GLN A 1 154 ? 3.184   -20.701 15.263  1.00 51.04 ? 166 GLN A O   1 
ATOM   1184 C CB  . GLN A 1 154 ? 1.009   -21.488 13.231  1.00 51.67 ? 166 GLN A CB  1 
ATOM   1185 C CG  . GLN A 1 154 ? 1.580   -22.851 12.922  1.00 58.20 ? 166 GLN A CG  1 
ATOM   1186 C CD  . GLN A 1 154 ? 0.459   -23.833 12.557  1.00 64.53 ? 166 GLN A CD  1 
ATOM   1187 O OE1 . GLN A 1 154 ? -0.498  -24.019 13.313  1.00 62.75 ? 166 GLN A OE1 1 
ATOM   1188 N NE2 . GLN A 1 154 ? 0.561   -24.436 11.373  1.00 67.60 ? 166 GLN A NE2 1 
ATOM   1189 O OXT . GLN A 1 154 ? 4.311   -20.787 13.464  1.00 42.38 ? 166 GLN A OXT 1 
HETATM 1190 C C1  . GOL B 2 .   ? 12.389  -0.942  -8.117  1.00 40.31 ? 201 GOL A C1  1 
HETATM 1191 O O1  . GOL B 2 .   ? 12.413  -1.689  -6.897  1.00 36.64 ? 201 GOL A O1  1 
HETATM 1192 C C2  . GOL B 2 .   ? 12.271  0.496   -7.863  1.00 39.69 ? 201 GOL A C2  1 
HETATM 1193 O O2  . GOL B 2 .   ? 12.198  1.237   -9.033  1.00 34.55 ? 201 GOL A O2  1 
HETATM 1194 C C3  . GOL B 2 .   ? 13.482  0.885   -7.041  1.00 39.85 ? 201 GOL A C3  1 
HETATM 1195 O O3  . GOL B 2 .   ? 13.536  2.238   -7.228  1.00 35.74 ? 201 GOL A O3  1 
HETATM 1196 O O   . HOH C 3 .   ? -0.933  -13.337 12.874  1.00 31.04 ? 301 HOH A O   1 
HETATM 1197 O O   . HOH C 3 .   ? 8.677   3.854   -18.440 1.00 23.85 ? 302 HOH A O   1 
HETATM 1198 O O   . HOH C 3 .   ? 10.778  -3.132  -5.552  1.00 15.53 ? 303 HOH A O   1 
HETATM 1199 O O   . HOH C 3 .   ? -7.679  5.739   -1.655  1.00 19.60 ? 304 HOH A O   1 
HETATM 1200 O O   . HOH C 3 .   ? -1.865  -18.399 -1.103  1.00 33.65 ? 305 HOH A O   1 
HETATM 1201 O O   . HOH C 3 .   ? 11.124  1.254   -11.376 1.00 18.48 ? 306 HOH A O   1 
HETATM 1202 O O   . HOH C 3 .   ? 9.727   8.433   3.101   1.00 30.28 ? 307 HOH A O   1 
HETATM 1203 O O   . HOH C 3 .   ? -7.228  -0.709  3.458   1.00 16.66 ? 308 HOH A O   1 
HETATM 1204 O O   . HOH C 3 .   ? -2.669  -1.909  -13.520 1.00 37.02 ? 309 HOH A O   1 
HETATM 1205 O O   . HOH C 3 .   ? -13.474 2.205   12.232  1.00 19.26 ? 310 HOH A O   1 
HETATM 1206 O O   . HOH C 3 .   ? -3.926  4.029   8.694   1.00 21.78 ? 311 HOH A O   1 
HETATM 1207 O O   . HOH C 3 .   ? -13.153 -12.578 16.669  1.00 32.28 ? 312 HOH A O   1 
HETATM 1208 O O   . HOH C 3 .   ? 6.352   18.664  -7.885  1.00 42.74 ? 313 HOH A O   1 
HETATM 1209 O O   . HOH C 3 .   ? -9.819  -4.251  2.001   1.00 41.93 ? 314 HOH A O   1 
HETATM 1210 O O   . HOH C 3 .   ? 9.074   10.563  -0.211  1.00 21.93 ? 315 HOH A O   1 
HETATM 1211 O O   . HOH C 3 .   ? -4.816  -4.164  13.859  1.00 26.00 ? 316 HOH A O   1 
HETATM 1212 O O   . HOH C 3 .   ? 5.871   10.606  5.332   1.00 28.31 ? 317 HOH A O   1 
HETATM 1213 O O   . HOH C 3 .   ? -3.966  -6.889  -8.506  1.00 33.59 ? 318 HOH A O   1 
HETATM 1214 O O   . HOH C 3 .   ? 3.848   2.276   -16.871 1.00 25.32 ? 319 HOH A O   1 
HETATM 1215 O O   . HOH C 3 .   ? 11.284  -15.455 -0.317  1.00 31.56 ? 320 HOH A O   1 
HETATM 1216 O O   . HOH C 3 .   ? 14.711  12.785  -3.637  1.00 36.44 ? 321 HOH A O   1 
HETATM 1217 O O   . HOH C 3 .   ? 2.080   3.254   3.080   1.00 11.85 ? 322 HOH A O   1 
HETATM 1218 O O   . HOH C 3 .   ? 5.250   2.779   -13.371 1.00 17.08 ? 323 HOH A O   1 
HETATM 1219 O O   . HOH C 3 .   ? -9.126  4.306   -10.982 1.00 58.62 ? 324 HOH A O   1 
HETATM 1220 O O   . HOH C 3 .   ? 1.574   10.923  -3.661  1.00 14.22 ? 325 HOH A O   1 
HETATM 1221 O O   . HOH C 3 .   ? -3.132  13.622  -16.572 1.00 27.67 ? 326 HOH A O   1 
HETATM 1222 O O   . HOH C 3 .   ? 12.248  6.533   -5.212  1.00 37.11 ? 327 HOH A O   1 
HETATM 1223 O O   . HOH C 3 .   ? 8.636   -9.458  -8.500  1.00 17.17 ? 328 HOH A O   1 
HETATM 1224 O O   . HOH C 3 .   ? 2.305   1.460   13.439  1.00 28.11 ? 329 HOH A O   1 
HETATM 1225 O O   . HOH C 3 .   ? -3.708  1.636   -14.705 1.00 37.97 ? 330 HOH A O   1 
HETATM 1226 O O   . HOH C 3 .   ? -11.604 -4.014  -0.326  1.00 52.23 ? 331 HOH A O   1 
HETATM 1227 O O   . HOH C 3 .   ? -11.636 13.948  -6.829  1.00 33.74 ? 332 HOH A O   1 
HETATM 1228 O O   . HOH C 3 .   ? -3.490  10.997  -17.677 1.00 34.52 ? 333 HOH A O   1 
HETATM 1229 O O   . HOH C 3 .   ? 1.217   -5.498  8.851   1.00 17.90 ? 334 HOH A O   1 
HETATM 1230 O O   . HOH C 3 .   ? 7.631   17.978  -4.702  1.00 34.87 ? 335 HOH A O   1 
HETATM 1231 O O   . HOH C 3 .   ? -10.066 3.164   0.865   1.00 42.85 ? 336 HOH A O   1 
HETATM 1232 O O   . HOH C 3 .   ? -2.909  -15.173 16.364  1.00 32.08 ? 337 HOH A O   1 
HETATM 1233 O O   . HOH C 3 .   ? 9.209   -12.231 0.075   1.00 23.77 ? 338 HOH A O   1 
HETATM 1234 O O   . HOH C 3 .   ? 9.233   0.794   6.600   1.00 21.64 ? 339 HOH A O   1 
HETATM 1235 O O   . HOH C 3 .   ? 6.998   -17.768 -4.328  1.00 38.29 ? 340 HOH A O   1 
HETATM 1236 O O   . HOH C 3 .   ? 12.601  13.754  -11.833 1.00 48.20 ? 341 HOH A O   1 
HETATM 1237 O O   . HOH C 3 .   ? 0.382   -6.677  11.354  1.00 17.86 ? 342 HOH A O   1 
HETATM 1238 O O   . HOH C 3 .   ? -8.678  1.370   12.867  1.00 36.76 ? 343 HOH A O   1 
HETATM 1239 O O   . HOH C 3 .   ? 4.404   -22.549 4.563   1.00 41.14 ? 344 HOH A O   1 
HETATM 1240 O O   . HOH C 3 .   ? 7.693   -9.266  12.219  1.00 25.44 ? 345 HOH A O   1 
HETATM 1241 O O   . HOH C 3 .   ? 8.879   -1.338  8.838   1.00 37.67 ? 346 HOH A O   1 
HETATM 1242 O O   . HOH C 3 .   ? 3.520   0.546   -14.720 1.00 22.61 ? 347 HOH A O   1 
HETATM 1243 O O   . HOH C 3 .   ? 1.495   2.170   5.700   1.00 13.80 ? 348 HOH A O   1 
HETATM 1244 O O   . HOH C 3 .   ? -6.349  8.479   -15.483 1.00 40.01 ? 349 HOH A O   1 
HETATM 1245 O O   . HOH C 3 .   ? 9.744   -13.618 6.618   1.00 36.30 ? 350 HOH A O   1 
HETATM 1246 O O   . HOH C 3 .   ? -0.477  21.042  -8.131  1.00 37.54 ? 351 HOH A O   1 
HETATM 1247 O O   . HOH C 3 .   ? -4.096  -5.524  18.363  1.00 37.36 ? 352 HOH A O   1 
HETATM 1248 O O   . HOH C 3 .   ? 14.132  3.178   -12.526 1.00 34.40 ? 353 HOH A O   1 
HETATM 1249 O O   . HOH C 3 .   ? -3.088  20.350  -4.373  1.00 37.65 ? 354 HOH A O   1 
HETATM 1250 O O   . HOH C 3 .   ? -5.089  18.319  -3.029  1.00 33.96 ? 355 HOH A O   1 
HETATM 1251 O O   . HOH C 3 .   ? 5.262   -10.113 14.822  1.00 30.19 ? 356 HOH A O   1 
HETATM 1252 O O   . HOH C 3 .   ? -7.274  12.041  3.472   1.00 17.80 ? 357 HOH A O   1 
HETATM 1253 O O   . HOH C 3 .   ? -1.964  16.127  0.953   1.00 25.74 ? 358 HOH A O   1 
HETATM 1254 O O   . HOH C 3 .   ? 13.544  -7.046  -0.063  1.00 25.30 ? 359 HOH A O   1 
HETATM 1255 O O   . HOH C 3 .   ? 3.571   -14.887 -3.205  1.00 23.08 ? 360 HOH A O   1 
HETATM 1256 O O   . HOH C 3 .   ? -10.649 -1.324  4.354   1.00 37.06 ? 361 HOH A O   1 
HETATM 1257 O O   . HOH C 3 .   ? 1.351   10.391  -0.883  1.00 14.68 ? 362 HOH A O   1 
HETATM 1258 O O   . HOH C 3 .   ? 2.346   18.503  -0.544  1.00 46.86 ? 363 HOH A O   1 
HETATM 1259 O O   . HOH C 3 .   ? -7.472  4.225   10.318  1.00 29.47 ? 364 HOH A O   1 
HETATM 1260 O O   . HOH C 3 .   ? -4.542  -3.468  -9.687  1.00 34.05 ? 365 HOH A O   1 
HETATM 1261 O O   . HOH C 3 .   ? -5.461  -16.934 2.871   1.00 45.10 ? 366 HOH A O   1 
HETATM 1262 O O   . HOH C 3 .   ? -0.322  -6.460  19.197  1.00 45.64 ? 367 HOH A O   1 
HETATM 1263 O O   . HOH C 3 .   ? 1.080   -3.077  16.205  1.00 32.38 ? 368 HOH A O   1 
HETATM 1264 O O   . HOH C 3 .   ? -2.132  -9.880  12.798  1.00 17.71 ? 369 HOH A O   1 
HETATM 1265 O O   . HOH C 3 .   ? 7.422   -3.093  13.947  1.00 55.42 ? 370 HOH A O   1 
HETATM 1266 O O   . HOH C 3 .   ? 13.953  5.012   -14.846 1.00 35.93 ? 371 HOH A O   1 
HETATM 1267 O O   . HOH C 3 .   ? -9.783  11.946  -11.795 1.00 91.44 ? 372 HOH A O   1 
HETATM 1268 O O   . HOH C 3 .   ? 5.961   9.053   7.617   1.00 31.91 ? 373 HOH A O   1 
HETATM 1269 O O   . HOH C 3 .   ? 5.224   14.388  2.092   1.00 42.60 ? 374 HOH A O   1 
HETATM 1270 O O   . HOH C 3 .   ? -7.208  -16.297 0.142   1.00 48.89 ? 375 HOH A O   1 
HETATM 1271 O O   . HOH C 3 .   ? -10.632 -11.880 19.653  1.00 38.67 ? 376 HOH A O   1 
HETATM 1272 O O   . HOH C 3 .   ? -0.060  14.224  3.992   1.00 27.30 ? 377 HOH A O   1 
HETATM 1273 O O   . HOH C 3 .   ? 4.948   -0.423  13.908  1.00 31.90 ? 378 HOH A O   1 
HETATM 1274 O O   . HOH C 3 .   ? -2.555  3.286   11.757  1.00 19.16 ? 379 HOH A O   1 
HETATM 1275 O O   . HOH C 3 .   ? 7.853   3.314   9.427   1.00 32.55 ? 380 HOH A O   1 
HETATM 1276 O O   . HOH C 3 .   ? 16.226  1.773   -8.391  1.00 55.06 ? 381 HOH A O   1 
HETATM 1277 O O   . HOH C 3 .   ? 3.856   -8.951  -7.537  1.00 27.26 ? 382 HOH A O   1 
HETATM 1278 O O   . HOH C 3 .   ? 7.459   9.994   2.964   1.00 22.51 ? 383 HOH A O   1 
HETATM 1279 O O   . HOH C 3 .   ? -7.886  13.875  -10.920 1.00 40.37 ? 384 HOH A O   1 
HETATM 1280 O O   . HOH C 3 .   ? 7.183   0.455   9.845   1.00 22.17 ? 385 HOH A O   1 
HETATM 1281 O O   . HOH C 3 .   ? -8.098  -2.858  15.530  1.00 35.83 ? 386 HOH A O   1 
HETATM 1282 O O   . HOH C 3 .   ? 2.841   -12.287 -2.655  1.00 21.32 ? 387 HOH A O   1 
HETATM 1283 O O   . HOH C 3 .   ? 2.422   -11.142 -4.917  1.00 30.34 ? 388 HOH A O   1 
HETATM 1284 O O   . HOH C 3 .   ? 5.014   18.775  -4.312  1.00 24.45 ? 389 HOH A O   1 
HETATM 1285 O O   . HOH C 3 .   ? -10.322 1.656   -8.101  1.00 46.03 ? 390 HOH A O   1 
HETATM 1286 O O   . HOH C 3 .   ? 1.303   -16.305 -3.095  1.00 28.29 ? 391 HOH A O   1 
HETATM 1287 O O   . HOH C 3 .   ? 7.678   12.768  2.285   1.00 37.81 ? 392 HOH A O   1 
HETATM 1288 O O   . HOH C 3 .   ? -10.566 2.786   13.774  1.00 47.50 ? 393 HOH A O   1 
HETATM 1289 O O   . HOH C 3 .   ? -0.940  -14.854 -4.370  1.00 43.94 ? 394 HOH A O   1 
HETATM 1290 O O   . HOH C 3 .   ? 3.659   8.950   -20.167 1.00 27.35 ? 395 HOH A O   1 
HETATM 1291 O O   . HOH C 3 .   ? 4.665   -4.695  -7.771  1.00 19.90 ? 396 HOH A O   1 
HETATM 1292 O O   . HOH C 3 .   ? 6.422   -5.055  15.790  1.00 51.49 ? 397 HOH A O   1 
HETATM 1293 O O   . HOH C 3 .   ? -8.358  18.298  -2.753  1.00 51.06 ? 398 HOH A O   1 
HETATM 1294 O O   . HOH C 3 .   ? 3.622   -12.117 22.039  1.00 54.01 ? 399 HOH A O   1 
HETATM 1295 O O   . HOH C 3 .   ? -12.714 -18.577 3.027   1.00 55.60 ? 400 HOH A O   1 
HETATM 1296 O O   . HOH C 3 .   ? -3.981  -11.578 19.376  1.00 47.81 ? 401 HOH A O   1 
HETATM 1297 O O   . HOH C 3 .   ? -11.342 -16.939 1.138   1.00 45.59 ? 402 HOH A O   1 
HETATM 1298 O O   . HOH C 3 .   ? 5.264   -3.557  -12.235 1.00 32.13 ? 403 HOH A O   1 
HETATM 1299 O O   . HOH C 3 .   ? 14.886  7.022   -16.146 1.00 52.37 ? 404 HOH A O   1 
HETATM 1300 O O   . HOH C 3 .   ? 14.123  8.190   -4.131  1.00 39.63 ? 405 HOH A O   1 
HETATM 1301 O O   . HOH C 3 .   ? -11.991 -2.770  2.173   1.00 48.75 ? 406 HOH A O   1 
HETATM 1302 O O   . HOH C 3 .   ? -0.919  -10.347 -8.036  1.00 54.91 ? 407 HOH A O   1 
HETATM 1303 O O   . HOH C 3 .   ? 3.271   14.556  6.134   1.00 53.22 ? 408 HOH A O   1 
HETATM 1304 O O   . HOH C 3 .   ? -11.385 6.729   -5.946  1.00 50.58 ? 409 HOH A O   1 
HETATM 1305 O O   . HOH C 3 .   ? 0.451   1.197   -18.370 1.00 57.22 ? 410 HOH A O   1 
HETATM 1306 O O   . HOH C 3 .   ? 11.122  -1.247  7.409   1.00 39.54 ? 411 HOH A O   1 
HETATM 1307 O O   . HOH C 3 .   ? 11.367  8.748   0.822   1.00 36.04 ? 412 HOH A O   1 
HETATM 1308 O O   . HOH C 3 .   ? -3.004  24.996  -10.937 1.00 49.61 ? 413 HOH A O   1 
HETATM 1309 O O   . HOH C 3 .   ? 2.678   -14.839 21.275  1.00 59.36 ? 414 HOH A O   1 
HETATM 1310 O O   . HOH C 3 .   ? -8.905  3.710   -5.988  1.00 37.52 ? 415 HOH A O   1 
HETATM 1311 O O   . HOH C 3 .   ? -9.191  11.006  -17.657 1.00 55.44 ? 416 HOH A O   1 
HETATM 1312 O O   . HOH C 3 .   ? -5.936  9.555   -17.991 1.00 55.85 ? 417 HOH A O   1 
HETATM 1313 O O   . HOH C 3 .   ? -4.621  -2.553  19.006  1.00 44.81 ? 418 HOH A O   1 
HETATM 1314 O O   . HOH C 3 .   ? 1.260   -24.701 17.087  1.00 62.79 ? 419 HOH A O   1 
HETATM 1315 O O   . HOH C 3 .   ? -4.424  3.888   13.627  1.00 47.45 ? 420 HOH A O   1 
HETATM 1316 O O   . HOH C 3 .   ? 6.590   4.077   11.253  1.00 51.46 ? 421 HOH A O   1 
HETATM 1317 O O   . HOH C 3 .   ? 10.267  9.851   5.436   1.00 55.23 ? 422 HOH A O   1 
HETATM 1318 O O   . HOH C 3 .   ? 8.969   -8.732  14.449  1.00 38.34 ? 423 HOH A O   1 
HETATM 1319 O O   . HOH C 3 .   ? 10.398  12.965  2.082   1.00 50.93 ? 424 HOH A O   1 
HETATM 1320 O O   . HOH C 3 .   ? -16.573 7.854   -0.666  1.00 55.37 ? 425 HOH A O   1 
HETATM 1321 O O   . HOH C 3 .   ? 6.484   -4.440  -10.418 1.00 36.72 ? 426 HOH A O   1 
HETATM 1322 O O   . HOH C 3 .   ? 7.024   -11.979 15.399  1.00 47.30 ? 427 HOH A O   1 
HETATM 1323 O O   . HOH C 3 .   ? -9.537  8.475   -19.698 1.00 57.41 ? 428 HOH A O   1 
# 
